data_5DIT
# 
_entry.id   5DIT 
# 
_audit_conform.dict_name       mmcif_pdbx.dic 
_audit_conform.dict_version    5.391 
_audit_conform.dict_location   http://mmcif.pdb.org/dictionaries/ascii/mmcif_pdbx.dic 
# 
loop_
_database_2.database_id 
_database_2.database_code 
_database_2.pdbx_database_accession 
_database_2.pdbx_DOI 
PDB   5DIT         pdb_00005dit 10.2210/pdb5dit/pdb 
WWPDB D_1000213271 ?            ?                   
# 
loop_
_pdbx_audit_revision_history.ordinal 
_pdbx_audit_revision_history.data_content_type 
_pdbx_audit_revision_history.major_revision 
_pdbx_audit_revision_history.minor_revision 
_pdbx_audit_revision_history.revision_date 
1 'Structure model' 1 0 2015-10-14 
2 'Structure model' 1 1 2015-10-21 
3 'Structure model' 1 2 2024-05-08 
# 
_pdbx_audit_revision_details.ordinal             1 
_pdbx_audit_revision_details.revision_ordinal    1 
_pdbx_audit_revision_details.data_content_type   'Structure model' 
_pdbx_audit_revision_details.provider            repository 
_pdbx_audit_revision_details.type                'Initial release' 
_pdbx_audit_revision_details.description         ? 
_pdbx_audit_revision_details.details             ? 
# 
loop_
_pdbx_audit_revision_group.ordinal 
_pdbx_audit_revision_group.revision_ordinal 
_pdbx_audit_revision_group.data_content_type 
_pdbx_audit_revision_group.group 
1 2 'Structure model' 'Database references' 
2 3 'Structure model' 'Data collection'     
3 3 'Structure model' 'Database references' 
# 
loop_
_pdbx_audit_revision_category.ordinal 
_pdbx_audit_revision_category.revision_ordinal 
_pdbx_audit_revision_category.data_content_type 
_pdbx_audit_revision_category.category 
1 3 'Structure model' chem_comp_atom              
2 3 'Structure model' chem_comp_bond              
3 3 'Structure model' database_2                  
4 3 'Structure model' diffrn_radiation_wavelength 
# 
loop_
_pdbx_audit_revision_item.ordinal 
_pdbx_audit_revision_item.revision_ordinal 
_pdbx_audit_revision_item.data_content_type 
_pdbx_audit_revision_item.item 
1 3 'Structure model' '_database_2.pdbx_DOI'                
2 3 'Structure model' '_database_2.pdbx_database_accession' 
# 
_pdbx_database_status.status_code                     REL 
_pdbx_database_status.status_code_sf                  REL 
_pdbx_database_status.status_code_mr                  ? 
_pdbx_database_status.entry_id                        5DIT 
_pdbx_database_status.recvd_initial_deposition_date   2015-09-01 
_pdbx_database_status.SG_entry                        N 
_pdbx_database_status.deposit_site                    RCSB 
_pdbx_database_status.process_site                    PDBE 
_pdbx_database_status.status_code_cs                  ? 
_pdbx_database_status.methods_development_category    ? 
_pdbx_database_status.pdb_format_compatible           Y 
_pdbx_database_status.status_code_nmr_data            ? 
# 
loop_
_audit_author.name 
_audit_author.pdbx_ordinal 
'Feng, X.'    1 
'Sippel, C.'  2 
'Bracher, A.' 3 
'Hausch, F.'  4 
# 
_citation.abstract                  ? 
_citation.abstract_id_CAS           ? 
_citation.book_id_ISBN              ? 
_citation.book_publisher            ? 
_citation.book_publisher_city       ? 
_citation.book_title                ? 
_citation.coordinate_linkage        ? 
_citation.country                   US 
_citation.database_id_Medline       ? 
_citation.details                   ? 
_citation.id                        primary 
_citation.journal_abbrev            J.Med.Chem. 
_citation.journal_id_ASTM           JMCMAR 
_citation.journal_id_CSD            0151 
_citation.journal_id_ISSN           0022-2623 
_citation.journal_full              ? 
_citation.journal_issue             ? 
_citation.journal_volume            58 
_citation.language                  ? 
_citation.page_first                7796 
_citation.page_last                 7806 
_citation.title                     'Structure-Affinity Relationship Analysis of Selective FKBP51 Ligands.' 
_citation.year                      2015 
_citation.database_id_CSD           ? 
_citation.pdbx_database_id_DOI      10.1021/acs.jmedchem.5b00785 
_citation.pdbx_database_id_PubMed   26419422 
_citation.unpublished_flag          ? 
# 
loop_
_citation_author.citation_id 
_citation_author.name 
_citation_author.ordinal 
_citation_author.identifier_ORCID 
primary 'Feng, X.'    1 ? 
primary 'Sippel, C.'  2 ? 
primary 'Bracher, A.' 3 ? 
primary 'Hausch, F.'  4 ? 
# 
loop_
_entity.id 
_entity.type 
_entity.src_method 
_entity.pdbx_description 
_entity.formula_weight 
_entity.pdbx_number_of_molecules 
_entity.pdbx_ec 
_entity.pdbx_mutation 
_entity.pdbx_fragment 
_entity.details 
1 polymer     man 'Peptidyl-prolyl cis-trans isomerase FKBP5' 14026.077 1  5.2.1.8 
'additional N-terminal sequence GAP, cloning artefact, mutation A19T' 'Fk1 domain, UNP residues 16-140' ? 
2 non-polymer syn 
;(1R)-3-(3,4-dimethoxyphenyl)-1-{3-[2-(morpholin-4-yl)ethoxy]phenyl}propyl (2S)-1-[(2S,3R)-2-cyclohexyl-3-hydroxybutanoyl]piperidine-2-carboxylate
;
680.871   1  ?       ?                                                                     ?                                 ? 
3 water       nat water 18.015    55 ?       ?                                                                     ? ? 
# 
_entity_name_com.entity_id   1 
_entity_name_com.name        
;PPIase FKBP5,51 kDa FK506-binding protein,FKBP-51,54 kDa progesterone receptor-associated immunophilin,Androgen-regulated protein 6,FF1 antigen,FK506-binding protein 5,FKBP-5,FKBP54,p54,HSP90-binding immunophilin,Rotamase
;
# 
_entity_poly.entity_id                      1 
_entity_poly.type                           'polypeptide(L)' 
_entity_poly.nstd_linkage                   no 
_entity_poly.nstd_monomer                   no 
_entity_poly.pdbx_seq_one_letter_code       
;GAPATVTEQGEDITSKKDRGVLKIVKRVGNGEETPMIGDKVYVHYKGKLSNGKKFDSSHDRNEPFVFSLGKGQVIKAWDI
GVATMKKGEICHLLCKPEYAYGSAGSLPKIPSNATLFFEIELLDFKGE
;
_entity_poly.pdbx_seq_one_letter_code_can   
;GAPATVTEQGEDITSKKDRGVLKIVKRVGNGEETPMIGDKVYVHYKGKLSNGKKFDSSHDRNEPFVFSLGKGQVIKAWDI
GVATMKKGEICHLLCKPEYAYGSAGSLPKIPSNATLFFEIELLDFKGE
;
_entity_poly.pdbx_strand_id                 A 
_entity_poly.pdbx_target_identifier         ? 
# 
loop_
_pdbx_entity_nonpoly.entity_id 
_pdbx_entity_nonpoly.name 
_pdbx_entity_nonpoly.comp_id 
2 
;(1R)-3-(3,4-dimethoxyphenyl)-1-{3-[2-(morpholin-4-yl)ethoxy]phenyl}propyl (2S)-1-[(2S,3R)-2-cyclohexyl-3-hydroxybutanoyl]piperidine-2-carboxylate
;
5B8 
3 water HOH 
# 
loop_
_entity_poly_seq.entity_id 
_entity_poly_seq.num 
_entity_poly_seq.mon_id 
_entity_poly_seq.hetero 
1 1   GLY n 
1 2   ALA n 
1 3   PRO n 
1 4   ALA n 
1 5   THR n 
1 6   VAL n 
1 7   THR n 
1 8   GLU n 
1 9   GLN n 
1 10  GLY n 
1 11  GLU n 
1 12  ASP n 
1 13  ILE n 
1 14  THR n 
1 15  SER n 
1 16  LYS n 
1 17  LYS n 
1 18  ASP n 
1 19  ARG n 
1 20  GLY n 
1 21  VAL n 
1 22  LEU n 
1 23  LYS n 
1 24  ILE n 
1 25  VAL n 
1 26  LYS n 
1 27  ARG n 
1 28  VAL n 
1 29  GLY n 
1 30  ASN n 
1 31  GLY n 
1 32  GLU n 
1 33  GLU n 
1 34  THR n 
1 35  PRO n 
1 36  MET n 
1 37  ILE n 
1 38  GLY n 
1 39  ASP n 
1 40  LYS n 
1 41  VAL n 
1 42  TYR n 
1 43  VAL n 
1 44  HIS n 
1 45  TYR n 
1 46  LYS n 
1 47  GLY n 
1 48  LYS n 
1 49  LEU n 
1 50  SER n 
1 51  ASN n 
1 52  GLY n 
1 53  LYS n 
1 54  LYS n 
1 55  PHE n 
1 56  ASP n 
1 57  SER n 
1 58  SER n 
1 59  HIS n 
1 60  ASP n 
1 61  ARG n 
1 62  ASN n 
1 63  GLU n 
1 64  PRO n 
1 65  PHE n 
1 66  VAL n 
1 67  PHE n 
1 68  SER n 
1 69  LEU n 
1 70  GLY n 
1 71  LYS n 
1 72  GLY n 
1 73  GLN n 
1 74  VAL n 
1 75  ILE n 
1 76  LYS n 
1 77  ALA n 
1 78  TRP n 
1 79  ASP n 
1 80  ILE n 
1 81  GLY n 
1 82  VAL n 
1 83  ALA n 
1 84  THR n 
1 85  MET n 
1 86  LYS n 
1 87  LYS n 
1 88  GLY n 
1 89  GLU n 
1 90  ILE n 
1 91  CYS n 
1 92  HIS n 
1 93  LEU n 
1 94  LEU n 
1 95  CYS n 
1 96  LYS n 
1 97  PRO n 
1 98  GLU n 
1 99  TYR n 
1 100 ALA n 
1 101 TYR n 
1 102 GLY n 
1 103 SER n 
1 104 ALA n 
1 105 GLY n 
1 106 SER n 
1 107 LEU n 
1 108 PRO n 
1 109 LYS n 
1 110 ILE n 
1 111 PRO n 
1 112 SER n 
1 113 ASN n 
1 114 ALA n 
1 115 THR n 
1 116 LEU n 
1 117 PHE n 
1 118 PHE n 
1 119 GLU n 
1 120 ILE n 
1 121 GLU n 
1 122 LEU n 
1 123 LEU n 
1 124 ASP n 
1 125 PHE n 
1 126 LYS n 
1 127 GLY n 
1 128 GLU n 
# 
_entity_src_gen.entity_id                          1 
_entity_src_gen.pdbx_src_id                        1 
_entity_src_gen.pdbx_alt_source_flag               sample 
_entity_src_gen.pdbx_seq_type                      'Biological sequence' 
_entity_src_gen.pdbx_beg_seq_num                   1 
_entity_src_gen.pdbx_end_seq_num                   128 
_entity_src_gen.gene_src_common_name               Human 
_entity_src_gen.gene_src_genus                     ? 
_entity_src_gen.pdbx_gene_src_gene                 'FKBP5, AIG6, FKBP51' 
_entity_src_gen.gene_src_species                   ? 
_entity_src_gen.gene_src_strain                    ? 
_entity_src_gen.gene_src_tissue                    ? 
_entity_src_gen.gene_src_tissue_fraction           ? 
_entity_src_gen.gene_src_details                   ? 
_entity_src_gen.pdbx_gene_src_fragment             ? 
_entity_src_gen.pdbx_gene_src_scientific_name      'Homo sapiens' 
_entity_src_gen.pdbx_gene_src_ncbi_taxonomy_id     9606 
_entity_src_gen.pdbx_gene_src_variant              ? 
_entity_src_gen.pdbx_gene_src_cell_line            ? 
_entity_src_gen.pdbx_gene_src_atcc                 ? 
_entity_src_gen.pdbx_gene_src_organ                ? 
_entity_src_gen.pdbx_gene_src_organelle            ? 
_entity_src_gen.pdbx_gene_src_cell                 ? 
_entity_src_gen.pdbx_gene_src_cellular_location    ? 
_entity_src_gen.host_org_common_name               ? 
_entity_src_gen.pdbx_host_org_scientific_name      'Escherichia coli BL21(DE3)' 
_entity_src_gen.pdbx_host_org_ncbi_taxonomy_id     469008 
_entity_src_gen.host_org_genus                     ? 
_entity_src_gen.pdbx_host_org_gene                 ? 
_entity_src_gen.pdbx_host_org_organ                ? 
_entity_src_gen.host_org_species                   ? 
_entity_src_gen.pdbx_host_org_tissue               ? 
_entity_src_gen.pdbx_host_org_tissue_fraction      ? 
_entity_src_gen.pdbx_host_org_strain               ? 
_entity_src_gen.pdbx_host_org_variant              'codon+ RIL' 
_entity_src_gen.pdbx_host_org_cell_line            ? 
_entity_src_gen.pdbx_host_org_atcc                 ? 
_entity_src_gen.pdbx_host_org_culture_collection   ? 
_entity_src_gen.pdbx_host_org_cell                 ? 
_entity_src_gen.pdbx_host_org_organelle            ? 
_entity_src_gen.pdbx_host_org_cellular_location    ? 
_entity_src_gen.pdbx_host_org_vector_type          plasmid 
_entity_src_gen.pdbx_host_org_vector               ? 
_entity_src_gen.host_org_details                   ? 
_entity_src_gen.expression_system_id               ? 
_entity_src_gen.plasmid_name                       pProEx-HtB 
_entity_src_gen.plasmid_details                    ? 
_entity_src_gen.pdbx_description                   ? 
# 
loop_
_chem_comp.id 
_chem_comp.type 
_chem_comp.mon_nstd_flag 
_chem_comp.name 
_chem_comp.pdbx_synonyms 
_chem_comp.formula 
_chem_comp.formula_weight 
5B8 non-polymer         . 
;(1R)-3-(3,4-dimethoxyphenyl)-1-{3-[2-(morpholin-4-yl)ethoxy]phenyl}propyl (2S)-1-[(2S,3R)-2-cyclohexyl-3-hydroxybutanoyl]piperidine-2-carboxylate
;
? 'C39 H56 N2 O8'  680.871 
ALA 'L-peptide linking' y ALANINE ? 'C3 H7 N O2'     89.093  
ARG 'L-peptide linking' y ARGININE ? 'C6 H15 N4 O2 1' 175.209 
ASN 'L-peptide linking' y ASPARAGINE ? 'C4 H8 N2 O3'    132.118 
ASP 'L-peptide linking' y 'ASPARTIC ACID' ? 'C4 H7 N O4'     133.103 
CYS 'L-peptide linking' y CYSTEINE ? 'C3 H7 N O2 S'   121.158 
GLN 'L-peptide linking' y GLUTAMINE ? 'C5 H10 N2 O3'   146.144 
GLU 'L-peptide linking' y 'GLUTAMIC ACID' ? 'C5 H9 N O4'     147.129 
GLY 'peptide linking'   y GLYCINE ? 'C2 H5 N O2'     75.067  
HIS 'L-peptide linking' y HISTIDINE ? 'C6 H10 N3 O2 1' 156.162 
HOH non-polymer         . WATER ? 'H2 O'           18.015  
ILE 'L-peptide linking' y ISOLEUCINE ? 'C6 H13 N O2'    131.173 
LEU 'L-peptide linking' y LEUCINE ? 'C6 H13 N O2'    131.173 
LYS 'L-peptide linking' y LYSINE ? 'C6 H15 N2 O2 1' 147.195 
MET 'L-peptide linking' y METHIONINE ? 'C5 H11 N O2 S'  149.211 
PHE 'L-peptide linking' y PHENYLALANINE ? 'C9 H11 N O2'    165.189 
PRO 'L-peptide linking' y PROLINE ? 'C5 H9 N O2'     115.130 
SER 'L-peptide linking' y SERINE ? 'C3 H7 N O3'     105.093 
THR 'L-peptide linking' y THREONINE ? 'C4 H9 N O3'     119.119 
TRP 'L-peptide linking' y TRYPTOPHAN ? 'C11 H12 N2 O2'  204.225 
TYR 'L-peptide linking' y TYROSINE ? 'C9 H11 N O3'    181.189 
VAL 'L-peptide linking' y VALINE ? 'C5 H11 N O2'    117.146 
# 
loop_
_pdbx_poly_seq_scheme.asym_id 
_pdbx_poly_seq_scheme.entity_id 
_pdbx_poly_seq_scheme.seq_id 
_pdbx_poly_seq_scheme.mon_id 
_pdbx_poly_seq_scheme.ndb_seq_num 
_pdbx_poly_seq_scheme.pdb_seq_num 
_pdbx_poly_seq_scheme.auth_seq_num 
_pdbx_poly_seq_scheme.pdb_mon_id 
_pdbx_poly_seq_scheme.auth_mon_id 
_pdbx_poly_seq_scheme.pdb_strand_id 
_pdbx_poly_seq_scheme.pdb_ins_code 
_pdbx_poly_seq_scheme.hetero 
A 1 1   GLY 1   13  13  GLY GLY A . n 
A 1 2   ALA 2   14  14  ALA ALA A . n 
A 1 3   PRO 3   15  15  PRO PRO A . n 
A 1 4   ALA 4   16  16  ALA ALA A . n 
A 1 5   THR 5   17  17  THR THR A . n 
A 1 6   VAL 6   18  18  VAL VAL A . n 
A 1 7   THR 7   19  19  THR THR A . n 
A 1 8   GLU 8   20  20  GLU GLU A . n 
A 1 9   GLN 9   21  21  GLN GLN A . n 
A 1 10  GLY 10  22  22  GLY GLY A . n 
A 1 11  GLU 11  23  23  GLU GLU A . n 
A 1 12  ASP 12  24  24  ASP ASP A . n 
A 1 13  ILE 13  25  25  ILE ILE A . n 
A 1 14  THR 14  26  26  THR THR A . n 
A 1 15  SER 15  27  27  SER SER A . n 
A 1 16  LYS 16  28  28  LYS LYS A . n 
A 1 17  LYS 17  29  29  LYS LYS A . n 
A 1 18  ASP 18  30  30  ASP ASP A . n 
A 1 19  ARG 19  31  31  ARG ARG A . n 
A 1 20  GLY 20  32  32  GLY GLY A . n 
A 1 21  VAL 21  33  33  VAL VAL A . n 
A 1 22  LEU 22  34  34  LEU LEU A . n 
A 1 23  LYS 23  35  35  LYS LYS A . n 
A 1 24  ILE 24  36  36  ILE ILE A . n 
A 1 25  VAL 25  37  37  VAL VAL A . n 
A 1 26  LYS 26  38  38  LYS LYS A . n 
A 1 27  ARG 27  39  39  ARG ARG A . n 
A 1 28  VAL 28  40  40  VAL VAL A . n 
A 1 29  GLY 29  41  41  GLY GLY A . n 
A 1 30  ASN 30  42  42  ASN ASN A . n 
A 1 31  GLY 31  43  43  GLY GLY A . n 
A 1 32  GLU 32  44  44  GLU GLU A . n 
A 1 33  GLU 33  45  45  GLU GLU A . n 
A 1 34  THR 34  46  46  THR THR A . n 
A 1 35  PRO 35  47  47  PRO PRO A . n 
A 1 36  MET 36  48  48  MET MET A . n 
A 1 37  ILE 37  49  49  ILE ILE A . n 
A 1 38  GLY 38  50  50  GLY GLY A . n 
A 1 39  ASP 39  51  51  ASP ASP A . n 
A 1 40  LYS 40  52  52  LYS LYS A . n 
A 1 41  VAL 41  53  53  VAL VAL A . n 
A 1 42  TYR 42  54  54  TYR TYR A . n 
A 1 43  VAL 43  55  55  VAL VAL A . n 
A 1 44  HIS 44  56  56  HIS HIS A . n 
A 1 45  TYR 45  57  57  TYR TYR A . n 
A 1 46  LYS 46  58  58  LYS LYS A . n 
A 1 47  GLY 47  59  59  GLY GLY A . n 
A 1 48  LYS 48  60  60  LYS LYS A . n 
A 1 49  LEU 49  61  61  LEU LEU A . n 
A 1 50  SER 50  62  62  SER SER A . n 
A 1 51  ASN 51  63  63  ASN ASN A . n 
A 1 52  GLY 52  64  64  GLY GLY A . n 
A 1 53  LYS 53  65  65  LYS LYS A . n 
A 1 54  LYS 54  66  66  LYS LYS A . n 
A 1 55  PHE 55  67  67  PHE PHE A . n 
A 1 56  ASP 56  68  68  ASP ASP A . n 
A 1 57  SER 57  69  69  SER SER A . n 
A 1 58  SER 58  70  70  SER SER A . n 
A 1 59  HIS 59  71  71  HIS HIS A . n 
A 1 60  ASP 60  72  72  ASP ASP A . n 
A 1 61  ARG 61  73  73  ARG ARG A . n 
A 1 62  ASN 62  74  74  ASN ASN A . n 
A 1 63  GLU 63  75  75  GLU GLU A . n 
A 1 64  PRO 64  76  76  PRO PRO A . n 
A 1 65  PHE 65  77  77  PHE PHE A . n 
A 1 66  VAL 66  78  78  VAL VAL A . n 
A 1 67  PHE 67  79  79  PHE PHE A . n 
A 1 68  SER 68  80  80  SER SER A . n 
A 1 69  LEU 69  81  81  LEU LEU A . n 
A 1 70  GLY 70  82  82  GLY GLY A . n 
A 1 71  LYS 71  83  83  LYS LYS A . n 
A 1 72  GLY 72  84  84  GLY GLY A . n 
A 1 73  GLN 73  85  85  GLN GLN A . n 
A 1 74  VAL 74  86  86  VAL VAL A . n 
A 1 75  ILE 75  87  87  ILE ILE A . n 
A 1 76  LYS 76  88  88  LYS LYS A . n 
A 1 77  ALA 77  89  89  ALA ALA A . n 
A 1 78  TRP 78  90  90  TRP TRP A . n 
A 1 79  ASP 79  91  91  ASP ASP A . n 
A 1 80  ILE 80  92  92  ILE ILE A . n 
A 1 81  GLY 81  93  93  GLY GLY A . n 
A 1 82  VAL 82  94  94  VAL VAL A . n 
A 1 83  ALA 83  95  95  ALA ALA A . n 
A 1 84  THR 84  96  96  THR THR A . n 
A 1 85  MET 85  97  97  MET MET A . n 
A 1 86  LYS 86  98  98  LYS LYS A . n 
A 1 87  LYS 87  99  99  LYS LYS A . n 
A 1 88  GLY 88  100 100 GLY GLY A . n 
A 1 89  GLU 89  101 101 GLU GLU A . n 
A 1 90  ILE 90  102 102 ILE ILE A . n 
A 1 91  CYS 91  103 103 CYS CYS A . n 
A 1 92  HIS 92  104 104 HIS HIS A . n 
A 1 93  LEU 93  105 105 LEU LEU A . n 
A 1 94  LEU 94  106 106 LEU LEU A . n 
A 1 95  CYS 95  107 107 CYS CYS A . n 
A 1 96  LYS 96  108 108 LYS LYS A . n 
A 1 97  PRO 97  109 109 PRO PRO A . n 
A 1 98  GLU 98  110 110 GLU GLU A . n 
A 1 99  TYR 99  111 111 TYR TYR A . n 
A 1 100 ALA 100 112 112 ALA ALA A . n 
A 1 101 TYR 101 113 113 TYR TYR A . n 
A 1 102 GLY 102 114 114 GLY GLY A . n 
A 1 103 SER 103 115 115 SER SER A . n 
A 1 104 ALA 104 116 116 ALA ALA A . n 
A 1 105 GLY 105 117 117 GLY GLY A . n 
A 1 106 SER 106 118 118 SER SER A . n 
A 1 107 LEU 107 119 119 LEU LEU A . n 
A 1 108 PRO 108 120 120 PRO PRO A . n 
A 1 109 LYS 109 121 121 LYS LYS A . n 
A 1 110 ILE 110 122 122 ILE ILE A . n 
A 1 111 PRO 111 123 123 PRO PRO A . n 
A 1 112 SER 112 124 124 SER SER A . n 
A 1 113 ASN 113 125 125 ASN ASN A . n 
A 1 114 ALA 114 126 126 ALA ALA A . n 
A 1 115 THR 115 127 127 THR THR A . n 
A 1 116 LEU 116 128 128 LEU LEU A . n 
A 1 117 PHE 117 129 129 PHE PHE A . n 
A 1 118 PHE 118 130 130 PHE PHE A . n 
A 1 119 GLU 119 131 131 GLU GLU A . n 
A 1 120 ILE 120 132 132 ILE ILE A . n 
A 1 121 GLU 121 133 133 GLU GLU A . n 
A 1 122 LEU 122 134 134 LEU LEU A . n 
A 1 123 LEU 123 135 135 LEU LEU A . n 
A 1 124 ASP 124 136 136 ASP ASP A . n 
A 1 125 PHE 125 137 137 PHE PHE A . n 
A 1 126 LYS 126 138 138 LYS LYS A . n 
A 1 127 GLY 127 139 139 GLY GLY A . n 
A 1 128 GLU 128 140 140 GLU GLU A . n 
# 
loop_
_pdbx_nonpoly_scheme.asym_id 
_pdbx_nonpoly_scheme.entity_id 
_pdbx_nonpoly_scheme.mon_id 
_pdbx_nonpoly_scheme.ndb_seq_num 
_pdbx_nonpoly_scheme.pdb_seq_num 
_pdbx_nonpoly_scheme.auth_seq_num 
_pdbx_nonpoly_scheme.pdb_mon_id 
_pdbx_nonpoly_scheme.auth_mon_id 
_pdbx_nonpoly_scheme.pdb_strand_id 
_pdbx_nonpoly_scheme.pdb_ins_code 
B 2 5B8 1  201 1  5B8 DRG A . 
C 3 HOH 1  301 14 HOH HOH A . 
C 3 HOH 2  302 9  HOH HOH A . 
C 3 HOH 3  303 1  HOH HOH A . 
C 3 HOH 4  304 29 HOH HOH A . 
C 3 HOH 5  305 20 HOH HOH A . 
C 3 HOH 6  306 33 HOH HOH A . 
C 3 HOH 7  307 5  HOH HOH A . 
C 3 HOH 8  308 23 HOH HOH A . 
C 3 HOH 9  309 35 HOH HOH A . 
C 3 HOH 10 310 52 HOH HOH A . 
C 3 HOH 11 311 7  HOH HOH A . 
C 3 HOH 12 312 17 HOH HOH A . 
C 3 HOH 13 313 4  HOH HOH A . 
C 3 HOH 14 314 2  HOH HOH A . 
C 3 HOH 15 315 55 HOH HOH A . 
C 3 HOH 16 316 39 HOH HOH A . 
C 3 HOH 17 317 37 HOH HOH A . 
C 3 HOH 18 318 15 HOH HOH A . 
C 3 HOH 19 319 21 HOH HOH A . 
C 3 HOH 20 320 11 HOH HOH A . 
C 3 HOH 21 321 24 HOH HOH A . 
C 3 HOH 22 322 50 HOH HOH A . 
C 3 HOH 23 323 6  HOH HOH A . 
C 3 HOH 24 324 31 HOH HOH A . 
C 3 HOH 25 325 44 HOH HOH A . 
C 3 HOH 26 326 54 HOH HOH A . 
C 3 HOH 27 327 25 HOH HOH A . 
C 3 HOH 28 328 16 HOH HOH A . 
C 3 HOH 29 329 19 HOH HOH A . 
C 3 HOH 30 330 46 HOH HOH A . 
C 3 HOH 31 331 13 HOH HOH A . 
C 3 HOH 32 332 30 HOH HOH A . 
C 3 HOH 33 333 48 HOH HOH A . 
C 3 HOH 34 334 38 HOH HOH A . 
C 3 HOH 35 335 49 HOH HOH A . 
C 3 HOH 36 336 28 HOH HOH A . 
C 3 HOH 37 337 3  HOH HOH A . 
C 3 HOH 38 338 27 HOH HOH A . 
C 3 HOH 39 339 36 HOH HOH A . 
C 3 HOH 40 340 18 HOH HOH A . 
C 3 HOH 41 341 8  HOH HOH A . 
C 3 HOH 42 342 45 HOH HOH A . 
C 3 HOH 43 343 40 HOH HOH A . 
C 3 HOH 44 344 34 HOH HOH A . 
C 3 HOH 45 345 42 HOH HOH A . 
C 3 HOH 46 346 51 HOH HOH A . 
C 3 HOH 47 347 47 HOH HOH A . 
C 3 HOH 48 348 26 HOH HOH A . 
C 3 HOH 49 349 32 HOH HOH A . 
C 3 HOH 50 350 41 HOH HOH A . 
C 3 HOH 51 351 53 HOH HOH A . 
C 3 HOH 52 352 22 HOH HOH A . 
C 3 HOH 53 353 10 HOH HOH A . 
C 3 HOH 54 354 12 HOH HOH A . 
C 3 HOH 55 355 43 HOH HOH A . 
# 
loop_
_software.citation_id 
_software.classification 
_software.compiler_name 
_software.compiler_version 
_software.contact_author 
_software.contact_author_email 
_software.date 
_software.description 
_software.dependencies 
_software.hardware 
_software.language 
_software.location 
_software.mods 
_software.name 
_software.os 
_software.os_version 
_software.type 
_software.version 
_software.pdbx_ordinal 
? 'data scaling'    ? ? ? ? ? ? ? ? ? ? ? Aimless     ? ? ? 0.1.27             1 
? phasing           ? ? ? ? ? ? ? ? ? ? ? MOLREP      ? ? ? .                  2 
? refinement        ? ? ? ? ? ? ? ? ? ? ? REFMAC      ? ? ? 5.7.0029           3 
? 'data extraction' ? ? ? ? ? ? ? ? ? ? ? PDB_EXTRACT ? ? ? 3.15               4 
? 'data reduction'  ? ? ? ? ? ? ? ? ? ? ? XDS         ? ? ? 'January 10, 2014' 5 
# 
_cell.angle_alpha                  90.000 
_cell.angle_alpha_esd              ? 
_cell.angle_beta                   90.000 
_cell.angle_beta_esd               ? 
_cell.angle_gamma                  90.000 
_cell.angle_gamma_esd              ? 
_cell.entry_id                     5DIT 
_cell.details                      ? 
_cell.formula_units_Z              ? 
_cell.length_a                     43.371 
_cell.length_a_esd                 ? 
_cell.length_b                     50.220 
_cell.length_b_esd                 ? 
_cell.length_c                     61.811 
_cell.length_c_esd                 ? 
_cell.volume                       ? 
_cell.volume_esd                   ? 
_cell.Z_PDB                        4 
_cell.reciprocal_angle_alpha       ? 
_cell.reciprocal_angle_beta        ? 
_cell.reciprocal_angle_gamma       ? 
_cell.reciprocal_angle_alpha_esd   ? 
_cell.reciprocal_angle_beta_esd    ? 
_cell.reciprocal_angle_gamma_esd   ? 
_cell.reciprocal_length_a          ? 
_cell.reciprocal_length_b          ? 
_cell.reciprocal_length_c          ? 
_cell.reciprocal_length_a_esd      ? 
_cell.reciprocal_length_b_esd      ? 
_cell.reciprocal_length_c_esd      ? 
_cell.pdbx_unique_axis             ? 
# 
_symmetry.entry_id                         5DIT 
_symmetry.cell_setting                     ? 
_symmetry.Int_Tables_number                19 
_symmetry.space_group_name_Hall            ? 
_symmetry.space_group_name_H-M             'P 21 21 21' 
_symmetry.pdbx_full_space_group_name_H-M   ? 
# 
_exptl.absorpt_coefficient_mu     ? 
_exptl.absorpt_correction_T_max   ? 
_exptl.absorpt_correction_T_min   ? 
_exptl.absorpt_correction_type    ? 
_exptl.absorpt_process_details    ? 
_exptl.entry_id                   5DIT 
_exptl.crystals_number            1 
_exptl.details                    ? 
_exptl.method                     'X-RAY DIFFRACTION' 
_exptl.method_details             ? 
# 
_exptl_crystal.colour                      ? 
_exptl_crystal.density_diffrn              ? 
_exptl_crystal.density_Matthews            2.40 
_exptl_crystal.density_method              ? 
_exptl_crystal.density_percent_sol         48.74 
_exptl_crystal.description                 ? 
_exptl_crystal.F_000                       ? 
_exptl_crystal.id                          1 
_exptl_crystal.preparation                 ? 
_exptl_crystal.size_max                    ? 
_exptl_crystal.size_mid                    ? 
_exptl_crystal.size_min                    ? 
_exptl_crystal.size_rad                    ? 
_exptl_crystal.colour_lustre               ? 
_exptl_crystal.colour_modifier             ? 
_exptl_crystal.colour_primary              ? 
_exptl_crystal.density_meas                ? 
_exptl_crystal.density_meas_esd            ? 
_exptl_crystal.density_meas_gt             ? 
_exptl_crystal.density_meas_lt             ? 
_exptl_crystal.density_meas_temp           ? 
_exptl_crystal.density_meas_temp_esd       ? 
_exptl_crystal.density_meas_temp_gt        ? 
_exptl_crystal.density_meas_temp_lt        ? 
_exptl_crystal.pdbx_crystal_image_url      ? 
_exptl_crystal.pdbx_crystal_image_format   ? 
_exptl_crystal.pdbx_mosaicity              ? 
_exptl_crystal.pdbx_mosaicity_esd          ? 
# 
_exptl_crystal_grow.apparatus       ? 
_exptl_crystal_grow.atmosphere      ? 
_exptl_crystal_grow.crystal_id      1 
_exptl_crystal_grow.details         ? 
_exptl_crystal_grow.method          'VAPOR DIFFUSION, HANGING DROP' 
_exptl_crystal_grow.method_ref      ? 
_exptl_crystal_grow.pH              7.5 
_exptl_crystal_grow.pressure        ? 
_exptl_crystal_grow.pressure_esd    ? 
_exptl_crystal_grow.seeding         ? 
_exptl_crystal_grow.seeding_ref     ? 
_exptl_crystal_grow.temp            293 
_exptl_crystal_grow.temp_details    ? 
_exptl_crystal_grow.temp_esd        ? 
_exptl_crystal_grow.time            ? 
_exptl_crystal_grow.pdbx_details    '22 % PEG-3350, 0.2 M NH4-acetate and 0.1 M HEPES-NaOH pH 7.5' 
_exptl_crystal_grow.pdbx_pH_range   ? 
# 
_diffrn.ambient_environment    ? 
_diffrn.ambient_temp           100 
_diffrn.ambient_temp_details   ? 
_diffrn.ambient_temp_esd       ? 
_diffrn.crystal_id             1 
_diffrn.crystal_support        ? 
_diffrn.crystal_treatment      ? 
_diffrn.details                ? 
_diffrn.id                     1 
_diffrn.ambient_pressure       ? 
_diffrn.ambient_pressure_esd   ? 
_diffrn.ambient_pressure_gt    ? 
_diffrn.ambient_pressure_lt    ? 
_diffrn.ambient_temp_gt        ? 
_diffrn.ambient_temp_lt        ? 
# 
_diffrn_detector.details                      ? 
_diffrn_detector.detector                     PIXEL 
_diffrn_detector.diffrn_id                    1 
_diffrn_detector.type                         'DECTRIS PILATUS 6M' 
_diffrn_detector.area_resol_mean              ? 
_diffrn_detector.dtime                        ? 
_diffrn_detector.pdbx_frames_total            ? 
_diffrn_detector.pdbx_collection_time_total   ? 
_diffrn_detector.pdbx_collection_date         2014-07-14 
# 
_diffrn_radiation.collimation                      ? 
_diffrn_radiation.diffrn_id                        1 
_diffrn_radiation.filter_edge                      ? 
_diffrn_radiation.inhomogeneity                    ? 
_diffrn_radiation.monochromator                    ? 
_diffrn_radiation.polarisn_norm                    ? 
_diffrn_radiation.polarisn_ratio                   ? 
_diffrn_radiation.probe                            ? 
_diffrn_radiation.type                             ? 
_diffrn_radiation.xray_symbol                      ? 
_diffrn_radiation.wavelength_id                    1 
_diffrn_radiation.pdbx_monochromatic_or_laue_m_l   M 
_diffrn_radiation.pdbx_wavelength_list             ? 
_diffrn_radiation.pdbx_wavelength                  ? 
_diffrn_radiation.pdbx_diffrn_protocol             'SINGLE WAVELENGTH' 
_diffrn_radiation.pdbx_analyzer                    ? 
_diffrn_radiation.pdbx_scattering_type             x-ray 
# 
_diffrn_radiation_wavelength.id           1 
_diffrn_radiation_wavelength.wavelength   0.97895 
_diffrn_radiation_wavelength.wt           1.0 
# 
_diffrn_source.current                     ? 
_diffrn_source.details                     ? 
_diffrn_source.diffrn_id                   1 
_diffrn_source.power                       ? 
_diffrn_source.size                        ? 
_diffrn_source.source                      SYNCHROTRON 
_diffrn_source.target                      ? 
_diffrn_source.type                        'ESRF BEAMLINE ID29' 
_diffrn_source.voltage                     ? 
_diffrn_source.take-off_angle              ? 
_diffrn_source.pdbx_wavelength_list        0.97895 
_diffrn_source.pdbx_wavelength             ? 
_diffrn_source.pdbx_synchrotron_beamline   ID29 
_diffrn_source.pdbx_synchrotron_site       ESRF 
# 
_reflns.B_iso_Wilson_estimate            ? 
_reflns.entry_id                         5DIT 
_reflns.data_reduction_details           ? 
_reflns.data_reduction_method            ? 
_reflns.d_resolution_high                2.250 
_reflns.d_resolution_low                 43.370 
_reflns.details                          ? 
_reflns.limit_h_max                      ? 
_reflns.limit_h_min                      ? 
_reflns.limit_k_max                      ? 
_reflns.limit_k_min                      ? 
_reflns.limit_l_max                      ? 
_reflns.limit_l_min                      ? 
_reflns.number_all                       ? 
_reflns.number_obs                       6805 
_reflns.observed_criterion               ? 
_reflns.observed_criterion_F_max         ? 
_reflns.observed_criterion_F_min         ? 
_reflns.observed_criterion_I_max         ? 
_reflns.observed_criterion_I_min         ? 
_reflns.observed_criterion_sigma_F       ? 
_reflns.observed_criterion_sigma_I       ? 
_reflns.percent_possible_obs             99.400 
_reflns.R_free_details                   ? 
_reflns.Rmerge_F_all                     ? 
_reflns.Rmerge_F_obs                     ? 
_reflns.Friedel_coverage                 ? 
_reflns.number_gt                        ? 
_reflns.threshold_expression             ? 
_reflns.pdbx_redundancy                  5.200 
_reflns.pdbx_Rmerge_I_obs                0.101 
_reflns.pdbx_Rmerge_I_all                ? 
_reflns.pdbx_Rsym_value                  ? 
_reflns.pdbx_netI_over_av_sigmaI         ? 
_reflns.pdbx_netI_over_sigmaI            10.400 
_reflns.pdbx_res_netI_over_av_sigmaI_2   ? 
_reflns.pdbx_res_netI_over_sigmaI_2      ? 
_reflns.pdbx_chi_squared                 ? 
_reflns.pdbx_scaling_rejects             ? 
_reflns.pdbx_d_res_high_opt              ? 
_reflns.pdbx_d_res_low_opt               ? 
_reflns.pdbx_d_res_opt_method            ? 
_reflns.phase_calculation_details        ? 
_reflns.pdbx_Rrim_I_all                  ? 
_reflns.pdbx_Rpim_I_all                  0.048 
_reflns.pdbx_d_opt                       ? 
_reflns.pdbx_number_measured_all         35482 
_reflns.pdbx_diffrn_id                   1 
_reflns.pdbx_ordinal                     1 
_reflns.pdbx_CC_half                     0.997 
_reflns.pdbx_R_split                     ? 
# 
loop_
_reflns_shell.d_res_high 
_reflns_shell.d_res_low 
_reflns_shell.meanI_over_sigI_all 
_reflns_shell.meanI_over_sigI_obs 
_reflns_shell.number_measured_all 
_reflns_shell.number_measured_obs 
_reflns_shell.number_possible 
_reflns_shell.number_unique_all 
_reflns_shell.number_unique_obs 
_reflns_shell.percent_possible_all 
_reflns_shell.percent_possible_obs 
_reflns_shell.Rmerge_F_all 
_reflns_shell.Rmerge_F_obs 
_reflns_shell.Rmerge_I_all 
_reflns_shell.Rmerge_I_obs 
_reflns_shell.meanI_over_sigI_gt 
_reflns_shell.meanI_over_uI_all 
_reflns_shell.meanI_over_uI_gt 
_reflns_shell.number_measured_gt 
_reflns_shell.number_unique_gt 
_reflns_shell.percent_possible_gt 
_reflns_shell.Rmerge_F_gt 
_reflns_shell.Rmerge_I_gt 
_reflns_shell.pdbx_redundancy 
_reflns_shell.pdbx_Rsym_value 
_reflns_shell.pdbx_chi_squared 
_reflns_shell.pdbx_netI_over_sigmaI_all 
_reflns_shell.pdbx_netI_over_sigmaI_obs 
_reflns_shell.pdbx_Rrim_I_all 
_reflns_shell.pdbx_Rpim_I_all 
_reflns_shell.pdbx_rejects 
_reflns_shell.pdbx_ordinal 
_reflns_shell.pdbx_diffrn_id 
_reflns_shell.pdbx_CC_half 
_reflns_shell.pdbx_R_split 
2.250 2.320  ? 2.400  3134 ? ? 596 ? 95.900 ? ? ? ? 0.677 ? ? ? ? ? ? ? ? 5.300 ? ? ? ? ? 0.323 0 1 1 0.811 ? 
8.990 43.370 ? 23.400 540  ? ? 133 ? 98.400 ? ? ? ? 0.063 ? ? ? ? ? ? ? ? 4.100 ? ? ? ? ? 0.033 0 2 1 0.995 ? 
# 
_refine.aniso_B[1][1]                            3.5100 
_refine.aniso_B[1][2]                            -0.0000 
_refine.aniso_B[1][3]                            -0.0000 
_refine.aniso_B[2][2]                            -2.3300 
_refine.aniso_B[2][3]                            -0.0000 
_refine.aniso_B[3][3]                            -1.1800 
_refine.B_iso_max                                81.210 
_refine.B_iso_mean                               39.5840 
_refine.B_iso_min                                21.750 
_refine.correlation_coeff_Fo_to_Fc               0.9480 
_refine.correlation_coeff_Fo_to_Fc_free          0.9110 
_refine.details                                  
'HYDROGENS HAVE BEEN ADDED IN THE RIDING POSITIONS U VALUES      : REFINED INDIVIDUALLY' 
_refine.diff_density_max                         ? 
_refine.diff_density_max_esd                     ? 
_refine.diff_density_min                         ? 
_refine.diff_density_min_esd                     ? 
_refine.diff_density_rms                         ? 
_refine.diff_density_rms_esd                     ? 
_refine.entry_id                                 5DIT 
_refine.pdbx_refine_id                           'X-RAY DIFFRACTION' 
_refine.ls_abs_structure_details                 ? 
_refine.ls_abs_structure_Flack                   ? 
_refine.ls_abs_structure_Flack_esd               ? 
_refine.ls_abs_structure_Rogers                  ? 
_refine.ls_abs_structure_Rogers_esd              ? 
_refine.ls_d_res_high                            2.2500 
_refine.ls_d_res_low                             30.0000 
_refine.ls_extinction_coef                       ? 
_refine.ls_extinction_coef_esd                   ? 
_refine.ls_extinction_expression                 ? 
_refine.ls_extinction_method                     ? 
_refine.ls_goodness_of_fit_all                   ? 
_refine.ls_goodness_of_fit_all_esd               ? 
_refine.ls_goodness_of_fit_obs                   ? 
_refine.ls_goodness_of_fit_obs_esd               ? 
_refine.ls_hydrogen_treatment                    ? 
_refine.ls_matrix_type                           ? 
_refine.ls_number_constraints                    ? 
_refine.ls_number_parameters                     ? 
_refine.ls_number_reflns_all                     ? 
_refine.ls_number_reflns_obs                     6454 
_refine.ls_number_reflns_R_free                  319 
_refine.ls_number_reflns_R_work                  ? 
_refine.ls_number_restraints                     ? 
_refine.ls_percent_reflns_obs                    99.4700 
_refine.ls_percent_reflns_R_free                 4.7000 
_refine.ls_R_factor_all                          ? 
_refine.ls_R_factor_obs                          0.2142 
_refine.ls_R_factor_R_free                       0.2841 
_refine.ls_R_factor_R_free_error                 ? 
_refine.ls_R_factor_R_free_error_details         ? 
_refine.ls_R_factor_R_work                       0.2111 
_refine.ls_R_Fsqd_factor_obs                     ? 
_refine.ls_R_I_factor_obs                        ? 
_refine.ls_redundancy_reflns_all                 ? 
_refine.ls_redundancy_reflns_obs                 ? 
_refine.ls_restrained_S_all                      ? 
_refine.ls_restrained_S_obs                      ? 
_refine.ls_shift_over_esd_max                    ? 
_refine.ls_shift_over_esd_mean                   ? 
_refine.ls_structure_factor_coef                 ? 
_refine.ls_weighting_details                     ? 
_refine.ls_weighting_scheme                      ? 
_refine.ls_wR_factor_all                         ? 
_refine.ls_wR_factor_obs                         ? 
_refine.ls_wR_factor_R_free                      0.2870 
_refine.ls_wR_factor_R_work                      0.2028 
_refine.occupancy_max                            ? 
_refine.occupancy_min                            ? 
_refine.solvent_model_details                    MASK 
_refine.solvent_model_param_bsol                 ? 
_refine.solvent_model_param_ksol                 ? 
_refine.ls_R_factor_gt                           ? 
_refine.ls_goodness_of_fit_gt                    ? 
_refine.ls_goodness_of_fit_ref                   ? 
_refine.ls_shift_over_su_max                     ? 
_refine.ls_shift_over_su_max_lt                  ? 
_refine.ls_shift_over_su_mean                    ? 
_refine.ls_shift_over_su_mean_lt                 ? 
_refine.pdbx_ls_sigma_I                          ? 
_refine.pdbx_ls_sigma_F                          0.000 
_refine.pdbx_ls_sigma_Fsqd                       ? 
_refine.pdbx_data_cutoff_high_absF               ? 
_refine.pdbx_data_cutoff_high_rms_absF           ? 
_refine.pdbx_data_cutoff_low_absF                ? 
_refine.pdbx_isotropic_thermal_model             ? 
_refine.pdbx_ls_cross_valid_method               THROUGHOUT 
_refine.pdbx_method_to_determine_struct          'MOLECULAR REPLACEMENT' 
_refine.pdbx_starting_model                      ? 
_refine.pdbx_stereochemistry_target_values       'MAXIMUM LIKELIHOOD' 
_refine.pdbx_R_Free_selection_details            RANDOM 
_refine.pdbx_stereochem_target_val_spec_case     ? 
_refine.pdbx_overall_ESU_R                       0.3490 
_refine.pdbx_overall_ESU_R_Free                  0.2670 
_refine.pdbx_solvent_vdw_probe_radii             1.2000 
_refine.pdbx_solvent_ion_probe_radii             0.8000 
_refine.pdbx_solvent_shrinkage_radii             0.8000 
_refine.pdbx_real_space_R                        ? 
_refine.pdbx_density_correlation                 ? 
_refine.pdbx_pd_number_of_powder_patterns        ? 
_refine.pdbx_pd_number_of_points                 ? 
_refine.pdbx_pd_meas_number_of_points            ? 
_refine.pdbx_pd_proc_ls_prof_R_factor            ? 
_refine.pdbx_pd_proc_ls_prof_wR_factor           ? 
_refine.pdbx_pd_Marquardt_correlation_coeff      ? 
_refine.pdbx_pd_Fsqrd_R_factor                   ? 
_refine.pdbx_pd_ls_matrix_band_width             ? 
_refine.pdbx_overall_phase_error                 ? 
_refine.pdbx_overall_SU_R_free_Cruickshank_DPI   ? 
_refine.pdbx_overall_SU_R_free_Blow_DPI          ? 
_refine.pdbx_overall_SU_R_Blow_DPI               ? 
_refine.pdbx_TLS_residual_ADP_flag               ? 
_refine.pdbx_diffrn_id                           1 
_refine.overall_SU_B                             8.8450 
_refine.overall_SU_ML                            0.2080 
_refine.overall_SU_R_Cruickshank_DPI             0.3487 
_refine.overall_SU_R_free                        0.2673 
_refine.overall_FOM_free_R_set                   ? 
_refine.overall_FOM_work_R_set                   0.7795 
_refine.pdbx_average_fsc_overall                 ? 
_refine.pdbx_average_fsc_work                    ? 
_refine.pdbx_average_fsc_free                    ? 
# 
_refine_hist.cycle_id                         final 
_refine_hist.pdbx_refine_id                   'X-RAY DIFFRACTION' 
_refine_hist.d_res_high                       2.2500 
_refine_hist.d_res_low                        30.0000 
_refine_hist.pdbx_number_atoms_ligand         49 
_refine_hist.number_atoms_solvent             55 
_refine_hist.number_atoms_total               1090 
_refine_hist.pdbx_number_residues_total       128 
_refine_hist.pdbx_B_iso_mean_ligand           42.14 
_refine_hist.pdbx_B_iso_mean_solvent          41.11 
_refine_hist.pdbx_number_atoms_protein        986 
_refine_hist.pdbx_number_atoms_nucleic_acid   0 
# 
loop_
_refine_ls_restr.pdbx_refine_id 
_refine_ls_restr.criterion 
_refine_ls_restr.dev_ideal 
_refine_ls_restr.dev_ideal_target 
_refine_ls_restr.number 
_refine_ls_restr.rejects 
_refine_ls_restr.type 
_refine_ls_restr.weight 
_refine_ls_restr.pdbx_restraint_function 
'X-RAY DIFFRACTION' ? 0.007  0.020  1059 ? r_bond_refined_d       ? ? 
'X-RAY DIFFRACTION' ? 0.006  0.020  1037 ? r_bond_other_d         ? ? 
'X-RAY DIFFRACTION' ? 1.437  2.026  1422 ? r_angle_refined_deg    ? ? 
'X-RAY DIFFRACTION' ? 1.052  3.022  2416 ? r_angle_other_deg      ? ? 
'X-RAY DIFFRACTION' ? 6.547  5.000  127  ? r_dihedral_angle_1_deg ? ? 
'X-RAY DIFFRACTION' ? 30.357 25.000 40   ? r_dihedral_angle_2_deg ? ? 
'X-RAY DIFFRACTION' ? 11.955 15.000 187  ? r_dihedral_angle_3_deg ? ? 
'X-RAY DIFFRACTION' ? 12.488 15.000 3    ? r_dihedral_angle_4_deg ? ? 
'X-RAY DIFFRACTION' ? 0.077  0.200  150  ? r_chiral_restr         ? ? 
'X-RAY DIFFRACTION' ? 0.004  0.021  1147 ? r_gen_planes_refined   ? ? 
'X-RAY DIFFRACTION' ? 0.001  0.020  216  ? r_gen_planes_other     ? ? 
# 
_refine_ls_shell.pdbx_refine_id                   'X-RAY DIFFRACTION' 
_refine_ls_shell.d_res_high                       2.2490 
_refine_ls_shell.d_res_low                        2.3070 
_refine_ls_shell.number_reflns_all                483 
_refine_ls_shell.number_reflns_obs                ? 
_refine_ls_shell.number_reflns_R_free             31 
_refine_ls_shell.number_reflns_R_work             452 
_refine_ls_shell.percent_reflns_obs               96.6000 
_refine_ls_shell.percent_reflns_R_free            ? 
_refine_ls_shell.R_factor_all                     ? 
_refine_ls_shell.R_factor_obs                     ? 
_refine_ls_shell.R_factor_R_free                  0.3290 
_refine_ls_shell.R_factor_R_free_error            ? 
_refine_ls_shell.R_factor_R_work                  0.3130 
_refine_ls_shell.redundancy_reflns_all            ? 
_refine_ls_shell.redundancy_reflns_obs            ? 
_refine_ls_shell.wR_factor_all                    ? 
_refine_ls_shell.wR_factor_obs                    ? 
_refine_ls_shell.wR_factor_R_free                 ? 
_refine_ls_shell.wR_factor_R_work                 ? 
_refine_ls_shell.pdbx_total_number_of_bins_used   20 
_refine_ls_shell.pdbx_phase_error                 ? 
_refine_ls_shell.pdbx_fsc_work                    ? 
_refine_ls_shell.pdbx_fsc_free                    ? 
# 
_struct.entry_id                     5DIT 
_struct.title                        
;The Fk1 domain of FKBP51 in complex with the new synthetic ligand (1R)-3-(3,4-dimethoxyphenyl)-1-f3-[2-(morpholin-4-yl)ethoxy]phenylgpropyl(2S)-1-[(2S,3R)-2-cyclohexyl-3-hydroxybutanoyl]piperidine-2-carboxylate
;
_struct.pdbx_model_details           ? 
_struct.pdbx_formula_weight          ? 
_struct.pdbx_formula_weight_method   ? 
_struct.pdbx_model_type_details      ? 
_struct.pdbx_CASP_flag               ? 
# 
_struct_keywords.entry_id        5DIT 
_struct_keywords.text            
'Fk-506 binding domain, Hsp90 cochaperone, immunophiline, peptidyl-prolyl isomerase, ligand selectivity, isomerase' 
_struct_keywords.pdbx_keywords   ISOMERASE 
# 
loop_
_struct_asym.id 
_struct_asym.pdbx_blank_PDB_chainid_flag 
_struct_asym.pdbx_modified 
_struct_asym.entity_id 
_struct_asym.details 
A N N 1 ? 
B N N 2 ? 
C N N 3 ? 
# 
_struct_ref.id                         1 
_struct_ref.db_name                    UNP 
_struct_ref.db_code                    FKBP5_HUMAN 
_struct_ref.pdbx_db_accession          Q13451 
_struct_ref.pdbx_db_isoform            ? 
_struct_ref.entity_id                  1 
_struct_ref.pdbx_seq_one_letter_code   
;ATVAEQGEDITSKKDRGVLKIVKRVGNGEETPMIGDKVYVHYKGKLSNGKKFDSSHDRNEPFVFSLGKGQVIKAWDIGVA
TMKKGEICHLLCKPEYAYGSAGSLPKIPSNATLFFEIELLDFKGE
;
_struct_ref.pdbx_align_begin           16 
# 
_struct_ref_seq.align_id                      1 
_struct_ref_seq.ref_id                        1 
_struct_ref_seq.pdbx_PDB_id_code              5DIT 
_struct_ref_seq.pdbx_strand_id                A 
_struct_ref_seq.seq_align_beg                 4 
_struct_ref_seq.pdbx_seq_align_beg_ins_code   ? 
_struct_ref_seq.seq_align_end                 128 
_struct_ref_seq.pdbx_seq_align_end_ins_code   ? 
_struct_ref_seq.pdbx_db_accession             Q13451 
_struct_ref_seq.db_align_beg                  16 
_struct_ref_seq.pdbx_db_align_beg_ins_code    ? 
_struct_ref_seq.db_align_end                  140 
_struct_ref_seq.pdbx_db_align_end_ins_code    ? 
_struct_ref_seq.pdbx_auth_seq_align_beg       16 
_struct_ref_seq.pdbx_auth_seq_align_end       140 
# 
loop_
_struct_ref_seq_dif.align_id 
_struct_ref_seq_dif.pdbx_pdb_id_code 
_struct_ref_seq_dif.mon_id 
_struct_ref_seq_dif.pdbx_pdb_strand_id 
_struct_ref_seq_dif.seq_num 
_struct_ref_seq_dif.pdbx_pdb_ins_code 
_struct_ref_seq_dif.pdbx_seq_db_name 
_struct_ref_seq_dif.pdbx_seq_db_accession_code 
_struct_ref_seq_dif.db_mon_id 
_struct_ref_seq_dif.pdbx_seq_db_seq_num 
_struct_ref_seq_dif.details 
_struct_ref_seq_dif.pdbx_auth_seq_num 
_struct_ref_seq_dif.pdbx_ordinal 
1 5DIT GLY A 1 ? UNP Q13451 ?   ?  'expression tag'      13 1 
1 5DIT ALA A 2 ? UNP Q13451 ?   ?  'expression tag'      14 2 
1 5DIT PRO A 3 ? UNP Q13451 ?   ?  'expression tag'      15 3 
1 5DIT THR A 7 ? UNP Q13451 ALA 19 'engineered mutation' 19 4 
# 
_pdbx_struct_assembly.id                   1 
_pdbx_struct_assembly.details              author_and_software_defined_assembly 
_pdbx_struct_assembly.method_details       PISA 
_pdbx_struct_assembly.oligomeric_details   monomeric 
_pdbx_struct_assembly.oligomeric_count     1 
# 
loop_
_pdbx_struct_assembly_prop.biol_id 
_pdbx_struct_assembly_prop.type 
_pdbx_struct_assembly_prop.value 
_pdbx_struct_assembly_prop.details 
1 'ABSA (A^2)' 0    ? 
1 MORE         0    ? 
1 'SSA (A^2)'  6910 ? 
# 
_pdbx_struct_assembly_gen.assembly_id       1 
_pdbx_struct_assembly_gen.oper_expression   1 
_pdbx_struct_assembly_gen.asym_id_list      A,B,C 
# 
_pdbx_struct_oper_list.id                   1 
_pdbx_struct_oper_list.type                 'identity operation' 
_pdbx_struct_oper_list.name                 1_555 
_pdbx_struct_oper_list.symmetry_operation   x,y,z 
_pdbx_struct_oper_list.matrix[1][1]         1.0000000000 
_pdbx_struct_oper_list.matrix[1][2]         0.0000000000 
_pdbx_struct_oper_list.matrix[1][3]         0.0000000000 
_pdbx_struct_oper_list.vector[1]            0.0000000000 
_pdbx_struct_oper_list.matrix[2][1]         0.0000000000 
_pdbx_struct_oper_list.matrix[2][2]         1.0000000000 
_pdbx_struct_oper_list.matrix[2][3]         0.0000000000 
_pdbx_struct_oper_list.vector[2]            0.0000000000 
_pdbx_struct_oper_list.matrix[3][1]         0.0000000000 
_pdbx_struct_oper_list.matrix[3][2]         0.0000000000 
_pdbx_struct_oper_list.matrix[3][3]         1.0000000000 
_pdbx_struct_oper_list.vector[3]            0.0000000000 
# 
loop_
_struct_conf.conf_type_id 
_struct_conf.id 
_struct_conf.pdbx_PDB_helix_id 
_struct_conf.beg_label_comp_id 
_struct_conf.beg_label_asym_id 
_struct_conf.beg_label_seq_id 
_struct_conf.pdbx_beg_PDB_ins_code 
_struct_conf.end_label_comp_id 
_struct_conf.end_label_asym_id 
_struct_conf.end_label_seq_id 
_struct_conf.pdbx_end_PDB_ins_code 
_struct_conf.beg_auth_comp_id 
_struct_conf.beg_auth_asym_id 
_struct_conf.beg_auth_seq_id 
_struct_conf.end_auth_comp_id 
_struct_conf.end_auth_asym_id 
_struct_conf.end_auth_seq_id 
_struct_conf.pdbx_PDB_helix_class 
_struct_conf.details 
_struct_conf.pdbx_PDB_helix_length 
HELX_P HELX_P1 AA1 GLY A 1  ? GLY A 10  ? GLY A 13  GLY A 22  1 ? 10 
HELX_P HELX_P2 AA2 HIS A 59 ? ASN A 62  ? HIS A 71  ASN A 74  5 ? 4  
HELX_P HELX_P3 AA3 ILE A 75 ? ALA A 83  ? ILE A 87  ALA A 95  1 ? 9  
HELX_P HELX_P4 AA4 PRO A 97 ? ALA A 100 ? PRO A 109 ALA A 112 5 ? 4  
# 
_struct_conf_type.id          HELX_P 
_struct_conf_type.criteria    ? 
_struct_conf_type.reference   ? 
# 
_struct_mon_prot_cis.pdbx_id                1 
_struct_mon_prot_cis.label_comp_id          LEU 
_struct_mon_prot_cis.label_seq_id           107 
_struct_mon_prot_cis.label_asym_id          A 
_struct_mon_prot_cis.label_alt_id           . 
_struct_mon_prot_cis.pdbx_PDB_ins_code      ? 
_struct_mon_prot_cis.auth_comp_id           LEU 
_struct_mon_prot_cis.auth_seq_id            119 
_struct_mon_prot_cis.auth_asym_id           A 
_struct_mon_prot_cis.pdbx_label_comp_id_2   PRO 
_struct_mon_prot_cis.pdbx_label_seq_id_2    108 
_struct_mon_prot_cis.pdbx_label_asym_id_2   A 
_struct_mon_prot_cis.pdbx_PDB_ins_code_2    ? 
_struct_mon_prot_cis.pdbx_auth_comp_id_2    PRO 
_struct_mon_prot_cis.pdbx_auth_seq_id_2     120 
_struct_mon_prot_cis.pdbx_auth_asym_id_2    A 
_struct_mon_prot_cis.pdbx_PDB_model_num     1 
_struct_mon_prot_cis.pdbx_omega_angle       2.60 
# 
loop_
_struct_sheet.id 
_struct_sheet.type 
_struct_sheet.number_strands 
_struct_sheet.details 
AA1 ? 6 ? 
AA2 ? 6 ? 
# 
loop_
_struct_sheet_order.sheet_id 
_struct_sheet_order.range_id_1 
_struct_sheet_order.range_id_2 
_struct_sheet_order.offset 
_struct_sheet_order.sense 
AA1 1 2 ? anti-parallel 
AA1 2 3 ? anti-parallel 
AA1 3 4 ? anti-parallel 
AA1 4 5 ? anti-parallel 
AA1 5 6 ? anti-parallel 
AA2 1 2 ? anti-parallel 
AA2 2 3 ? anti-parallel 
AA2 3 4 ? anti-parallel 
AA2 4 5 ? anti-parallel 
AA2 5 6 ? anti-parallel 
# 
loop_
_struct_sheet_range.sheet_id 
_struct_sheet_range.id 
_struct_sheet_range.beg_label_comp_id 
_struct_sheet_range.beg_label_asym_id 
_struct_sheet_range.beg_label_seq_id 
_struct_sheet_range.pdbx_beg_PDB_ins_code 
_struct_sheet_range.end_label_comp_id 
_struct_sheet_range.end_label_asym_id 
_struct_sheet_range.end_label_seq_id 
_struct_sheet_range.pdbx_end_PDB_ins_code 
_struct_sheet_range.beg_auth_comp_id 
_struct_sheet_range.beg_auth_asym_id 
_struct_sheet_range.beg_auth_seq_id 
_struct_sheet_range.end_auth_comp_id 
_struct_sheet_range.end_auth_asym_id 
_struct_sheet_range.end_auth_seq_id 
AA1 1 GLU A 11  ? ASP A 12  ? GLU A 23  ASP A 24  
AA1 2 VAL A 21  ? ARG A 27  ? VAL A 33  ARG A 39  
AA1 3 ILE A 90  ? CYS A 95  ? ILE A 102 CYS A 107 
AA1 4 LEU A 116 ? LYS A 126 ? LEU A 128 LYS A 138 
AA1 5 LYS A 40  ? LEU A 49  ? LYS A 52  LEU A 61  
AA1 6 ASP A 56  ? SER A 57  ? ASP A 68  SER A 69  
AA2 1 GLU A 11  ? ASP A 12  ? GLU A 23  ASP A 24  
AA2 2 VAL A 21  ? ARG A 27  ? VAL A 33  ARG A 39  
AA2 3 ILE A 90  ? CYS A 95  ? ILE A 102 CYS A 107 
AA2 4 LEU A 116 ? LYS A 126 ? LEU A 128 LYS A 138 
AA2 5 LYS A 40  ? LEU A 49  ? LYS A 52  LEU A 61  
AA2 6 PHE A 65  ? SER A 68  ? PHE A 77  SER A 80  
# 
loop_
_pdbx_struct_sheet_hbond.sheet_id 
_pdbx_struct_sheet_hbond.range_id_1 
_pdbx_struct_sheet_hbond.range_id_2 
_pdbx_struct_sheet_hbond.range_1_label_atom_id 
_pdbx_struct_sheet_hbond.range_1_label_comp_id 
_pdbx_struct_sheet_hbond.range_1_label_asym_id 
_pdbx_struct_sheet_hbond.range_1_label_seq_id 
_pdbx_struct_sheet_hbond.range_1_PDB_ins_code 
_pdbx_struct_sheet_hbond.range_1_auth_atom_id 
_pdbx_struct_sheet_hbond.range_1_auth_comp_id 
_pdbx_struct_sheet_hbond.range_1_auth_asym_id 
_pdbx_struct_sheet_hbond.range_1_auth_seq_id 
_pdbx_struct_sheet_hbond.range_2_label_atom_id 
_pdbx_struct_sheet_hbond.range_2_label_comp_id 
_pdbx_struct_sheet_hbond.range_2_label_asym_id 
_pdbx_struct_sheet_hbond.range_2_label_seq_id 
_pdbx_struct_sheet_hbond.range_2_PDB_ins_code 
_pdbx_struct_sheet_hbond.range_2_auth_atom_id 
_pdbx_struct_sheet_hbond.range_2_auth_comp_id 
_pdbx_struct_sheet_hbond.range_2_auth_asym_id 
_pdbx_struct_sheet_hbond.range_2_auth_seq_id 
AA1 1 2 N GLU A 11  ? N GLU A 23  O LYS A 23  ? O LYS A 35  
AA1 2 3 N ILE A 24  ? N ILE A 36  O HIS A 92  ? O HIS A 104 
AA1 3 4 N CYS A 95  ? N CYS A 107 O LEU A 116 ? O LEU A 128 
AA1 4 5 O GLU A 119 ? O GLU A 131 N LYS A 46  ? N LYS A 58  
AA1 5 6 N GLY A 47  ? N GLY A 59  O ASP A 56  ? O ASP A 68  
AA2 1 2 N GLU A 11  ? N GLU A 23  O LYS A 23  ? O LYS A 35  
AA2 2 3 N ILE A 24  ? N ILE A 36  O HIS A 92  ? O HIS A 104 
AA2 3 4 N CYS A 95  ? N CYS A 107 O LEU A 116 ? O LEU A 128 
AA2 4 5 O GLU A 119 ? O GLU A 131 N LYS A 46  ? N LYS A 58  
AA2 5 6 N VAL A 41  ? N VAL A 53  O PHE A 67  ? O PHE A 79  
# 
_struct_site.id                   AC1 
_struct_site.pdbx_evidence_code   Software 
_struct_site.pdbx_auth_asym_id    A 
_struct_site.pdbx_auth_comp_id    5B8 
_struct_site.pdbx_auth_seq_id     201 
_struct_site.pdbx_auth_ins_code   ? 
_struct_site.pdbx_num_residues    17 
_struct_site.details              'binding site for residue 5B8 A 201' 
# 
loop_
_struct_site_gen.id 
_struct_site_gen.site_id 
_struct_site_gen.pdbx_num_res 
_struct_site_gen.label_comp_id 
_struct_site_gen.label_asym_id 
_struct_site_gen.label_seq_id 
_struct_site_gen.pdbx_auth_ins_code 
_struct_site_gen.auth_comp_id 
_struct_site_gen.auth_asym_id 
_struct_site_gen.auth_seq_id 
_struct_site_gen.label_atom_id 
_struct_site_gen.label_alt_id 
_struct_site_gen.symmetry 
_struct_site_gen.details 
1  AC1 17 GLU A 8   ? GLU A 20  . ? 2_454 ? 
2  AC1 17 GLN A 9   ? GLN A 21  . ? 2_454 ? 
3  AC1 17 TYR A 45  ? TYR A 57  . ? 1_555 ? 
4  AC1 17 GLY A 47  ? GLY A 59  . ? 1_555 ? 
5  AC1 17 LYS A 48  ? LYS A 60  . ? 1_555 ? 
6  AC1 17 VAL A 66  ? VAL A 78  . ? 1_555 ? 
7  AC1 17 PHE A 67  ? PHE A 79  . ? 1_555 ? 
8  AC1 17 GLY A 72  ? GLY A 84  . ? 1_555 ? 
9  AC1 17 GLN A 73  ? GLN A 85  . ? 1_555 ? 
10 AC1 17 VAL A 74  ? VAL A 86  . ? 1_555 ? 
11 AC1 17 ILE A 75  ? ILE A 87  . ? 1_555 ? 
12 AC1 17 TRP A 78  ? TRP A 90  . ? 1_555 ? 
13 AC1 17 ALA A 100 ? ALA A 112 . ? 1_555 ? 
14 AC1 17 TYR A 101 ? TYR A 113 . ? 1_555 ? 
15 AC1 17 LYS A 109 ? LYS A 121 . ? 1_555 ? 
16 AC1 17 ILE A 110 ? ILE A 122 . ? 1_555 ? 
17 AC1 17 PHE A 118 ? PHE A 130 . ? 1_555 ? 
# 
_pdbx_validate_symm_contact.id                1 
_pdbx_validate_symm_contact.PDB_model_num     1 
_pdbx_validate_symm_contact.auth_atom_id_1    OG1 
_pdbx_validate_symm_contact.auth_asym_id_1    A 
_pdbx_validate_symm_contact.auth_comp_id_1    THR 
_pdbx_validate_symm_contact.auth_seq_id_1     17 
_pdbx_validate_symm_contact.PDB_ins_code_1    ? 
_pdbx_validate_symm_contact.label_alt_id_1    ? 
_pdbx_validate_symm_contact.site_symmetry_1   1_555 
_pdbx_validate_symm_contact.auth_atom_id_2    OXT 
_pdbx_validate_symm_contact.auth_asym_id_2    A 
_pdbx_validate_symm_contact.auth_comp_id_2    GLU 
_pdbx_validate_symm_contact.auth_seq_id_2     140 
_pdbx_validate_symm_contact.PDB_ins_code_2    ? 
_pdbx_validate_symm_contact.label_alt_id_2    ? 
_pdbx_validate_symm_contact.site_symmetry_2   3_544 
_pdbx_validate_symm_contact.dist              2.15 
# 
loop_
_pdbx_validate_torsion.id 
_pdbx_validate_torsion.PDB_model_num 
_pdbx_validate_torsion.auth_comp_id 
_pdbx_validate_torsion.auth_asym_id 
_pdbx_validate_torsion.auth_seq_id 
_pdbx_validate_torsion.PDB_ins_code 
_pdbx_validate_torsion.label_alt_id 
_pdbx_validate_torsion.phi 
_pdbx_validate_torsion.psi 
1 1 ASP A 72  ? ? -69.80  1.55    
2 1 ASN A 74  ? ? 39.33   52.44   
3 1 ALA A 112 ? ? -139.55 -107.75 
4 1 SER A 118 ? ? -153.73 82.43   
# 
_phasing.method   MR 
# 
loop_
_chem_comp_atom.comp_id 
_chem_comp_atom.atom_id 
_chem_comp_atom.type_symbol 
_chem_comp_atom.pdbx_aromatic_flag 
_chem_comp_atom.pdbx_stereo_config 
_chem_comp_atom.pdbx_ordinal 
5B8 CAW  C N N 1   
5B8 CAO  C N N 2   
5B8 CAN  C N N 3   
5B8 CAP  C N N 4   
5B8 CAX  C N N 5   
5B8 CBS  C N N 6   
5B8 CBU  C N S 7   
5B8 CBQ  C N R 8   
5B8 CAC  C N N 9   
5B8 OAF  O N N 10  
5B8 CBK  C N N 11  
5B8 OAE  O N N 12  
5B8 N    N N N 13  
5B8 CBA  C N N 14  
5B8 CAR  C N N 15  
5B8 CAQ  C N N 16  
5B8 CB   C N N 17  
5B8 CA   C N S 18  
5B8 C    C N N 19  
5B8 O    O N N 20  
5B8 OBI  O N N 21  
5B8 CBR  C N R 22  
5B8 CAZ  C N N 23  
5B8 CAV  C N N 24  
5B8 CBL  C Y N 25  
5B8 CAM  C Y N 26  
5B8 CAJ  C Y N 27  
5B8 CAK  C Y N 28  
5B8 CBO  C Y N 29  
5B8 OBE  O N N 30  
5B8 CAA  C N N 31  
5B8 CBP  C Y N 32  
5B8 OBF  O N N 33  
5B8 CAB  C N N 34  
5B8 CBN  C Y N 35  
5B8 CAL  C Y N 36  
5B8 CAI  C Y N 37  
5B8 CAG  C Y N 38  
5B8 CAH  C Y N 39  
5B8 CBM  C Y N 40  
5B8 OBH  O N N 41  
5B8 CAU  C N N 42  
5B8 CBD  C N N 43  
5B8 NBV  N N N 44  
5B8 CBB  C N N 45  
5B8 CAS  C N N 46  
5B8 OBG  O N N 47  
5B8 CAT  C N N 48  
5B8 CBC  C N N 49  
5B8 H1   H N N 50  
5B8 H2   H N N 51  
5B8 H3   H N N 52  
5B8 H4   H N N 53  
5B8 H5   H N N 54  
5B8 H6   H N N 55  
5B8 H7   H N N 56  
5B8 H8   H N N 57  
5B8 H9   H N N 58  
5B8 H10  H N N 59  
5B8 H11  H N N 60  
5B8 H12  H N N 61  
5B8 H13  H N N 62  
5B8 H14  H N N 63  
5B8 H15  H N N 64  
5B8 H16  H N N 65  
5B8 H17  H N N 66  
5B8 H18  H N N 67  
5B8 H19  H N N 68  
5B8 H20  H N N 69  
5B8 H21  H N N 70  
5B8 H22  H N N 71  
5B8 H23  H N N 72  
5B8 H24  H N N 73  
5B8 H25  H N N 74  
5B8 H26  H N N 75  
5B8 H27  H N N 76  
5B8 H28  H N N 77  
5B8 H29  H N N 78  
5B8 H30  H N N 79  
5B8 H31  H N N 80  
5B8 H32  H N N 81  
5B8 H33  H N N 82  
5B8 H34  H N N 83  
5B8 H35  H N N 84  
5B8 H36  H N N 85  
5B8 H37  H N N 86  
5B8 H38  H N N 87  
5B8 H39  H N N 88  
5B8 H40  H N N 89  
5B8 H41  H N N 90  
5B8 H42  H N N 91  
5B8 H43  H N N 92  
5B8 H44  H N N 93  
5B8 H45  H N N 94  
5B8 H46  H N N 95  
5B8 H47  H N N 96  
5B8 H48  H N N 97  
5B8 H50  H N N 98  
5B8 H51  H N N 99  
5B8 H52  H N N 100 
5B8 H53  H N N 101 
5B8 H54  H N N 102 
5B8 H55  H N N 103 
5B8 H56  H N N 104 
5B8 H57  H N N 105 
ALA N    N N N 106 
ALA CA   C N S 107 
ALA C    C N N 108 
ALA O    O N N 109 
ALA CB   C N N 110 
ALA OXT  O N N 111 
ALA H    H N N 112 
ALA H2   H N N 113 
ALA HA   H N N 114 
ALA HB1  H N N 115 
ALA HB2  H N N 116 
ALA HB3  H N N 117 
ALA HXT  H N N 118 
ARG N    N N N 119 
ARG CA   C N S 120 
ARG C    C N N 121 
ARG O    O N N 122 
ARG CB   C N N 123 
ARG CG   C N N 124 
ARG CD   C N N 125 
ARG NE   N N N 126 
ARG CZ   C N N 127 
ARG NH1  N N N 128 
ARG NH2  N N N 129 
ARG OXT  O N N 130 
ARG H    H N N 131 
ARG H2   H N N 132 
ARG HA   H N N 133 
ARG HB2  H N N 134 
ARG HB3  H N N 135 
ARG HG2  H N N 136 
ARG HG3  H N N 137 
ARG HD2  H N N 138 
ARG HD3  H N N 139 
ARG HE   H N N 140 
ARG HH11 H N N 141 
ARG HH12 H N N 142 
ARG HH21 H N N 143 
ARG HH22 H N N 144 
ARG HXT  H N N 145 
ASN N    N N N 146 
ASN CA   C N S 147 
ASN C    C N N 148 
ASN O    O N N 149 
ASN CB   C N N 150 
ASN CG   C N N 151 
ASN OD1  O N N 152 
ASN ND2  N N N 153 
ASN OXT  O N N 154 
ASN H    H N N 155 
ASN H2   H N N 156 
ASN HA   H N N 157 
ASN HB2  H N N 158 
ASN HB3  H N N 159 
ASN HD21 H N N 160 
ASN HD22 H N N 161 
ASN HXT  H N N 162 
ASP N    N N N 163 
ASP CA   C N S 164 
ASP C    C N N 165 
ASP O    O N N 166 
ASP CB   C N N 167 
ASP CG   C N N 168 
ASP OD1  O N N 169 
ASP OD2  O N N 170 
ASP OXT  O N N 171 
ASP H    H N N 172 
ASP H2   H N N 173 
ASP HA   H N N 174 
ASP HB2  H N N 175 
ASP HB3  H N N 176 
ASP HD2  H N N 177 
ASP HXT  H N N 178 
CYS N    N N N 179 
CYS CA   C N R 180 
CYS C    C N N 181 
CYS O    O N N 182 
CYS CB   C N N 183 
CYS SG   S N N 184 
CYS OXT  O N N 185 
CYS H    H N N 186 
CYS H2   H N N 187 
CYS HA   H N N 188 
CYS HB2  H N N 189 
CYS HB3  H N N 190 
CYS HG   H N N 191 
CYS HXT  H N N 192 
GLN N    N N N 193 
GLN CA   C N S 194 
GLN C    C N N 195 
GLN O    O N N 196 
GLN CB   C N N 197 
GLN CG   C N N 198 
GLN CD   C N N 199 
GLN OE1  O N N 200 
GLN NE2  N N N 201 
GLN OXT  O N N 202 
GLN H    H N N 203 
GLN H2   H N N 204 
GLN HA   H N N 205 
GLN HB2  H N N 206 
GLN HB3  H N N 207 
GLN HG2  H N N 208 
GLN HG3  H N N 209 
GLN HE21 H N N 210 
GLN HE22 H N N 211 
GLN HXT  H N N 212 
GLU N    N N N 213 
GLU CA   C N S 214 
GLU C    C N N 215 
GLU O    O N N 216 
GLU CB   C N N 217 
GLU CG   C N N 218 
GLU CD   C N N 219 
GLU OE1  O N N 220 
GLU OE2  O N N 221 
GLU OXT  O N N 222 
GLU H    H N N 223 
GLU H2   H N N 224 
GLU HA   H N N 225 
GLU HB2  H N N 226 
GLU HB3  H N N 227 
GLU HG2  H N N 228 
GLU HG3  H N N 229 
GLU HE2  H N N 230 
GLU HXT  H N N 231 
GLY N    N N N 232 
GLY CA   C N N 233 
GLY C    C N N 234 
GLY O    O N N 235 
GLY OXT  O N N 236 
GLY H    H N N 237 
GLY H2   H N N 238 
GLY HA2  H N N 239 
GLY HA3  H N N 240 
GLY HXT  H N N 241 
HIS N    N N N 242 
HIS CA   C N S 243 
HIS C    C N N 244 
HIS O    O N N 245 
HIS CB   C N N 246 
HIS CG   C Y N 247 
HIS ND1  N Y N 248 
HIS CD2  C Y N 249 
HIS CE1  C Y N 250 
HIS NE2  N Y N 251 
HIS OXT  O N N 252 
HIS H    H N N 253 
HIS H2   H N N 254 
HIS HA   H N N 255 
HIS HB2  H N N 256 
HIS HB3  H N N 257 
HIS HD1  H N N 258 
HIS HD2  H N N 259 
HIS HE1  H N N 260 
HIS HE2  H N N 261 
HIS HXT  H N N 262 
HOH O    O N N 263 
HOH H1   H N N 264 
HOH H2   H N N 265 
ILE N    N N N 266 
ILE CA   C N S 267 
ILE C    C N N 268 
ILE O    O N N 269 
ILE CB   C N S 270 
ILE CG1  C N N 271 
ILE CG2  C N N 272 
ILE CD1  C N N 273 
ILE OXT  O N N 274 
ILE H    H N N 275 
ILE H2   H N N 276 
ILE HA   H N N 277 
ILE HB   H N N 278 
ILE HG12 H N N 279 
ILE HG13 H N N 280 
ILE HG21 H N N 281 
ILE HG22 H N N 282 
ILE HG23 H N N 283 
ILE HD11 H N N 284 
ILE HD12 H N N 285 
ILE HD13 H N N 286 
ILE HXT  H N N 287 
LEU N    N N N 288 
LEU CA   C N S 289 
LEU C    C N N 290 
LEU O    O N N 291 
LEU CB   C N N 292 
LEU CG   C N N 293 
LEU CD1  C N N 294 
LEU CD2  C N N 295 
LEU OXT  O N N 296 
LEU H    H N N 297 
LEU H2   H N N 298 
LEU HA   H N N 299 
LEU HB2  H N N 300 
LEU HB3  H N N 301 
LEU HG   H N N 302 
LEU HD11 H N N 303 
LEU HD12 H N N 304 
LEU HD13 H N N 305 
LEU HD21 H N N 306 
LEU HD22 H N N 307 
LEU HD23 H N N 308 
LEU HXT  H N N 309 
LYS N    N N N 310 
LYS CA   C N S 311 
LYS C    C N N 312 
LYS O    O N N 313 
LYS CB   C N N 314 
LYS CG   C N N 315 
LYS CD   C N N 316 
LYS CE   C N N 317 
LYS NZ   N N N 318 
LYS OXT  O N N 319 
LYS H    H N N 320 
LYS H2   H N N 321 
LYS HA   H N N 322 
LYS HB2  H N N 323 
LYS HB3  H N N 324 
LYS HG2  H N N 325 
LYS HG3  H N N 326 
LYS HD2  H N N 327 
LYS HD3  H N N 328 
LYS HE2  H N N 329 
LYS HE3  H N N 330 
LYS HZ1  H N N 331 
LYS HZ2  H N N 332 
LYS HZ3  H N N 333 
LYS HXT  H N N 334 
MET N    N N N 335 
MET CA   C N S 336 
MET C    C N N 337 
MET O    O N N 338 
MET CB   C N N 339 
MET CG   C N N 340 
MET SD   S N N 341 
MET CE   C N N 342 
MET OXT  O N N 343 
MET H    H N N 344 
MET H2   H N N 345 
MET HA   H N N 346 
MET HB2  H N N 347 
MET HB3  H N N 348 
MET HG2  H N N 349 
MET HG3  H N N 350 
MET HE1  H N N 351 
MET HE2  H N N 352 
MET HE3  H N N 353 
MET HXT  H N N 354 
PHE N    N N N 355 
PHE CA   C N S 356 
PHE C    C N N 357 
PHE O    O N N 358 
PHE CB   C N N 359 
PHE CG   C Y N 360 
PHE CD1  C Y N 361 
PHE CD2  C Y N 362 
PHE CE1  C Y N 363 
PHE CE2  C Y N 364 
PHE CZ   C Y N 365 
PHE OXT  O N N 366 
PHE H    H N N 367 
PHE H2   H N N 368 
PHE HA   H N N 369 
PHE HB2  H N N 370 
PHE HB3  H N N 371 
PHE HD1  H N N 372 
PHE HD2  H N N 373 
PHE HE1  H N N 374 
PHE HE2  H N N 375 
PHE HZ   H N N 376 
PHE HXT  H N N 377 
PRO N    N N N 378 
PRO CA   C N S 379 
PRO C    C N N 380 
PRO O    O N N 381 
PRO CB   C N N 382 
PRO CG   C N N 383 
PRO CD   C N N 384 
PRO OXT  O N N 385 
PRO H    H N N 386 
PRO HA   H N N 387 
PRO HB2  H N N 388 
PRO HB3  H N N 389 
PRO HG2  H N N 390 
PRO HG3  H N N 391 
PRO HD2  H N N 392 
PRO HD3  H N N 393 
PRO HXT  H N N 394 
SER N    N N N 395 
SER CA   C N S 396 
SER C    C N N 397 
SER O    O N N 398 
SER CB   C N N 399 
SER OG   O N N 400 
SER OXT  O N N 401 
SER H    H N N 402 
SER H2   H N N 403 
SER HA   H N N 404 
SER HB2  H N N 405 
SER HB3  H N N 406 
SER HG   H N N 407 
SER HXT  H N N 408 
THR N    N N N 409 
THR CA   C N S 410 
THR C    C N N 411 
THR O    O N N 412 
THR CB   C N R 413 
THR OG1  O N N 414 
THR CG2  C N N 415 
THR OXT  O N N 416 
THR H    H N N 417 
THR H2   H N N 418 
THR HA   H N N 419 
THR HB   H N N 420 
THR HG1  H N N 421 
THR HG21 H N N 422 
THR HG22 H N N 423 
THR HG23 H N N 424 
THR HXT  H N N 425 
TRP N    N N N 426 
TRP CA   C N S 427 
TRP C    C N N 428 
TRP O    O N N 429 
TRP CB   C N N 430 
TRP CG   C Y N 431 
TRP CD1  C Y N 432 
TRP CD2  C Y N 433 
TRP NE1  N Y N 434 
TRP CE2  C Y N 435 
TRP CE3  C Y N 436 
TRP CZ2  C Y N 437 
TRP CZ3  C Y N 438 
TRP CH2  C Y N 439 
TRP OXT  O N N 440 
TRP H    H N N 441 
TRP H2   H N N 442 
TRP HA   H N N 443 
TRP HB2  H N N 444 
TRP HB3  H N N 445 
TRP HD1  H N N 446 
TRP HE1  H N N 447 
TRP HE3  H N N 448 
TRP HZ2  H N N 449 
TRP HZ3  H N N 450 
TRP HH2  H N N 451 
TRP HXT  H N N 452 
TYR N    N N N 453 
TYR CA   C N S 454 
TYR C    C N N 455 
TYR O    O N N 456 
TYR CB   C N N 457 
TYR CG   C Y N 458 
TYR CD1  C Y N 459 
TYR CD2  C Y N 460 
TYR CE1  C Y N 461 
TYR CE2  C Y N 462 
TYR CZ   C Y N 463 
TYR OH   O N N 464 
TYR OXT  O N N 465 
TYR H    H N N 466 
TYR H2   H N N 467 
TYR HA   H N N 468 
TYR HB2  H N N 469 
TYR HB3  H N N 470 
TYR HD1  H N N 471 
TYR HD2  H N N 472 
TYR HE1  H N N 473 
TYR HE2  H N N 474 
TYR HH   H N N 475 
TYR HXT  H N N 476 
VAL N    N N N 477 
VAL CA   C N S 478 
VAL C    C N N 479 
VAL O    O N N 480 
VAL CB   C N N 481 
VAL CG1  C N N 482 
VAL CG2  C N N 483 
VAL OXT  O N N 484 
VAL H    H N N 485 
VAL H2   H N N 486 
VAL HA   H N N 487 
VAL HB   H N N 488 
VAL HG11 H N N 489 
VAL HG12 H N N 490 
VAL HG13 H N N 491 
VAL HG21 H N N 492 
VAL HG22 H N N 493 
VAL HG23 H N N 494 
VAL HXT  H N N 495 
# 
loop_
_chem_comp_bond.comp_id 
_chem_comp_bond.atom_id_1 
_chem_comp_bond.atom_id_2 
_chem_comp_bond.value_order 
_chem_comp_bond.pdbx_aromatic_flag 
_chem_comp_bond.pdbx_stereo_config 
_chem_comp_bond.pdbx_ordinal 
5B8 OBG CAS  sing N N 1   
5B8 OBG CAT  sing N N 2   
5B8 CAS CBB  sing N N 3   
5B8 CAT CBC  sing N N 4   
5B8 CBB NBV  sing N N 5   
5B8 CBC NBV  sing N N 6   
5B8 NBV CBD  sing N N 7   
5B8 CAH CAG  doub Y N 8   
5B8 CAH CBM  sing Y N 9   
5B8 CAG CAI  sing Y N 10  
5B8 CAU OBH  sing N N 11  
5B8 CAU CBD  sing N N 12  
5B8 OBH CBM  sing N N 13  
5B8 CBM CAL  doub Y N 14  
5B8 CAI CBN  doub Y N 15  
5B8 CAV CBL  sing N N 16  
5B8 CAV CAZ  sing N N 17  
5B8 CAL CBN  sing Y N 18  
5B8 CBN CBR  sing N N 19  
5B8 CAJ CBL  doub Y N 20  
5B8 CAJ CAK  sing Y N 21  
5B8 CBL CAM  sing Y N 22  
5B8 CAZ CBR  sing N N 23  
5B8 CAC CBQ  sing N N 24  
5B8 CAK CBO  doub Y N 25  
5B8 OAF CBQ  sing N N 26  
5B8 CAM CBP  doub Y N 27  
5B8 CBR OBI  sing N N 28  
5B8 CBQ CBU  sing N N 29  
5B8 CBO CBP  sing Y N 30  
5B8 CBO OBE  sing N N 31  
5B8 CBP OBF  sing N N 32  
5B8 CAB OBF  sing N N 33  
5B8 OBE CAA  sing N N 34  
5B8 OBI C    sing N N 35  
5B8 CBU CBK  sing N N 36  
5B8 CBU CBS  sing N N 37  
5B8 CBA N    sing N N 38  
5B8 CBA CAR  sing N N 39  
5B8 C   O    doub N N 40  
5B8 C   CA   sing N N 41  
5B8 CBK N    sing N N 42  
5B8 CBK OAE  doub N N 43  
5B8 CBS CAW  sing N N 44  
5B8 CBS CAX  sing N N 45  
5B8 N   CA   sing N N 46  
5B8 CAW CAO  sing N N 47  
5B8 CAR CAQ  sing N N 48  
5B8 CA  CB   sing N N 49  
5B8 CAO CAN  sing N N 50  
5B8 CAQ CB   sing N N 51  
5B8 CAX CAP  sing N N 52  
5B8 CAN CAP  sing N N 53  
5B8 CAW H1   sing N N 54  
5B8 CAW H2   sing N N 55  
5B8 CAO H3   sing N N 56  
5B8 CAO H4   sing N N 57  
5B8 CAN H5   sing N N 58  
5B8 CAN H6   sing N N 59  
5B8 CAP H7   sing N N 60  
5B8 CAP H8   sing N N 61  
5B8 CAX H9   sing N N 62  
5B8 CAX H10  sing N N 63  
5B8 CBS H11  sing N N 64  
5B8 CBU H12  sing N N 65  
5B8 CBQ H13  sing N N 66  
5B8 CAC H14  sing N N 67  
5B8 CAC H15  sing N N 68  
5B8 CAC H16  sing N N 69  
5B8 OAF H17  sing N N 70  
5B8 CBA H18  sing N N 71  
5B8 CBA H19  sing N N 72  
5B8 CAR H20  sing N N 73  
5B8 CAR H21  sing N N 74  
5B8 CAQ H22  sing N N 75  
5B8 CAQ H23  sing N N 76  
5B8 CB  H24  sing N N 77  
5B8 CB  H25  sing N N 78  
5B8 CA  H26  sing N N 79  
5B8 CBR H27  sing N N 80  
5B8 CAZ H28  sing N N 81  
5B8 CAZ H29  sing N N 82  
5B8 CAV H30  sing N N 83  
5B8 CAV H31  sing N N 84  
5B8 CAM H32  sing N N 85  
5B8 CAJ H33  sing N N 86  
5B8 CAK H34  sing N N 87  
5B8 CAA H35  sing N N 88  
5B8 CAA H36  sing N N 89  
5B8 CAA H37  sing N N 90  
5B8 CAB H38  sing N N 91  
5B8 CAB H39  sing N N 92  
5B8 CAB H40  sing N N 93  
5B8 CAL H41  sing N N 94  
5B8 CAI H42  sing N N 95  
5B8 CAG H43  sing N N 96  
5B8 CAH H44  sing N N 97  
5B8 CAU H45  sing N N 98  
5B8 CAU H46  sing N N 99  
5B8 CBD H47  sing N N 100 
5B8 CBD H48  sing N N 101 
5B8 CBB H50  sing N N 102 
5B8 CBB H51  sing N N 103 
5B8 CAS H52  sing N N 104 
5B8 CAS H53  sing N N 105 
5B8 CAT H54  sing N N 106 
5B8 CAT H55  sing N N 107 
5B8 CBC H56  sing N N 108 
5B8 CBC H57  sing N N 109 
ALA N   CA   sing N N 110 
ALA N   H    sing N N 111 
ALA N   H2   sing N N 112 
ALA CA  C    sing N N 113 
ALA CA  CB   sing N N 114 
ALA CA  HA   sing N N 115 
ALA C   O    doub N N 116 
ALA C   OXT  sing N N 117 
ALA CB  HB1  sing N N 118 
ALA CB  HB2  sing N N 119 
ALA CB  HB3  sing N N 120 
ALA OXT HXT  sing N N 121 
ARG N   CA   sing N N 122 
ARG N   H    sing N N 123 
ARG N   H2   sing N N 124 
ARG CA  C    sing N N 125 
ARG CA  CB   sing N N 126 
ARG CA  HA   sing N N 127 
ARG C   O    doub N N 128 
ARG C   OXT  sing N N 129 
ARG CB  CG   sing N N 130 
ARG CB  HB2  sing N N 131 
ARG CB  HB3  sing N N 132 
ARG CG  CD   sing N N 133 
ARG CG  HG2  sing N N 134 
ARG CG  HG3  sing N N 135 
ARG CD  NE   sing N N 136 
ARG CD  HD2  sing N N 137 
ARG CD  HD3  sing N N 138 
ARG NE  CZ   sing N N 139 
ARG NE  HE   sing N N 140 
ARG CZ  NH1  sing N N 141 
ARG CZ  NH2  doub N N 142 
ARG NH1 HH11 sing N N 143 
ARG NH1 HH12 sing N N 144 
ARG NH2 HH21 sing N N 145 
ARG NH2 HH22 sing N N 146 
ARG OXT HXT  sing N N 147 
ASN N   CA   sing N N 148 
ASN N   H    sing N N 149 
ASN N   H2   sing N N 150 
ASN CA  C    sing N N 151 
ASN CA  CB   sing N N 152 
ASN CA  HA   sing N N 153 
ASN C   O    doub N N 154 
ASN C   OXT  sing N N 155 
ASN CB  CG   sing N N 156 
ASN CB  HB2  sing N N 157 
ASN CB  HB3  sing N N 158 
ASN CG  OD1  doub N N 159 
ASN CG  ND2  sing N N 160 
ASN ND2 HD21 sing N N 161 
ASN ND2 HD22 sing N N 162 
ASN OXT HXT  sing N N 163 
ASP N   CA   sing N N 164 
ASP N   H    sing N N 165 
ASP N   H2   sing N N 166 
ASP CA  C    sing N N 167 
ASP CA  CB   sing N N 168 
ASP CA  HA   sing N N 169 
ASP C   O    doub N N 170 
ASP C   OXT  sing N N 171 
ASP CB  CG   sing N N 172 
ASP CB  HB2  sing N N 173 
ASP CB  HB3  sing N N 174 
ASP CG  OD1  doub N N 175 
ASP CG  OD2  sing N N 176 
ASP OD2 HD2  sing N N 177 
ASP OXT HXT  sing N N 178 
CYS N   CA   sing N N 179 
CYS N   H    sing N N 180 
CYS N   H2   sing N N 181 
CYS CA  C    sing N N 182 
CYS CA  CB   sing N N 183 
CYS CA  HA   sing N N 184 
CYS C   O    doub N N 185 
CYS C   OXT  sing N N 186 
CYS CB  SG   sing N N 187 
CYS CB  HB2  sing N N 188 
CYS CB  HB3  sing N N 189 
CYS SG  HG   sing N N 190 
CYS OXT HXT  sing N N 191 
GLN N   CA   sing N N 192 
GLN N   H    sing N N 193 
GLN N   H2   sing N N 194 
GLN CA  C    sing N N 195 
GLN CA  CB   sing N N 196 
GLN CA  HA   sing N N 197 
GLN C   O    doub N N 198 
GLN C   OXT  sing N N 199 
GLN CB  CG   sing N N 200 
GLN CB  HB2  sing N N 201 
GLN CB  HB3  sing N N 202 
GLN CG  CD   sing N N 203 
GLN CG  HG2  sing N N 204 
GLN CG  HG3  sing N N 205 
GLN CD  OE1  doub N N 206 
GLN CD  NE2  sing N N 207 
GLN NE2 HE21 sing N N 208 
GLN NE2 HE22 sing N N 209 
GLN OXT HXT  sing N N 210 
GLU N   CA   sing N N 211 
GLU N   H    sing N N 212 
GLU N   H2   sing N N 213 
GLU CA  C    sing N N 214 
GLU CA  CB   sing N N 215 
GLU CA  HA   sing N N 216 
GLU C   O    doub N N 217 
GLU C   OXT  sing N N 218 
GLU CB  CG   sing N N 219 
GLU CB  HB2  sing N N 220 
GLU CB  HB3  sing N N 221 
GLU CG  CD   sing N N 222 
GLU CG  HG2  sing N N 223 
GLU CG  HG3  sing N N 224 
GLU CD  OE1  doub N N 225 
GLU CD  OE2  sing N N 226 
GLU OE2 HE2  sing N N 227 
GLU OXT HXT  sing N N 228 
GLY N   CA   sing N N 229 
GLY N   H    sing N N 230 
GLY N   H2   sing N N 231 
GLY CA  C    sing N N 232 
GLY CA  HA2  sing N N 233 
GLY CA  HA3  sing N N 234 
GLY C   O    doub N N 235 
GLY C   OXT  sing N N 236 
GLY OXT HXT  sing N N 237 
HIS N   CA   sing N N 238 
HIS N   H    sing N N 239 
HIS N   H2   sing N N 240 
HIS CA  C    sing N N 241 
HIS CA  CB   sing N N 242 
HIS CA  HA   sing N N 243 
HIS C   O    doub N N 244 
HIS C   OXT  sing N N 245 
HIS CB  CG   sing N N 246 
HIS CB  HB2  sing N N 247 
HIS CB  HB3  sing N N 248 
HIS CG  ND1  sing Y N 249 
HIS CG  CD2  doub Y N 250 
HIS ND1 CE1  doub Y N 251 
HIS ND1 HD1  sing N N 252 
HIS CD2 NE2  sing Y N 253 
HIS CD2 HD2  sing N N 254 
HIS CE1 NE2  sing Y N 255 
HIS CE1 HE1  sing N N 256 
HIS NE2 HE2  sing N N 257 
HIS OXT HXT  sing N N 258 
HOH O   H1   sing N N 259 
HOH O   H2   sing N N 260 
ILE N   CA   sing N N 261 
ILE N   H    sing N N 262 
ILE N   H2   sing N N 263 
ILE CA  C    sing N N 264 
ILE CA  CB   sing N N 265 
ILE CA  HA   sing N N 266 
ILE C   O    doub N N 267 
ILE C   OXT  sing N N 268 
ILE CB  CG1  sing N N 269 
ILE CB  CG2  sing N N 270 
ILE CB  HB   sing N N 271 
ILE CG1 CD1  sing N N 272 
ILE CG1 HG12 sing N N 273 
ILE CG1 HG13 sing N N 274 
ILE CG2 HG21 sing N N 275 
ILE CG2 HG22 sing N N 276 
ILE CG2 HG23 sing N N 277 
ILE CD1 HD11 sing N N 278 
ILE CD1 HD12 sing N N 279 
ILE CD1 HD13 sing N N 280 
ILE OXT HXT  sing N N 281 
LEU N   CA   sing N N 282 
LEU N   H    sing N N 283 
LEU N   H2   sing N N 284 
LEU CA  C    sing N N 285 
LEU CA  CB   sing N N 286 
LEU CA  HA   sing N N 287 
LEU C   O    doub N N 288 
LEU C   OXT  sing N N 289 
LEU CB  CG   sing N N 290 
LEU CB  HB2  sing N N 291 
LEU CB  HB3  sing N N 292 
LEU CG  CD1  sing N N 293 
LEU CG  CD2  sing N N 294 
LEU CG  HG   sing N N 295 
LEU CD1 HD11 sing N N 296 
LEU CD1 HD12 sing N N 297 
LEU CD1 HD13 sing N N 298 
LEU CD2 HD21 sing N N 299 
LEU CD2 HD22 sing N N 300 
LEU CD2 HD23 sing N N 301 
LEU OXT HXT  sing N N 302 
LYS N   CA   sing N N 303 
LYS N   H    sing N N 304 
LYS N   H2   sing N N 305 
LYS CA  C    sing N N 306 
LYS CA  CB   sing N N 307 
LYS CA  HA   sing N N 308 
LYS C   O    doub N N 309 
LYS C   OXT  sing N N 310 
LYS CB  CG   sing N N 311 
LYS CB  HB2  sing N N 312 
LYS CB  HB3  sing N N 313 
LYS CG  CD   sing N N 314 
LYS CG  HG2  sing N N 315 
LYS CG  HG3  sing N N 316 
LYS CD  CE   sing N N 317 
LYS CD  HD2  sing N N 318 
LYS CD  HD3  sing N N 319 
LYS CE  NZ   sing N N 320 
LYS CE  HE2  sing N N 321 
LYS CE  HE3  sing N N 322 
LYS NZ  HZ1  sing N N 323 
LYS NZ  HZ2  sing N N 324 
LYS NZ  HZ3  sing N N 325 
LYS OXT HXT  sing N N 326 
MET N   CA   sing N N 327 
MET N   H    sing N N 328 
MET N   H2   sing N N 329 
MET CA  C    sing N N 330 
MET CA  CB   sing N N 331 
MET CA  HA   sing N N 332 
MET C   O    doub N N 333 
MET C   OXT  sing N N 334 
MET CB  CG   sing N N 335 
MET CB  HB2  sing N N 336 
MET CB  HB3  sing N N 337 
MET CG  SD   sing N N 338 
MET CG  HG2  sing N N 339 
MET CG  HG3  sing N N 340 
MET SD  CE   sing N N 341 
MET CE  HE1  sing N N 342 
MET CE  HE2  sing N N 343 
MET CE  HE3  sing N N 344 
MET OXT HXT  sing N N 345 
PHE N   CA   sing N N 346 
PHE N   H    sing N N 347 
PHE N   H2   sing N N 348 
PHE CA  C    sing N N 349 
PHE CA  CB   sing N N 350 
PHE CA  HA   sing N N 351 
PHE C   O    doub N N 352 
PHE C   OXT  sing N N 353 
PHE CB  CG   sing N N 354 
PHE CB  HB2  sing N N 355 
PHE CB  HB3  sing N N 356 
PHE CG  CD1  doub Y N 357 
PHE CG  CD2  sing Y N 358 
PHE CD1 CE1  sing Y N 359 
PHE CD1 HD1  sing N N 360 
PHE CD2 CE2  doub Y N 361 
PHE CD2 HD2  sing N N 362 
PHE CE1 CZ   doub Y N 363 
PHE CE1 HE1  sing N N 364 
PHE CE2 CZ   sing Y N 365 
PHE CE2 HE2  sing N N 366 
PHE CZ  HZ   sing N N 367 
PHE OXT HXT  sing N N 368 
PRO N   CA   sing N N 369 
PRO N   CD   sing N N 370 
PRO N   H    sing N N 371 
PRO CA  C    sing N N 372 
PRO CA  CB   sing N N 373 
PRO CA  HA   sing N N 374 
PRO C   O    doub N N 375 
PRO C   OXT  sing N N 376 
PRO CB  CG   sing N N 377 
PRO CB  HB2  sing N N 378 
PRO CB  HB3  sing N N 379 
PRO CG  CD   sing N N 380 
PRO CG  HG2  sing N N 381 
PRO CG  HG3  sing N N 382 
PRO CD  HD2  sing N N 383 
PRO CD  HD3  sing N N 384 
PRO OXT HXT  sing N N 385 
SER N   CA   sing N N 386 
SER N   H    sing N N 387 
SER N   H2   sing N N 388 
SER CA  C    sing N N 389 
SER CA  CB   sing N N 390 
SER CA  HA   sing N N 391 
SER C   O    doub N N 392 
SER C   OXT  sing N N 393 
SER CB  OG   sing N N 394 
SER CB  HB2  sing N N 395 
SER CB  HB3  sing N N 396 
SER OG  HG   sing N N 397 
SER OXT HXT  sing N N 398 
THR N   CA   sing N N 399 
THR N   H    sing N N 400 
THR N   H2   sing N N 401 
THR CA  C    sing N N 402 
THR CA  CB   sing N N 403 
THR CA  HA   sing N N 404 
THR C   O    doub N N 405 
THR C   OXT  sing N N 406 
THR CB  OG1  sing N N 407 
THR CB  CG2  sing N N 408 
THR CB  HB   sing N N 409 
THR OG1 HG1  sing N N 410 
THR CG2 HG21 sing N N 411 
THR CG2 HG22 sing N N 412 
THR CG2 HG23 sing N N 413 
THR OXT HXT  sing N N 414 
TRP N   CA   sing N N 415 
TRP N   H    sing N N 416 
TRP N   H2   sing N N 417 
TRP CA  C    sing N N 418 
TRP CA  CB   sing N N 419 
TRP CA  HA   sing N N 420 
TRP C   O    doub N N 421 
TRP C   OXT  sing N N 422 
TRP CB  CG   sing N N 423 
TRP CB  HB2  sing N N 424 
TRP CB  HB3  sing N N 425 
TRP CG  CD1  doub Y N 426 
TRP CG  CD2  sing Y N 427 
TRP CD1 NE1  sing Y N 428 
TRP CD1 HD1  sing N N 429 
TRP CD2 CE2  doub Y N 430 
TRP CD2 CE3  sing Y N 431 
TRP NE1 CE2  sing Y N 432 
TRP NE1 HE1  sing N N 433 
TRP CE2 CZ2  sing Y N 434 
TRP CE3 CZ3  doub Y N 435 
TRP CE3 HE3  sing N N 436 
TRP CZ2 CH2  doub Y N 437 
TRP CZ2 HZ2  sing N N 438 
TRP CZ3 CH2  sing Y N 439 
TRP CZ3 HZ3  sing N N 440 
TRP CH2 HH2  sing N N 441 
TRP OXT HXT  sing N N 442 
TYR N   CA   sing N N 443 
TYR N   H    sing N N 444 
TYR N   H2   sing N N 445 
TYR CA  C    sing N N 446 
TYR CA  CB   sing N N 447 
TYR CA  HA   sing N N 448 
TYR C   O    doub N N 449 
TYR C   OXT  sing N N 450 
TYR CB  CG   sing N N 451 
TYR CB  HB2  sing N N 452 
TYR CB  HB3  sing N N 453 
TYR CG  CD1  doub Y N 454 
TYR CG  CD2  sing Y N 455 
TYR CD1 CE1  sing Y N 456 
TYR CD1 HD1  sing N N 457 
TYR CD2 CE2  doub Y N 458 
TYR CD2 HD2  sing N N 459 
TYR CE1 CZ   doub Y N 460 
TYR CE1 HE1  sing N N 461 
TYR CE2 CZ   sing Y N 462 
TYR CE2 HE2  sing N N 463 
TYR CZ  OH   sing N N 464 
TYR OH  HH   sing N N 465 
TYR OXT HXT  sing N N 466 
VAL N   CA   sing N N 467 
VAL N   H    sing N N 468 
VAL N   H2   sing N N 469 
VAL CA  C    sing N N 470 
VAL CA  CB   sing N N 471 
VAL CA  HA   sing N N 472 
VAL C   O    doub N N 473 
VAL C   OXT  sing N N 474 
VAL CB  CG1  sing N N 475 
VAL CB  CG2  sing N N 476 
VAL CB  HB   sing N N 477 
VAL CG1 HG11 sing N N 478 
VAL CG1 HG12 sing N N 479 
VAL CG1 HG13 sing N N 480 
VAL CG2 HG21 sing N N 481 
VAL CG2 HG22 sing N N 482 
VAL CG2 HG23 sing N N 483 
VAL OXT HXT  sing N N 484 
# 
_atom_sites.entry_id                    5DIT 
_atom_sites.fract_transf_matrix[1][1]   0.01933095 
_atom_sites.fract_transf_matrix[1][2]   0.00804855 
_atom_sites.fract_transf_matrix[1][3]   -0.00965197 
_atom_sites.fract_transf_matrix[2][1]   0.00162735 
_atom_sites.fract_transf_matrix[2][2]   -0.01672295 
_atom_sites.fract_transf_matrix[2][3]   -0.01068562 
_atom_sites.fract_transf_matrix[3][1]   -0.00871826 
_atom_sites.fract_transf_matrix[3][2]   0.00672532 
_atom_sites.fract_transf_matrix[3][3]   -0.01185283 
_atom_sites.fract_transf_vector[1]      -0.136774 
_atom_sites.fract_transf_vector[2]      0.046814 
_atom_sites.fract_transf_vector[3]      -0.287659 
# 
loop_
_atom_type.symbol 
C 
N 
O 
S 
# 
loop_
_atom_site.group_PDB 
_atom_site.id 
_atom_site.type_symbol 
_atom_site.label_atom_id 
_atom_site.label_alt_id 
_atom_site.label_comp_id 
_atom_site.label_asym_id 
_atom_site.label_entity_id 
_atom_site.label_seq_id 
_atom_site.pdbx_PDB_ins_code 
_atom_site.Cartn_x 
_atom_site.Cartn_y 
_atom_site.Cartn_z 
_atom_site.occupancy 
_atom_site.B_iso_or_equiv 
_atom_site.pdbx_formal_charge 
_atom_site.auth_seq_id 
_atom_site.auth_comp_id 
_atom_site.auth_asym_id 
_atom_site.auth_atom_id 
_atom_site.pdbx_PDB_model_num 
ATOM   1    N N   . GLY A 1 1   ? -13.461 12.526  2.570   1.00 80.98 ? 13  GLY A N   1 
ATOM   2    C CA  . GLY A 1 1   ? -12.264 11.886  3.199   1.00 79.47 ? 13  GLY A CA  1 
ATOM   3    C C   . GLY A 1 1   ? -11.358 11.206  2.189   1.00 75.62 ? 13  GLY A C   1 
ATOM   4    O O   . GLY A 1 1   ? -11.807 10.793  1.117   1.00 79.18 ? 13  GLY A O   1 
ATOM   5    N N   . ALA A 1 2   ? -10.076 11.088  2.531   1.00 69.73 ? 14  ALA A N   1 
ATOM   6    C CA  . ALA A 1 2   ? -9.108  10.422  1.660   1.00 64.49 ? 14  ALA A CA  1 
ATOM   7    C C   . ALA A 1 2   ? -9.479  8.945   1.385   1.00 59.79 ? 14  ALA A C   1 
ATOM   8    O O   . ALA A 1 2   ? -9.267  8.459   0.270   1.00 55.83 ? 14  ALA A O   1 
ATOM   9    C CB  . ALA A 1 2   ? -7.702  10.538  2.237   1.00 63.79 ? 14  ALA A CB  1 
ATOM   10   N N   . PRO A 1 3   ? -10.036 8.233   2.393   1.00 54.35 ? 15  PRO A N   1 
ATOM   11   C CA  . PRO A 1 3   ? -10.503 6.857   2.160   1.00 50.76 ? 15  PRO A CA  1 
ATOM   12   C C   . PRO A 1 3   ? -11.681 6.739   1.184   1.00 45.80 ? 15  PRO A C   1 
ATOM   13   O O   . PRO A 1 3   ? -11.627 5.934   0.258   1.00 43.19 ? 15  PRO A O   1 
ATOM   14   C CB  . PRO A 1 3   ? -10.919 6.377   3.560   1.00 51.27 ? 15  PRO A CB  1 
ATOM   15   C CG  . PRO A 1 3   ? -10.156 7.236   4.506   1.00 53.34 ? 15  PRO A CG  1 
ATOM   16   C CD  . PRO A 1 3   ? -10.059 8.573   3.831   1.00 55.26 ? 15  PRO A CD  1 
ATOM   17   N N   . ALA A 1 4   ? -12.732 7.529   1.406   1.00 42.34 ? 16  ALA A N   1 
ATOM   18   C CA  . ALA A 1 4   ? -13.947 7.464   0.596   1.00 40.52 ? 16  ALA A CA  1 
ATOM   19   C C   . ALA A 1 4   ? -13.676 7.798   -0.870  1.00 37.66 ? 16  ALA A C   1 
ATOM   20   O O   . ALA A 1 4   ? -14.289 7.225   -1.768  1.00 35.34 ? 16  ALA A O   1 
ATOM   21   C CB  . ALA A 1 4   ? -15.004 8.401   1.164   1.00 42.48 ? 16  ALA A CB  1 
ATOM   22   N N   . THR A 1 5   ? -12.748 8.720   -1.107  1.00 36.70 ? 17  THR A N   1 
ATOM   23   C CA  . THR A 1 5   ? -12.334 9.069   -2.470  1.00 36.15 ? 17  THR A CA  1 
ATOM   24   C C   . THR A 1 5   ? -11.796 7.852   -3.214  1.00 34.81 ? 17  THR A C   1 
ATOM   25   O O   . THR A 1 5   ? -12.058 7.687   -4.407  1.00 34.78 ? 17  THR A O   1 
ATOM   26   C CB  . THR A 1 5   ? -11.276 10.180  -2.444  1.00 38.47 ? 17  THR A CB  1 
ATOM   27   O OG1 . THR A 1 5   ? -11.802 11.294  -1.713  1.00 40.56 ? 17  THR A OG1 1 
ATOM   28   C CG2 . THR A 1 5   ? -10.892 10.628  -3.853  1.00 38.77 ? 17  THR A CG2 1 
ATOM   29   N N   . VAL A 1 6   ? -11.067 6.994   -2.502  1.00 34.87 ? 18  VAL A N   1 
ATOM   30   C CA  . VAL A 1 6   ? -10.551 5.744   -3.076  1.00 34.17 ? 18  VAL A CA  1 
ATOM   31   C C   . VAL A 1 6   ? -11.708 4.769   -3.299  1.00 33.12 ? 18  VAL A C   1 
ATOM   32   O O   . VAL A 1 6   ? -11.773 4.094   -4.330  1.00 31.03 ? 18  VAL A O   1 
ATOM   33   C CB  . VAL A 1 6   ? -9.441  5.106   -2.202  1.00 33.85 ? 18  VAL A CB  1 
ATOM   34   C CG1 . VAL A 1 6   ? -8.952  3.805   -2.825  1.00 33.76 ? 18  VAL A CG1 1 
ATOM   35   C CG2 . VAL A 1 6   ? -8.276  6.072   -2.035  1.00 34.62 ? 18  VAL A CG2 1 
ATOM   36   N N   . THR A 1 7   ? -12.628 4.711   -2.345  1.00 32.37 ? 19  THR A N   1 
ATOM   37   C CA  . THR A 1 7   ? -13.853 3.940   -2.538  1.00 33.16 ? 19  THR A CA  1 
ATOM   38   C C   . THR A 1 7   ? -14.585 4.377   -3.814  1.00 32.99 ? 19  THR A C   1 
ATOM   39   O O   . THR A 1 7   ? -14.977 3.535   -4.623  1.00 31.50 ? 19  THR A O   1 
ATOM   40   C CB  . THR A 1 7   ? -14.769 4.034   -1.299  1.00 32.65 ? 19  THR A CB  1 
ATOM   41   O OG1 . THR A 1 7   ? -14.164 3.298   -0.234  1.00 32.44 ? 19  THR A OG1 1 
ATOM   42   C CG2 . THR A 1 7   ? -16.157 3.457   -1.573  1.00 32.86 ? 19  THR A CG2 1 
ATOM   43   N N   . GLU A 1 8   ? -14.724 5.687   -4.006  1.00 34.79 ? 20  GLU A N   1 
ATOM   44   C CA  . GLU A 1 8   ? -15.479 6.231   -5.143  1.00 35.78 ? 20  GLU A CA  1 
ATOM   45   C C   . GLU A 1 8   ? -14.725 6.236   -6.474  1.00 35.63 ? 20  GLU A C   1 
ATOM   46   O O   . GLU A 1 8   ? -15.309 5.908   -7.510  1.00 35.59 ? 20  GLU A O   1 
ATOM   47   C CB  . GLU A 1 8   ? -15.947 7.658   -4.837  1.00 36.84 ? 20  GLU A CB  1 
ATOM   48   C CG  . GLU A 1 8   ? -16.968 7.738   -3.719  1.00 37.00 ? 20  GLU A CG  1 
ATOM   49   C CD  . GLU A 1 8   ? -17.255 9.159   -3.275  1.00 38.06 ? 20  GLU A CD  1 
ATOM   50   O OE1 . GLU A 1 8   ? -16.826 10.126  -3.962  1.00 37.25 ? 20  GLU A OE1 1 
ATOM   51   O OE2 . GLU A 1 8   ? -17.914 9.296   -2.226  1.00 37.72 ? 20  GLU A OE2 1 
ATOM   52   N N   . GLN A 1 9   ? -13.451 6.622   -6.455  1.00 36.03 ? 21  GLN A N   1 
ATOM   53   C CA  . GLN A 1 9   ? -12.686 6.835   -7.697  1.00 35.34 ? 21  GLN A CA  1 
ATOM   54   C C   . GLN A 1 9   ? -11.602 5.804   -7.973  1.00 35.53 ? 21  GLN A C   1 
ATOM   55   O O   . GLN A 1 9   ? -11.040 5.782   -9.077  1.00 35.05 ? 21  GLN A O   1 
ATOM   56   C CB  . GLN A 1 9   ? -12.026 8.203   -7.672  1.00 35.66 ? 21  GLN A CB  1 
ATOM   57   C CG  . GLN A 1 9   ? -13.001 9.347   -7.525  1.00 36.20 ? 21  GLN A CG  1 
ATOM   58   C CD  . GLN A 1 9   ? -12.334 10.691  -7.731  1.00 37.30 ? 21  GLN A CD  1 
ATOM   59   O OE1 . GLN A 1 9   ? -11.571 10.881  -8.680  1.00 39.58 ? 21  GLN A OE1 1 
ATOM   60   N NE2 . GLN A 1 9   ? -12.620 11.632  -6.843  1.00 37.49 ? 21  GLN A NE2 1 
ATOM   61   N N   . GLY A 1 10  ? -11.313 4.958   -6.986  1.00 35.12 ? 22  GLY A N   1 
ATOM   62   C CA  . GLY A 1 10  ? -10.209 4.021   -7.072  1.00 35.99 ? 22  GLY A CA  1 
ATOM   63   C C   . GLY A 1 10  ? -10.409 2.881   -8.053  1.00 37.52 ? 22  GLY A C   1 
ATOM   64   O O   . GLY A 1 10  ? -11.524 2.391   -8.251  1.00 36.41 ? 22  GLY A O   1 
ATOM   65   N N   . GLU A 1 11  ? -9.303  2.462   -8.662  1.00 39.82 ? 23  GLU A N   1 
ATOM   66   C CA  . GLU A 1 11  ? -9.280  1.347   -9.599  1.00 41.21 ? 23  GLU A CA  1 
ATOM   67   C C   . GLU A 1 11  ? -9.054  0.040   -8.827  1.00 39.95 ? 23  GLU A C   1 
ATOM   68   O O   . GLU A 1 11  ? -8.151  -0.042  -7.986  1.00 36.52 ? 23  GLU A O   1 
ATOM   69   C CB  . GLU A 1 11  ? -8.151  1.567   -10.613 1.00 46.16 ? 23  GLU A CB  1 
ATOM   70   C CG  . GLU A 1 11  ? -8.017  0.509   -11.705 1.00 51.92 ? 23  GLU A CG  1 
ATOM   71   C CD  . GLU A 1 11  ? -6.583  0.348   -12.214 1.00 58.30 ? 23  GLU A CD  1 
ATOM   72   O OE1 . GLU A 1 11  ? -5.666  1.023   -11.689 1.00 64.94 ? 23  GLU A OE1 1 
ATOM   73   O OE2 . GLU A 1 11  ? -6.362  -0.468  -13.136 1.00 61.71 ? 23  GLU A OE2 1 
ATOM   74   N N   . ASP A 1 12  ? -9.871  -0.974  -9.114  1.00 38.95 ? 24  ASP A N   1 
ATOM   75   C CA  . ASP A 1 12  ? -9.689  -2.300  -8.526  1.00 39.41 ? 24  ASP A CA  1 
ATOM   76   C C   . ASP A 1 12  ? -8.517  -2.998  -9.208  1.00 37.50 ? 24  ASP A C   1 
ATOM   77   O O   . ASP A 1 12  ? -8.625  -3.424  -10.350 1.00 38.74 ? 24  ASP A O   1 
ATOM   78   C CB  . ASP A 1 12  ? -10.963 -3.141  -8.665  1.00 40.73 ? 24  ASP A CB  1 
ATOM   79   C CG  . ASP A 1 12  ? -10.879 -4.463  -7.917  1.00 41.74 ? 24  ASP A CG  1 
ATOM   80   O OD1 . ASP A 1 12  ? -9.781  -4.840  -7.453  1.00 41.03 ? 24  ASP A OD1 1 
ATOM   81   O OD2 . ASP A 1 12  ? -11.925 -5.131  -7.792  1.00 41.49 ? 24  ASP A OD2 1 
ATOM   82   N N   . ILE A 1 13  ? -7.404  -3.111  -8.490  1.00 36.05 ? 25  ILE A N   1 
ATOM   83   C CA  . ILE A 1 13  ? -6.173  -3.679  -9.042  1.00 35.36 ? 25  ILE A CA  1 
ATOM   84   C C   . ILE A 1 13  ? -5.962  -5.138  -8.599  1.00 36.20 ? 25  ILE A C   1 
ATOM   85   O O   . ILE A 1 13  ? -4.880  -5.703  -8.791  1.00 34.21 ? 25  ILE A O   1 
ATOM   86   C CB  . ILE A 1 13  ? -4.941  -2.812  -8.684  1.00 35.05 ? 25  ILE A CB  1 
ATOM   87   C CG1 . ILE A 1 13  ? -4.747  -2.704  -7.164  1.00 34.33 ? 25  ILE A CG1 1 
ATOM   88   C CG2 . ILE A 1 13  ? -5.082  -1.420  -9.298  1.00 34.86 ? 25  ILE A CG2 1 
ATOM   89   C CD1 . ILE A 1 13  ? -3.403  -2.137  -6.756  1.00 33.84 ? 25  ILE A CD1 1 
ATOM   90   N N   . THR A 1 14  ? -7.000  -5.741  -8.014  1.00 36.12 ? 26  THR A N   1 
ATOM   91   C CA  . THR A 1 14  ? -6.951  -7.140  -7.610  1.00 37.49 ? 26  THR A CA  1 
ATOM   92   C C   . THR A 1 14  ? -7.176  -8.033  -8.815  1.00 39.07 ? 26  THR A C   1 
ATOM   93   O O   . THR A 1 14  ? -7.839  -7.651  -9.780  1.00 38.68 ? 26  THR A O   1 
ATOM   94   C CB  . THR A 1 14  ? -8.012  -7.504  -6.545  1.00 36.36 ? 26  THR A CB  1 
ATOM   95   O OG1 . THR A 1 14  ? -9.333  -7.310  -7.073  1.00 36.24 ? 26  THR A OG1 1 
ATOM   96   C CG2 . THR A 1 14  ? -7.832  -6.669  -5.301  1.00 35.69 ? 26  THR A CG2 1 
ATOM   97   N N   . SER A 1 15  ? -6.615  -9.229  -8.737  1.00 41.41 ? 27  SER A N   1 
ATOM   98   C CA  . SER A 1 15  ? -6.782  -10.231 -9.769  1.00 43.64 ? 27  SER A CA  1 
ATOM   99   C C   . SER A 1 15  ? -8.201  -10.806 -9.765  1.00 42.77 ? 27  SER A C   1 
ATOM   100  O O   . SER A 1 15  ? -8.790  -11.007 -10.822 1.00 41.82 ? 27  SER A O   1 
ATOM   101  C CB  . SER A 1 15  ? -5.774  -11.349 -9.563  1.00 44.30 ? 27  SER A CB  1 
ATOM   102  O OG  . SER A 1 15  ? -5.930  -12.316 -10.573 1.00 49.33 ? 27  SER A OG  1 
ATOM   103  N N   . LYS A 1 16  ? -8.745  -11.057 -8.578  1.00 42.92 ? 28  LYS A N   1 
ATOM   104  C CA  . LYS A 1 16  ? -10.096 -11.604 -8.450  1.00 43.95 ? 28  LYS A CA  1 
ATOM   105  C C   . LYS A 1 16  ? -11.200 -10.561 -8.654  1.00 43.51 ? 28  LYS A C   1 
ATOM   106  O O   . LYS A 1 16  ? -12.371 -10.916 -8.741  1.00 43.69 ? 28  LYS A O   1 
ATOM   107  C CB  . LYS A 1 16  ? -10.261 -12.285 -7.092  1.00 45.82 ? 28  LYS A CB  1 
ATOM   108  C CG  . LYS A 1 16  ? -9.322  -13.466 -6.914  1.00 47.97 ? 28  LYS A CG  1 
ATOM   109  C CD  . LYS A 1 16  ? -9.761  -14.388 -5.788  1.00 49.85 ? 28  LYS A CD  1 
ATOM   110  C CE  . LYS A 1 16  ? -9.459  -13.789 -4.428  1.00 51.06 ? 28  LYS A CE  1 
ATOM   111  N NZ  . LYS A 1 16  ? -10.205 -14.519 -3.365  1.00 51.88 ? 28  LYS A NZ  1 
ATOM   112  N N   . LYS A 1 17  ? -10.822 -9.286  -8.733  1.00 42.32 ? 29  LYS A N   1 
ATOM   113  C CA  . LYS A 1 17  ? -11.763 -8.186  -8.933  1.00 42.66 ? 29  LYS A CA  1 
ATOM   114  C C   . LYS A 1 17  ? -12.878 -8.189  -7.881  1.00 41.54 ? 29  LYS A C   1 
ATOM   115  O O   . LYS A 1 17  ? -14.067 -8.102  -8.202  1.00 41.80 ? 29  LYS A O   1 
ATOM   116  C CB  . LYS A 1 17  ? -12.319 -8.189  -10.366 1.00 43.89 ? 29  LYS A CB  1 
ATOM   117  C CG  . LYS A 1 17  ? -11.270 -7.896  -11.436 1.00 44.46 ? 29  LYS A CG  1 
ATOM   118  C CD  . LYS A 1 17  ? -10.787 -6.454  -11.348 1.00 46.44 ? 29  LYS A CD  1 
ATOM   119  C CE  . LYS A 1 17  ? -9.942  -6.042  -12.547 1.00 48.23 ? 29  LYS A CE  1 
ATOM   120  N NZ  . LYS A 1 17  ? -8.504  -6.401  -12.386 1.00 49.53 ? 29  LYS A NZ  1 
ATOM   121  N N   . ASP A 1 18  ? -12.456 -8.258  -6.619  1.00 40.27 ? 30  ASP A N   1 
ATOM   122  C CA  . ASP A 1 18  ? -13.358 -8.229  -5.461  1.00 38.82 ? 30  ASP A CA  1 
ATOM   123  C C   . ASP A 1 18  ? -13.271 -6.896  -4.696  1.00 37.14 ? 30  ASP A C   1 
ATOM   124  O O   . ASP A 1 18  ? -13.735 -6.794  -3.553  1.00 37.27 ? 30  ASP A O   1 
ATOM   125  C CB  . ASP A 1 18  ? -13.047 -9.411  -4.531  1.00 38.96 ? 30  ASP A CB  1 
ATOM   126  C CG  . ASP A 1 18  ? -11.578 -9.498  -4.160  1.00 40.45 ? 30  ASP A CG  1 
ATOM   127  O OD1 . ASP A 1 18  ? -11.189 -10.497 -3.528  1.00 39.97 ? 30  ASP A OD1 1 
ATOM   128  O OD2 . ASP A 1 18  ? -10.808 -8.569  -4.501  1.00 42.28 ? 30  ASP A OD2 1 
ATOM   129  N N   . ARG A 1 19  ? -12.686 -5.883  -5.344  1.00 35.87 ? 31  ARG A N   1 
ATOM   130  C CA  . ARG A 1 19  ? -12.491 -4.537  -4.779  1.00 35.26 ? 31  ARG A CA  1 
ATOM   131  C C   . ARG A 1 19  ? -11.680 -4.505  -3.464  1.00 34.38 ? 31  ARG A C   1 
ATOM   132  O O   . ARG A 1 19  ? -11.794 -3.563  -2.662  1.00 33.41 ? 31  ARG A O   1 
ATOM   133  C CB  . ARG A 1 19  ? -13.848 -3.831  -4.621  1.00 36.50 ? 31  ARG A CB  1 
ATOM   134  C CG  . ARG A 1 19  ? -14.517 -3.491  -5.949  1.00 37.56 ? 31  ARG A CG  1 
ATOM   135  C CD  . ARG A 1 19  ? -15.878 -2.836  -5.736  1.00 39.25 ? 31  ARG A CD  1 
ATOM   136  N NE  . ARG A 1 19  ? -15.776 -1.556  -5.024  1.00 39.05 ? 31  ARG A NE  1 
ATOM   137  C CZ  . ARG A 1 19  ? -15.393 -0.408  -5.582  1.00 38.04 ? 31  ARG A CZ  1 
ATOM   138  N NH1 . ARG A 1 19  ? -15.061 -0.354  -6.869  1.00 37.87 ? 31  ARG A NH1 1 
ATOM   139  N NH2 . ARG A 1 19  ? -15.331 0.697   -4.848  1.00 38.50 ? 31  ARG A NH2 1 
ATOM   140  N N   . GLY A 1 20  ? -10.839 -5.521  -3.267  1.00 31.93 ? 32  GLY A N   1 
ATOM   141  C CA  . GLY A 1 20  ? -10.129 -5.703  -2.007  1.00 30.56 ? 32  GLY A CA  1 
ATOM   142  C C   . GLY A 1 20  ? -8.906  -4.809  -1.879  1.00 29.81 ? 32  GLY A C   1 
ATOM   143  O O   . GLY A 1 20  ? -8.399  -4.595  -0.775  1.00 27.92 ? 32  GLY A O   1 
ATOM   144  N N   . VAL A 1 21  ? -8.426  -4.310  -3.020  1.00 29.39 ? 33  VAL A N   1 
ATOM   145  C CA  . VAL A 1 21  ? -7.352  -3.325  -3.078  1.00 28.10 ? 33  VAL A CA  1 
ATOM   146  C C   . VAL A 1 21  ? -7.726  -2.288  -4.130  1.00 27.43 ? 33  VAL A C   1 
ATOM   147  O O   . VAL A 1 21  ? -7.783  -2.593  -5.330  1.00 26.50 ? 33  VAL A O   1 
ATOM   148  C CB  . VAL A 1 21  ? -5.992  -3.959  -3.445  1.00 27.50 ? 33  VAL A CB  1 
ATOM   149  C CG1 . VAL A 1 21  ? -4.875  -2.926  -3.318  1.00 26.58 ? 33  VAL A CG1 1 
ATOM   150  C CG2 . VAL A 1 21  ? -5.720  -5.171  -2.563  1.00 27.30 ? 33  VAL A CG2 1 
ATOM   151  N N   . LEU A 1 22  ? -7.986  -1.069  -3.673  1.00 27.78 ? 34  LEU A N   1 
ATOM   152  C CA  . LEU A 1 22  ? -8.359  0.041   -4.565  1.00 28.23 ? 34  LEU A CA  1 
ATOM   153  C C   . LEU A 1 22  ? -7.282  1.111   -4.573  1.00 27.39 ? 34  LEU A C   1 
ATOM   154  O O   . LEU A 1 22  ? -6.757  1.477   -3.515  1.00 26.92 ? 34  LEU A O   1 
ATOM   155  C CB  . LEU A 1 22  ? -9.677  0.663   -4.108  1.00 28.83 ? 34  LEU A CB  1 
ATOM   156  C CG  . LEU A 1 22  ? -10.903 -0.245  -4.181  1.00 28.97 ? 34  LEU A CG  1 
ATOM   157  C CD1 . LEU A 1 22  ? -12.046 0.347   -3.373  1.00 29.27 ? 34  LEU A CD1 1 
ATOM   158  C CD2 . LEU A 1 22  ? -11.318 -0.464  -5.626  1.00 29.26 ? 34  LEU A CD2 1 
ATOM   159  N N   . LYS A 1 23  ? -6.994  1.636   -5.764  1.00 26.71 ? 35  LYS A N   1 
ATOM   160  C CA  . LYS A 1 23  ? -5.867  2.527   -5.965  1.00 26.14 ? 35  LYS A CA  1 
ATOM   161  C C   . LYS A 1 23  ? -6.235  3.799   -6.722  1.00 27.73 ? 35  LYS A C   1 
ATOM   162  O O   . LYS A 1 23  ? -6.938  3.765   -7.738  1.00 27.77 ? 35  LYS A O   1 
ATOM   163  C CB  . LYS A 1 23  ? -4.747  1.807   -6.727  1.00 25.72 ? 35  LYS A CB  1 
ATOM   164  C CG  . LYS A 1 23  ? -3.567  2.713   -7.046  1.00 24.87 ? 35  LYS A CG  1 
ATOM   165  C CD  . LYS A 1 23  ? -2.577  2.076   -7.986  1.00 24.87 ? 35  LYS A CD  1 
ATOM   166  C CE  . LYS A 1 23  ? -1.483  3.070   -8.313  1.00 24.55 ? 35  LYS A CE  1 
ATOM   167  N NZ  . LYS A 1 23  ? -0.511  2.494   -9.265  1.00 25.07 ? 35  LYS A NZ  1 
ATOM   168  N N   . ILE A 1 24  ? -5.709  4.914   -6.223  1.00 28.91 ? 36  ILE A N   1 
ATOM   169  C CA  . ILE A 1 24  ? -5.741  6.185   -6.912  1.00 30.21 ? 36  ILE A CA  1 
ATOM   170  C C   . ILE A 1 24  ? -4.303  6.664   -7.027  1.00 29.89 ? 36  ILE A C   1 
ATOM   171  O O   . ILE A 1 24  ? -3.570  6.639   -6.047  1.00 30.29 ? 36  ILE A O   1 
ATOM   172  C CB  . ILE A 1 24  ? -6.571  7.219   -6.121  1.00 31.90 ? 36  ILE A CB  1 
ATOM   173  C CG1 . ILE A 1 24  ? -8.037  6.808   -6.118  1.00 32.86 ? 36  ILE A CG1 1 
ATOM   174  C CG2 . ILE A 1 24  ? -6.431  8.614   -6.720  1.00 33.17 ? 36  ILE A CG2 1 
ATOM   175  C CD1 . ILE A 1 24  ? -8.937  7.804   -5.425  1.00 34.78 ? 36  ILE A CD1 1 
ATOM   176  N N   . VAL A 1 25  ? -3.909  7.077   -8.229  1.00 30.20 ? 37  VAL A N   1 
ATOM   177  C CA  . VAL A 1 25  ? -2.666  7.816   -8.435  1.00 30.37 ? 37  VAL A CA  1 
ATOM   178  C C   . VAL A 1 25  ? -2.911  9.278   -8.056  1.00 31.30 ? 37  VAL A C   1 
ATOM   179  O O   . VAL A 1 25  ? -3.815  9.917   -8.597  1.00 31.31 ? 37  VAL A O   1 
ATOM   180  C CB  . VAL A 1 25  ? -2.187  7.727   -9.901  1.00 29.56 ? 37  VAL A CB  1 
ATOM   181  C CG1 . VAL A 1 25  ? -0.991  8.641   -10.145 1.00 29.44 ? 37  VAL A CG1 1 
ATOM   182  C CG2 . VAL A 1 25  ? -1.853  6.287   -10.257 1.00 29.36 ? 37  VAL A CG2 1 
ATOM   183  N N   . LYS A 1 26  ? -2.125  9.775   -7.098  1.00 32.20 ? 38  LYS A N   1 
ATOM   184  C CA  . LYS A 1 26  ? -2.175  11.170  -6.656  1.00 32.39 ? 38  LYS A CA  1 
ATOM   185  C C   . LYS A 1 26  ? -1.047  11.990  -7.297  1.00 33.15 ? 38  LYS A C   1 
ATOM   186  O O   . LYS A 1 26  ? -1.203  13.187  -7.547  1.00 33.03 ? 38  LYS A O   1 
ATOM   187  C CB  . LYS A 1 26  ? -2.046  11.264  -5.136  1.00 32.31 ? 38  LYS A CB  1 
ATOM   188  C CG  . LYS A 1 26  ? -3.024  10.412  -4.340  1.00 33.27 ? 38  LYS A CG  1 
ATOM   189  C CD  . LYS A 1 26  ? -4.492  10.717  -4.641  1.00 34.12 ? 38  LYS A CD  1 
ATOM   190  C CE  . LYS A 1 26  ? -4.874  12.152  -4.323  1.00 33.83 ? 38  LYS A CE  1 
ATOM   191  N NZ  . LYS A 1 26  ? -6.307  12.235  -3.915  1.00 34.87 ? 38  LYS A NZ  1 
ATOM   192  N N   . ARG A 1 27  ? 0.095   11.350  -7.526  1.00 32.57 ? 39  ARG A N   1 
ATOM   193  C CA  . ARG A 1 27  ? 1.170   11.961  -8.296  1.00 33.62 ? 39  ARG A CA  1 
ATOM   194  C C   . ARG A 1 27  ? 1.729   10.944  -9.268  1.00 33.26 ? 39  ARG A C   1 
ATOM   195  O O   . ARG A 1 27  ? 2.077   9.832   -8.877  1.00 31.99 ? 39  ARG A O   1 
ATOM   196  C CB  . ARG A 1 27  ? 2.279   12.452  -7.388  1.00 33.94 ? 39  ARG A CB  1 
ATOM   197  C CG  . ARG A 1 27  ? 3.396   13.158  -8.125  1.00 34.72 ? 39  ARG A CG  1 
ATOM   198  C CD  . ARG A 1 27  ? 4.449   13.624  -7.146  1.00 35.59 ? 39  ARG A CD  1 
ATOM   199  N NE  . ARG A 1 27  ? 3.903   14.630  -6.237  1.00 37.30 ? 39  ARG A NE  1 
ATOM   200  C CZ  . ARG A 1 27  ? 4.553   15.131  -5.187  1.00 38.84 ? 39  ARG A CZ  1 
ATOM   201  N NH1 . ARG A 1 27  ? 5.786   14.718  -4.889  1.00 40.23 ? 39  ARG A NH1 1 
ATOM   202  N NH2 . ARG A 1 27  ? 3.966   16.045  -4.426  1.00 38.15 ? 39  ARG A NH2 1 
ATOM   203  N N   . VAL A 1 28  ? 1.802   11.341  -10.533 1.00 34.89 ? 40  VAL A N   1 
ATOM   204  C CA  . VAL A 1 28  ? 2.336   10.503  -11.601 1.00 36.32 ? 40  VAL A CA  1 
ATOM   205  C C   . VAL A 1 28  ? 3.850   10.393  -11.437 1.00 35.90 ? 40  VAL A C   1 
ATOM   206  O O   . VAL A 1 28  ? 4.517   11.381  -11.114 1.00 35.34 ? 40  VAL A O   1 
ATOM   207  C CB  . VAL A 1 28  ? 1.956   11.079  -12.986 1.00 37.67 ? 40  VAL A CB  1 
ATOM   208  C CG1 . VAL A 1 28  ? 2.695   10.371  -14.110 1.00 39.21 ? 40  VAL A CG1 1 
ATOM   209  C CG2 . VAL A 1 28  ? 0.450   10.971  -13.194 1.00 39.03 ? 40  VAL A CG2 1 
ATOM   210  N N   . GLY A 1 29  ? 4.375   9.184   -11.639 1.00 36.87 ? 41  GLY A N   1 
ATOM   211  C CA  . GLY A 1 29  ? 5.811   8.916   -11.510 1.00 38.89 ? 41  GLY A CA  1 
ATOM   212  C C   . GLY A 1 29  ? 6.560   9.091   -12.815 1.00 41.46 ? 41  GLY A C   1 
ATOM   213  O O   . GLY A 1 29  ? 6.044   9.682   -13.755 1.00 41.44 ? 41  GLY A O   1 
ATOM   214  N N   . ASN A 1 30  ? 7.777   8.554   -12.869 1.00 46.98 ? 42  ASN A N   1 
ATOM   215  C CA  . ASN A 1 30  ? 8.679   8.735   -14.012 1.00 51.11 ? 42  ASN A CA  1 
ATOM   216  C C   . ASN A 1 30  ? 8.671   7.560   -14.974 1.00 51.50 ? 42  ASN A C   1 
ATOM   217  O O   . ASN A 1 30  ? 8.628   6.401   -14.560 1.00 53.09 ? 42  ASN A O   1 
ATOM   218  C CB  . ASN A 1 30  ? 10.121  8.921   -13.534 1.00 54.97 ? 42  ASN A CB  1 
ATOM   219  C CG  . ASN A 1 30  ? 10.258  10.012  -12.490 1.00 59.43 ? 42  ASN A CG  1 
ATOM   220  O OD1 . ASN A 1 30  ? 9.487   10.978  -12.469 1.00 61.45 ? 42  ASN A OD1 1 
ATOM   221  N ND2 . ASN A 1 30  ? 11.246  9.860   -11.612 1.00 63.30 ? 42  ASN A ND2 1 
ATOM   222  N N   . GLY A 1 31  ? 8.746   7.869   -16.264 1.00 50.63 ? 43  GLY A N   1 
ATOM   223  C CA  . GLY A 1 31  ? 8.897   6.853   -17.287 1.00 50.24 ? 43  GLY A CA  1 
ATOM   224  C C   . GLY A 1 31  ? 7.738   5.881   -17.304 1.00 49.89 ? 43  GLY A C   1 
ATOM   225  O O   . GLY A 1 31  ? 6.588   6.270   -17.070 1.00 49.94 ? 43  GLY A O   1 
ATOM   226  N N   . GLU A 1 32  ? 8.047   4.616   -17.583 1.00 47.48 ? 44  GLU A N   1 
ATOM   227  C CA  . GLU A 1 32  ? 7.020   3.579   -17.697 1.00 46.19 ? 44  GLU A CA  1 
ATOM   228  C C   . GLU A 1 32  ? 7.239   2.375   -16.778 1.00 43.73 ? 44  GLU A C   1 
ATOM   229  O O   . GLU A 1 32  ? 6.264   1.671   -16.465 1.00 40.56 ? 44  GLU A O   1 
ATOM   230  C CB  . GLU A 1 32  ? 6.893   3.099   -19.156 1.00 47.24 ? 44  GLU A CB  1 
ATOM   231  C CG  . GLU A 1 32  ? 6.149   4.054   -20.085 1.00 49.81 ? 44  GLU A CG  1 
ATOM   232  C CD  . GLU A 1 32  ? 4.687   4.286   -19.694 1.00 52.15 ? 44  GLU A CD  1 
ATOM   233  O OE1 . GLU A 1 32  ? 4.047   3.357   -19.156 1.00 53.75 ? 44  GLU A OE1 1 
ATOM   234  O OE2 . GLU A 1 32  ? 4.167   5.404   -19.923 1.00 54.07 ? 44  GLU A OE2 1 
ATOM   235  N N   . GLU A 1 33  ? 8.481   2.123   -16.345 1.00 40.12 ? 45  GLU A N   1 
ATOM   236  C CA  . GLU A 1 33  ? 8.753   0.852   -15.690 1.00 40.17 ? 45  GLU A CA  1 
ATOM   237  C C   . GLU A 1 33  ? 8.267   0.770   -14.255 1.00 37.21 ? 45  GLU A C   1 
ATOM   238  O O   . GLU A 1 33  ? 8.239   1.747   -13.520 1.00 37.66 ? 45  GLU A O   1 
ATOM   239  C CB  . GLU A 1 33  ? 10.201  0.354   -15.867 1.00 41.67 ? 45  GLU A CB  1 
ATOM   240  C CG  . GLU A 1 33  ? 11.345  1.112   -15.236 1.00 43.48 ? 45  GLU A CG  1 
ATOM   241  C CD  . GLU A 1 33  ? 12.665  0.399   -15.509 1.00 44.93 ? 45  GLU A CD  1 
ATOM   242  O OE1 . GLU A 1 33  ? 13.557  0.980   -16.171 1.00 45.95 ? 45  GLU A OE1 1 
ATOM   243  O OE2 . GLU A 1 33  ? 12.798  -0.774  -15.090 1.00 46.34 ? 45  GLU A OE2 1 
ATOM   244  N N   . THR A 1 34  ? 7.836   -0.429  -13.904 1.00 34.66 ? 46  THR A N   1 
ATOM   245  C CA  . THR A 1 34  ? 7.273   -0.727  -12.603 1.00 33.05 ? 46  THR A CA  1 
ATOM   246  C C   . THR A 1 34  ? 8.032   -1.922  -12.036 1.00 33.78 ? 46  THR A C   1 
ATOM   247  O O   . THR A 1 34  ? 8.638   -2.693  -12.793 1.00 34.49 ? 46  THR A O   1 
ATOM   248  C CB  . THR A 1 34  ? 5.793   -1.061  -12.752 1.00 31.79 ? 46  THR A CB  1 
ATOM   249  O OG1 . THR A 1 34  ? 5.646   -2.209  -13.598 1.00 30.13 ? 46  THR A OG1 1 
ATOM   250  C CG2 . THR A 1 34  ? 5.057   0.109   -13.370 1.00 31.37 ? 46  THR A CG2 1 
ATOM   251  N N   . PRO A 1 35  ? 8.010   -2.090  -10.706 1.00 34.51 ? 47  PRO A N   1 
ATOM   252  C CA  . PRO A 1 35  ? 8.963   -3.053  -10.140 1.00 34.13 ? 47  PRO A CA  1 
ATOM   253  C C   . PRO A 1 35  ? 8.670   -4.536  -10.431 1.00 33.59 ? 47  PRO A C   1 
ATOM   254  O O   . PRO A 1 35  ? 7.527   -4.914  -10.683 1.00 31.34 ? 47  PRO A O   1 
ATOM   255  C CB  . PRO A 1 35  ? 8.946   -2.743  -8.633  1.00 34.43 ? 47  PRO A CB  1 
ATOM   256  C CG  . PRO A 1 35  ? 7.724   -1.938  -8.383  1.00 33.92 ? 47  PRO A CG  1 
ATOM   257  C CD  . PRO A 1 35  ? 7.324   -1.291  -9.676  1.00 34.58 ? 47  PRO A CD  1 
ATOM   258  N N   . MET A 1 36  ? 9.736   -5.336  -10.429 1.00 34.91 ? 48  MET A N   1 
ATOM   259  C CA  . MET A 1 36  ? 9.678   -6.784  -10.599 1.00 35.98 ? 48  MET A CA  1 
ATOM   260  C C   . MET A 1 36  ? 9.581   -7.448  -9.230  1.00 35.54 ? 48  MET A C   1 
ATOM   261  O O   . MET A 1 36  ? 9.904   -6.840  -8.215  1.00 35.33 ? 48  MET A O   1 
ATOM   262  C CB  . MET A 1 36  ? 10.959  -7.292  -11.267 1.00 38.31 ? 48  MET A CB  1 
ATOM   263  C CG  . MET A 1 36  ? 11.341  -6.608  -12.569 1.00 41.07 ? 48  MET A CG  1 
ATOM   264  S SD  . MET A 1 36  ? 10.209  -7.064  -13.885 1.00 46.33 ? 48  MET A SD  1 
ATOM   265  C CE  . MET A 1 36  ? 10.823  -6.101  -15.270 1.00 45.13 ? 48  MET A CE  1 
ATOM   266  N N   . ILE A 1 37  ? 9.163   -8.710  -9.214  1.00 34.04 ? 49  ILE A N   1 
ATOM   267  C CA  . ILE A 1 37  ? 9.229   -9.536  -8.002  1.00 33.76 ? 49  ILE A CA  1 
ATOM   268  C C   . ILE A 1 37  ? 10.689  -9.732  -7.578  1.00 33.50 ? 49  ILE A C   1 
ATOM   269  O O   . ILE A 1 37  ? 11.552  -9.977  -8.414  1.00 34.86 ? 49  ILE A O   1 
ATOM   270  C CB  . ILE A 1 37  ? 8.510   -10.886 -8.233  1.00 34.43 ? 49  ILE A CB  1 
ATOM   271  C CG1 . ILE A 1 37  ? 7.000   -10.652 -8.164  1.00 35.25 ? 49  ILE A CG1 1 
ATOM   272  C CG2 . ILE A 1 37  ? 8.926   -11.943 -7.215  1.00 33.56 ? 49  ILE A CG2 1 
ATOM   273  C CD1 . ILE A 1 37  ? 6.204   -11.705 -8.884  1.00 37.14 ? 49  ILE A CD1 1 
ATOM   274  N N   . GLY A 1 38  ? 10.958  -9.587  -6.285  1.00 32.54 ? 50  GLY A N   1 
ATOM   275  C CA  . GLY A 1 38  ? 12.322  -9.630  -5.757  1.00 33.01 ? 50  GLY A CA  1 
ATOM   276  C C   . GLY A 1 38  ? 13.086  -8.306  -5.819  1.00 33.39 ? 50  GLY A C   1 
ATOM   277  O O   . GLY A 1 38  ? 14.185  -8.204  -5.282  1.00 32.05 ? 50  GLY A O   1 
ATOM   278  N N   . ASP A 1 39  ? 12.524  -7.284  -6.467  1.00 33.21 ? 51  ASP A N   1 
ATOM   279  C CA  . ASP A 1 39  ? 13.129  -5.959  -6.414  1.00 31.93 ? 51  ASP A CA  1 
ATOM   280  C C   . ASP A 1 39  ? 13.104  -5.448  -4.974  1.00 32.31 ? 51  ASP A C   1 
ATOM   281  O O   . ASP A 1 39  ? 12.131  -5.630  -4.230  1.00 31.79 ? 51  ASP A O   1 
ATOM   282  C CB  . ASP A 1 39  ? 12.419  -4.952  -7.330  1.00 31.24 ? 51  ASP A CB  1 
ATOM   283  C CG  . ASP A 1 39  ? 12.804  -5.096  -8.796  1.00 31.95 ? 51  ASP A CG  1 
ATOM   284  O OD1 . ASP A 1 39  ? 13.646  -5.945  -9.136  1.00 33.78 ? 51  ASP A OD1 1 
ATOM   285  O OD2 . ASP A 1 39  ? 12.256  -4.342  -9.628  1.00 32.16 ? 51  ASP A OD2 1 
ATOM   286  N N   . LYS A 1 40  ? 14.203  -4.823  -4.595  1.00 32.68 ? 52  LYS A N   1 
ATOM   287  C CA  . LYS A 1 40  ? 14.339  -4.177  -3.312  1.00 33.50 ? 52  LYS A CA  1 
ATOM   288  C C   . LYS A 1 40  ? 13.728  -2.800  -3.504  1.00 31.98 ? 52  LYS A C   1 
ATOM   289  O O   . LYS A 1 40  ? 14.276  -1.989  -4.252  1.00 30.93 ? 52  LYS A O   1 
ATOM   290  C CB  . LYS A 1 40  ? 15.827  -4.092  -2.966  1.00 36.55 ? 52  LYS A CB  1 
ATOM   291  C CG  . LYS A 1 40  ? 16.153  -3.583  -1.577  1.00 39.90 ? 52  LYS A CG  1 
ATOM   292  C CD  . LYS A 1 40  ? 17.659  -3.488  -1.390  1.00 42.60 ? 52  LYS A CD  1 
ATOM   293  C CE  . LYS A 1 40  ? 18.009  -2.785  -0.090  1.00 46.39 ? 52  LYS A CE  1 
ATOM   294  N NZ  . LYS A 1 40  ? 19.472  -2.521  0.022   1.00 49.49 ? 52  LYS A NZ  1 
ATOM   295  N N   . VAL A 1 41  ? 12.569  -2.553  -2.889  1.00 31.14 ? 53  VAL A N   1 
ATOM   296  C CA  . VAL A 1 41  ? 11.861  -1.282  -3.079  1.00 31.04 ? 53  VAL A CA  1 
ATOM   297  C C   . VAL A 1 41  ? 11.996  -0.371  -1.846  1.00 31.88 ? 53  VAL A C   1 
ATOM   298  O O   . VAL A 1 41  ? 11.977  -0.852  -0.695  1.00 29.29 ? 53  VAL A O   1 
ATOM   299  C CB  . VAL A 1 41  ? 10.365  -1.478  -3.478  1.00 30.97 ? 53  VAL A CB  1 
ATOM   300  C CG1 . VAL A 1 41  ? 10.223  -2.438  -4.653  1.00 31.12 ? 53  VAL A CG1 1 
ATOM   301  C CG2 . VAL A 1 41  ? 9.532   -1.983  -2.323  1.00 31.56 ? 53  VAL A CG2 1 
ATOM   302  N N   . TYR A 1 42  ? 12.135  0.935   -2.114  1.00 32.15 ? 54  TYR A N   1 
ATOM   303  C CA  . TYR A 1 42  ? 12.221  1.984   -1.089  1.00 33.25 ? 54  TYR A CA  1 
ATOM   304  C C   . TYR A 1 42  ? 10.972  2.864   -1.170  1.00 32.00 ? 54  TYR A C   1 
ATOM   305  O O   . TYR A 1 42  ? 10.627  3.358   -2.246  1.00 33.88 ? 54  TYR A O   1 
ATOM   306  C CB  . TYR A 1 42  ? 13.460  2.868   -1.302  1.00 34.87 ? 54  TYR A CB  1 
ATOM   307  C CG  . TYR A 1 42  ? 14.777  2.114   -1.369  1.00 38.55 ? 54  TYR A CG  1 
ATOM   308  C CD1 . TYR A 1 42  ? 15.702  2.188   -0.328  1.00 40.19 ? 54  TYR A CD1 1 
ATOM   309  C CD2 . TYR A 1 42  ? 15.098  1.325   -2.478  1.00 39.90 ? 54  TYR A CD2 1 
ATOM   310  C CE1 . TYR A 1 42  ? 16.904  1.495   -0.391  1.00 42.89 ? 54  TYR A CE1 1 
ATOM   311  C CE2 . TYR A 1 42  ? 16.292  0.630   -2.545  1.00 41.00 ? 54  TYR A CE2 1 
ATOM   312  C CZ  . TYR A 1 42  ? 17.191  0.718   -1.505  1.00 42.49 ? 54  TYR A CZ  1 
ATOM   313  O OH  . TYR A 1 42  ? 18.382  0.025   -1.585  1.00 48.78 ? 54  TYR A OH  1 
ATOM   314  N N   . VAL A 1 43  ? 10.293  3.056   -0.043  1.00 30.09 ? 55  VAL A N   1 
ATOM   315  C CA  . VAL A 1 43  ? 9.081   3.872   -0.015  1.00 30.40 ? 55  VAL A CA  1 
ATOM   316  C C   . VAL A 1 43  ? 9.055   4.759   1.217   1.00 30.37 ? 55  VAL A C   1 
ATOM   317  O O   . VAL A 1 43  ? 9.746   4.489   2.193   1.00 30.43 ? 55  VAL A O   1 
ATOM   318  C CB  . VAL A 1 43  ? 7.784   3.016   -0.030  1.00 29.46 ? 55  VAL A CB  1 
ATOM   319  C CG1 . VAL A 1 43  ? 7.773   2.058   -1.210  1.00 28.55 ? 55  VAL A CG1 1 
ATOM   320  C CG2 . VAL A 1 43  ? 7.613   2.248   1.274   1.00 29.51 ? 55  VAL A CG2 1 
ATOM   321  N N   . HIS A 1 44  ? 8.286   5.842   1.133   1.00 30.63 ? 56  HIS A N   1 
ATOM   322  C CA  . HIS A 1 44  ? 7.762   6.508   2.314   1.00 31.34 ? 56  HIS A CA  1 
ATOM   323  C C   . HIS A 1 44  ? 6.265   6.284   2.270   1.00 30.44 ? 56  HIS A C   1 
ATOM   324  O O   . HIS A 1 44  ? 5.663   6.189   1.195   1.00 30.66 ? 56  HIS A O   1 
ATOM   325  C CB  . HIS A 1 44  ? 8.087   8.013   2.354   1.00 33.43 ? 56  HIS A CB  1 
ATOM   326  C CG  . HIS A 1 44  ? 9.441   8.325   2.931   1.00 37.27 ? 56  HIS A CG  1 
ATOM   327  N ND1 . HIS A 1 44  ? 10.444  8.925   2.197   1.00 39.41 ? 56  HIS A ND1 1 
ATOM   328  C CD2 . HIS A 1 44  ? 9.964   8.097   4.161   1.00 38.81 ? 56  HIS A CD2 1 
ATOM   329  C CE1 . HIS A 1 44  ? 11.521  9.061   2.951   1.00 39.89 ? 56  HIS A CE1 1 
ATOM   330  N NE2 . HIS A 1 44  ? 11.259  8.563   4.146   1.00 39.54 ? 56  HIS A NE2 1 
ATOM   331  N N   . TYR A 1 45  ? 5.658   6.176   3.435   1.00 29.24 ? 57  TYR A N   1 
ATOM   332  C CA  . TYR A 1 45  ? 4.234   5.988   3.485   1.00 29.86 ? 57  TYR A CA  1 
ATOM   333  C C   . TYR A 1 45  ? 3.642   6.636   4.725   1.00 29.90 ? 57  TYR A C   1 
ATOM   334  O O   . TYR A 1 45  ? 4.336   6.905   5.714   1.00 30.44 ? 57  TYR A O   1 
ATOM   335  C CB  . TYR A 1 45  ? 3.893   4.490   3.451   1.00 29.15 ? 57  TYR A CB  1 
ATOM   336  C CG  . TYR A 1 45  ? 4.226   3.803   4.750   1.00 28.85 ? 57  TYR A CG  1 
ATOM   337  C CD1 . TYR A 1 45  ? 3.274   3.686   5.753   1.00 29.24 ? 57  TYR A CD1 1 
ATOM   338  C CD2 . TYR A 1 45  ? 5.507   3.305   4.991   1.00 28.63 ? 57  TYR A CD2 1 
ATOM   339  C CE1 . TYR A 1 45  ? 3.581   3.084   6.961   1.00 29.94 ? 57  TYR A CE1 1 
ATOM   340  C CE2 . TYR A 1 45  ? 5.824   2.695   6.187   1.00 28.52 ? 57  TYR A CE2 1 
ATOM   341  C CZ  . TYR A 1 45  ? 4.858   2.586   7.169   1.00 29.56 ? 57  TYR A CZ  1 
ATOM   342  O OH  . TYR A 1 45  ? 5.167   1.992   8.368   1.00 29.75 ? 57  TYR A OH  1 
ATOM   343  N N   . LYS A 1 46  ? 2.352   6.903   4.621   1.00 29.43 ? 58  LYS A N   1 
ATOM   344  C CA  . LYS A 1 46  ? 1.513   7.257   5.737   1.00 30.75 ? 58  LYS A CA  1 
ATOM   345  C C   . LYS A 1 46  ? 0.344   6.292   5.670   1.00 30.41 ? 58  LYS A C   1 
ATOM   346  O O   . LYS A 1 46  ? -0.212  6.073   4.596   1.00 28.62 ? 58  LYS A O   1 
ATOM   347  C CB  . LYS A 1 46  ? 0.997   8.686   5.595   1.00 30.88 ? 58  LYS A CB  1 
ATOM   348  C CG  . LYS A 1 46  ? 2.081   9.741   5.551   1.00 31.46 ? 58  LYS A CG  1 
ATOM   349  C CD  . LYS A 1 46  ? 1.480   11.128  5.419   1.00 31.19 ? 58  LYS A CD  1 
ATOM   350  C CE  . LYS A 1 46  ? 2.541   12.203  5.585   1.00 32.23 ? 58  LYS A CE  1 
ATOM   351  N NZ  . LYS A 1 46  ? 1.959   13.574  5.503   1.00 33.21 ? 58  LYS A NZ  1 
ATOM   352  N N   . GLY A 1 47  ? -0.013  5.704   6.803   1.00 30.79 ? 59  GLY A N   1 
ATOM   353  C CA  . GLY A 1 47  ? -1.146  4.806   6.839   1.00 31.87 ? 59  GLY A CA  1 
ATOM   354  C C   . GLY A 1 47  ? -1.894  4.831   8.150   1.00 33.19 ? 59  GLY A C   1 
ATOM   355  O O   . GLY A 1 47  ? -1.400  5.329   9.151   1.00 31.58 ? 59  GLY A O   1 
ATOM   356  N N   . LYS A 1 48  ? -3.091  4.259   8.127   1.00 36.00 ? 60  LYS A N   1 
ATOM   357  C CA  . LYS A 1 48  ? -3.974  4.249   9.279   1.00 38.72 ? 60  LYS A CA  1 
ATOM   358  C C   . LYS A 1 48  ? -5.137  3.314   8.985   1.00 40.13 ? 60  LYS A C   1 
ATOM   359  O O   . LYS A 1 48  ? -5.301  2.860   7.847   1.00 39.54 ? 60  LYS A O   1 
ATOM   360  C CB  . LYS A 1 48  ? -4.503  5.662   9.553   1.00 40.25 ? 60  LYS A CB  1 
ATOM   361  C CG  . LYS A 1 48  ? -5.157  6.318   8.339   1.00 42.43 ? 60  LYS A CG  1 
ATOM   362  C CD  . LYS A 1 48  ? -5.692  7.705   8.649   1.00 44.49 ? 60  LYS A CD  1 
ATOM   363  C CE  . LYS A 1 48  ? -6.603  8.197   7.540   1.00 45.46 ? 60  LYS A CE  1 
ATOM   364  N NZ  . LYS A 1 48  ? -7.394  9.376   7.970   1.00 46.46 ? 60  LYS A NZ  1 
ATOM   365  N N   . LEU A 1 49  ? -5.944  3.035   10.003  1.00 42.29 ? 61  LEU A N   1 
ATOM   366  C CA  . LEU A 1 49  ? -7.204  2.325   9.800   1.00 45.23 ? 61  LEU A CA  1 
ATOM   367  C C   . LEU A 1 49  ? -8.131  3.254   9.049   1.00 47.57 ? 61  LEU A C   1 
ATOM   368  O O   . LEU A 1 49  ? -7.958  4.470   9.104   1.00 48.57 ? 61  LEU A O   1 
ATOM   369  C CB  . LEU A 1 49  ? -7.844  1.940   11.130  1.00 45.23 ? 61  LEU A CB  1 
ATOM   370  C CG  . LEU A 1 49  ? -7.005  1.106   12.101  1.00 45.44 ? 61  LEU A CG  1 
ATOM   371  C CD1 . LEU A 1 49  ? -7.906  0.560   13.199  1.00 46.72 ? 61  LEU A CD1 1 
ATOM   372  C CD2 . LEU A 1 49  ? -6.280  -0.032  11.393  1.00 45.42 ? 61  LEU A CD2 1 
ATOM   373  N N   . SER A 1 50  ? -9.108  2.690   8.345   1.00 50.71 ? 62  SER A N   1 
ATOM   374  C CA  . SER A 1 50  ? -10.041 3.503   7.557   1.00 54.31 ? 62  SER A CA  1 
ATOM   375  C C   . SER A 1 50  ? -10.728 4.567   8.430   1.00 55.17 ? 62  SER A C   1 
ATOM   376  O O   . SER A 1 50  ? -10.971 5.692   7.973   1.00 55.74 ? 62  SER A O   1 
ATOM   377  C CB  . SER A 1 50  ? -11.088 2.619   6.863   1.00 54.97 ? 62  SER A CB  1 
ATOM   378  O OG  . SER A 1 50  ? -11.844 1.881   7.812   1.00 56.91 ? 62  SER A OG  1 
ATOM   379  N N   . ASN A 1 51  ? -11.005 4.208   9.685   1.00 54.65 ? 63  ASN A N   1 
ATOM   380  C CA  . ASN A 1 51  ? -11.643 5.117   10.647  1.00 55.05 ? 63  ASN A CA  1 
ATOM   381  C C   . ASN A 1 51  ? -10.736 6.214   11.242  1.00 55.56 ? 63  ASN A C   1 
ATOM   382  O O   . ASN A 1 51  ? -11.180 6.972   12.105  1.00 57.35 ? 63  ASN A O   1 
ATOM   383  C CB  . ASN A 1 51  ? -12.294 4.312   11.782  1.00 55.03 ? 63  ASN A CB  1 
ATOM   384  C CG  . ASN A 1 51  ? -11.279 3.651   12.694  1.00 54.76 ? 63  ASN A CG  1 
ATOM   385  O OD1 . ASN A 1 51  ? -10.104 4.007   12.701  1.00 53.37 ? 63  ASN A OD1 1 
ATOM   386  N ND2 . ASN A 1 51  ? -11.736 2.680   13.473  1.00 56.10 ? 63  ASN A ND2 1 
ATOM   387  N N   . GLY A 1 52  ? -9.480  6.289   10.799  1.00 55.27 ? 64  GLY A N   1 
ATOM   388  C CA  . GLY A 1 52  ? -8.583  7.390   11.177  1.00 53.81 ? 64  GLY A CA  1 
ATOM   389  C C   . GLY A 1 52  ? -7.630  7.055   12.310  1.00 53.30 ? 64  GLY A C   1 
ATOM   390  O O   . GLY A 1 52  ? -6.748  7.848   12.649  1.00 53.33 ? 64  GLY A O   1 
ATOM   391  N N   . LYS A 1 53  ? -7.789  5.861   12.867  1.00 52.49 ? 65  LYS A N   1 
ATOM   392  C CA  . LYS A 1 53  ? -7.084  5.441   14.068  1.00 52.83 ? 65  LYS A CA  1 
ATOM   393  C C   . LYS A 1 53  ? -5.743  4.767   13.715  1.00 50.54 ? 65  LYS A C   1 
ATOM   394  O O   . LYS A 1 53  ? -5.527  4.363   12.574  1.00 49.24 ? 65  LYS A O   1 
ATOM   395  C CB  . LYS A 1 53  ? -8.002  4.473   14.808  1.00 55.76 ? 65  LYS A CB  1 
ATOM   396  C CG  . LYS A 1 53  ? -7.825  4.352   16.307  1.00 60.51 ? 65  LYS A CG  1 
ATOM   397  C CD  . LYS A 1 53  ? -8.995  3.573   16.920  1.00 65.86 ? 65  LYS A CD  1 
ATOM   398  C CE  . LYS A 1 53  ? -9.372  2.346   16.081  1.00 68.98 ? 65  LYS A CE  1 
ATOM   399  N NZ  . LYS A 1 53  ? -10.350 1.430   16.727  1.00 72.28 ? 65  LYS A NZ  1 
ATOM   400  N N   . LYS A 1 54  ? -4.849  4.677   14.702  1.00 49.62 ? 66  LYS A N   1 
ATOM   401  C CA  . LYS A 1 54  ? -3.539  3.993   14.588  1.00 48.74 ? 66  LYS A CA  1 
ATOM   402  C C   . LYS A 1 54  ? -2.642  4.500   13.452  1.00 45.97 ? 66  LYS A C   1 
ATOM   403  O O   . LYS A 1 54  ? -2.053  3.716   12.700  1.00 45.04 ? 66  LYS A O   1 
ATOM   404  C CB  . LYS A 1 54  ? -3.722  2.472   14.493  1.00 51.78 ? 66  LYS A CB  1 
ATOM   405  C CG  . LYS A 1 54  ? -4.580  1.879   15.608  1.00 55.48 ? 66  LYS A CG  1 
ATOM   406  C CD  . LYS A 1 54  ? -3.925  1.989   16.986  1.00 58.19 ? 66  LYS A CD  1 
ATOM   407  C CE  . LYS A 1 54  ? -4.953  2.196   18.093  1.00 59.52 ? 66  LYS A CE  1 
ATOM   408  N NZ  . LYS A 1 54  ? -6.046  1.185   18.044  1.00 62.24 ? 66  LYS A NZ  1 
ATOM   409  N N   . PHE A 1 55  ? -2.523  5.820   13.356  1.00 42.91 ? 67  PHE A N   1 
ATOM   410  C CA  . PHE A 1 55  ? -1.699  6.448   12.334  1.00 40.68 ? 67  PHE A CA  1 
ATOM   411  C C   . PHE A 1 55  ? -0.223  6.047   12.455  1.00 42.15 ? 67  PHE A C   1 
ATOM   412  O O   . PHE A 1 55  ? 0.347   6.002   13.552  1.00 42.61 ? 67  PHE A O   1 
ATOM   413  C CB  . PHE A 1 55  ? -1.836  7.972   12.401  1.00 39.82 ? 67  PHE A CB  1 
ATOM   414  C CG  . PHE A 1 55  ? -1.264  8.690   11.208  1.00 37.59 ? 67  PHE A CG  1 
ATOM   415  C CD1 . PHE A 1 55  ? 0.046   9.142   11.216  1.00 37.88 ? 67  PHE A CD1 1 
ATOM   416  C CD2 . PHE A 1 55  ? -2.038  8.912   10.076  1.00 36.42 ? 67  PHE A CD2 1 
ATOM   417  C CE1 . PHE A 1 55  ? 0.577   9.807   10.118  1.00 36.53 ? 67  PHE A CE1 1 
ATOM   418  C CE2 . PHE A 1 55  ? -1.515  9.568   8.977   1.00 36.49 ? 67  PHE A CE2 1 
ATOM   419  C CZ  . PHE A 1 55  ? -0.207  10.018  8.999   1.00 35.99 ? 67  PHE A CZ  1 
ATOM   420  N N   . ASP A 1 56  ? 0.381   5.755   11.307  1.00 42.00 ? 68  ASP A N   1 
ATOM   421  C CA  . ASP A 1 56  ? 1.781   5.386   11.222  1.00 42.03 ? 68  ASP A CA  1 
ATOM   422  C C   . ASP A 1 56  ? 2.392   6.071   10.001  1.00 41.09 ? 68  ASP A C   1 
ATOM   423  O O   . ASP A 1 56  ? 1.750   6.171   8.956   1.00 41.19 ? 68  ASP A O   1 
ATOM   424  C CB  . ASP A 1 56  ? 1.899   3.866   11.087  1.00 42.80 ? 68  ASP A CB  1 
ATOM   425  C CG  . ASP A 1 56  ? 3.331   3.381   11.092  1.00 44.16 ? 68  ASP A CG  1 
ATOM   426  O OD1 . ASP A 1 56  ? 4.169   3.986   11.794  1.00 45.50 ? 68  ASP A OD1 1 
ATOM   427  O OD2 . ASP A 1 56  ? 3.619   2.387   10.390  1.00 46.82 ? 68  ASP A OD2 1 
ATOM   428  N N   . SER A 1 57  ? 3.622   6.553   10.142  1.00 40.03 ? 69  SER A N   1 
ATOM   429  C CA  . SER A 1 57  ? 4.333   7.174   9.029   1.00 39.92 ? 69  SER A CA  1 
ATOM   430  C C   . SER A 1 57  ? 5.832   6.900   9.101   1.00 40.07 ? 69  SER A C   1 
ATOM   431  O O   . SER A 1 57  ? 6.441   6.998   10.167  1.00 38.23 ? 69  SER A O   1 
ATOM   432  C CB  . SER A 1 57  ? 4.098   8.684   9.013   1.00 39.39 ? 69  SER A CB  1 
ATOM   433  O OG  . SER A 1 57  ? 4.976   9.311   8.094   1.00 40.01 ? 69  SER A OG  1 
ATOM   434  N N   . SER A 1 58  ? 6.415   6.583   7.947   1.00 40.15 ? 70  SER A N   1 
ATOM   435  C CA  . SER A 1 58  ? 7.848   6.332   7.826   1.00 39.81 ? 70  SER A CA  1 
ATOM   436  C C   . SER A 1 58  ? 8.667   7.611   7.969   1.00 41.92 ? 70  SER A C   1 
ATOM   437  O O   . SER A 1 58  ? 9.853   7.557   8.294   1.00 39.38 ? 70  SER A O   1 
ATOM   438  C CB  . SER A 1 58  ? 8.146   5.719   6.460   1.00 39.09 ? 70  SER A CB  1 
ATOM   439  O OG  . SER A 1 58  ? 7.681   6.584   5.439   1.00 37.26 ? 70  SER A OG  1 
ATOM   440  N N   . HIS A 1 59  ? 8.037   8.753   7.698   1.00 46.42 ? 71  HIS A N   1 
ATOM   441  C CA  . HIS A 1 59  ? 8.720   10.045  7.748   1.00 52.19 ? 71  HIS A CA  1 
ATOM   442  C C   . HIS A 1 59  ? 9.188   10.376  9.157   1.00 56.18 ? 71  HIS A C   1 
ATOM   443  O O   . HIS A 1 59  ? 10.340  10.767  9.355   1.00 56.92 ? 71  HIS A O   1 
ATOM   444  C CB  . HIS A 1 59  ? 7.812   11.164  7.242   1.00 52.45 ? 71  HIS A CB  1 
ATOM   445  C CG  . HIS A 1 59  ? 7.521   11.088  5.776   1.00 53.69 ? 71  HIS A CG  1 
ATOM   446  N ND1 . HIS A 1 59  ? 8.462   11.396  4.815   1.00 53.15 ? 71  HIS A ND1 1 
ATOM   447  C CD2 . HIS A 1 59  ? 6.393   10.746  5.107   1.00 54.85 ? 71  HIS A CD2 1 
ATOM   448  C CE1 . HIS A 1 59  ? 7.924   11.247  3.616   1.00 56.17 ? 71  HIS A CE1 1 
ATOM   449  N NE2 . HIS A 1 59  ? 6.669   10.854  3.766   1.00 56.24 ? 71  HIS A NE2 1 
ATOM   450  N N   . ASP A 1 60  ? 8.306   10.189  10.137  1.00 61.55 ? 72  ASP A N   1 
ATOM   451  C CA  . ASP A 1 60  ? 8.630   10.544  11.522  1.00 66.17 ? 72  ASP A CA  1 
ATOM   452  C C   . ASP A 1 60  ? 9.685   9.636   12.174  1.00 66.62 ? 72  ASP A C   1 
ATOM   453  O O   . ASP A 1 60  ? 10.010  9.824   13.345  1.00 74.10 ? 72  ASP A O   1 
ATOM   454  C CB  . ASP A 1 60  ? 7.364   10.658  12.395  1.00 68.52 ? 72  ASP A CB  1 
ATOM   455  C CG  . ASP A 1 60  ? 6.567   9.368   12.469  1.00 72.01 ? 72  ASP A CG  1 
ATOM   456  O OD1 . ASP A 1 60  ? 5.341   9.430   12.247  1.00 74.92 ? 72  ASP A OD1 1 
ATOM   457  O OD2 . ASP A 1 60  ? 7.148   8.300   12.755  1.00 77.39 ? 72  ASP A OD2 1 
ATOM   458  N N   . ARG A 1 61  ? 10.212  8.662   11.431  1.00 64.15 ? 73  ARG A N   1 
ATOM   459  C CA  . ARG A 1 61  ? 11.436  7.957   11.836  1.00 62.34 ? 73  ARG A CA  1 
ATOM   460  C C   . ARG A 1 61  ? 12.574  8.190   10.833  1.00 61.34 ? 73  ARG A C   1 
ATOM   461  O O   . ARG A 1 61  ? 13.551  7.441   10.811  1.00 60.67 ? 73  ARG A O   1 
ATOM   462  C CB  . ARG A 1 61  ? 11.175  6.461   12.060  1.00 63.10 ? 73  ARG A CB  1 
ATOM   463  C CG  . ARG A 1 61  ? 10.662  5.689   10.852  1.00 64.74 ? 73  ARG A CG  1 
ATOM   464  C CD  . ARG A 1 61  ? 10.066  4.356   11.273  1.00 63.29 ? 73  ARG A CD  1 
ATOM   465  N NE  . ARG A 1 61  ? 8.831   4.549   12.039  1.00 64.05 ? 73  ARG A NE  1 
ATOM   466  C CZ  . ARG A 1 61  ? 7.590   4.317   11.599  1.00 62.91 ? 73  ARG A CZ  1 
ATOM   467  N NH1 . ARG A 1 61  ? 7.354   3.855   10.374  1.00 62.75 ? 73  ARG A NH1 1 
ATOM   468  N NH2 . ARG A 1 61  ? 6.562   4.546   12.408  1.00 62.83 ? 73  ARG A NH2 1 
ATOM   469  N N   . ASN A 1 62  ? 12.432  9.243   10.024  1.00 60.31 ? 74  ASN A N   1 
ATOM   470  C CA  . ASN A 1 62  ? 13.462  9.708   9.086   1.00 62.50 ? 74  ASN A CA  1 
ATOM   471  C C   . ASN A 1 62  ? 14.233  8.602   8.371   1.00 62.92 ? 74  ASN A C   1 
ATOM   472  O O   . ASN A 1 62  ? 15.468  8.585   8.377   1.00 63.36 ? 74  ASN A O   1 
ATOM   473  C CB  . ASN A 1 62  ? 14.440  10.648  9.805   1.00 64.03 ? 74  ASN A CB  1 
ATOM   474  C CG  . ASN A 1 62  ? 13.778  11.927  10.277  1.00 64.19 ? 74  ASN A CG  1 
ATOM   475  O OD1 . ASN A 1 62  ? 12.954  12.514  9.570   1.00 64.95 ? 74  ASN A OD1 1 
ATOM   476  N ND2 . ASN A 1 62  ? 14.135  12.367  11.477  1.00 64.76 ? 74  ASN A ND2 1 
ATOM   477  N N   . GLU A 1 63  ? 13.497  7.683   7.751   1.00 61.88 ? 75  GLU A N   1 
ATOM   478  C CA  . GLU A 1 63  ? 14.106  6.577   7.009   1.00 61.94 ? 75  GLU A CA  1 
ATOM   479  C C   . GLU A 1 63  ? 13.098  6.002   6.005   1.00 55.25 ? 75  GLU A C   1 
ATOM   480  O O   . GLU A 1 63  ? 11.923  5.845   6.344   1.00 53.06 ? 75  GLU A O   1 
ATOM   481  C CB  . GLU A 1 63  ? 14.566  5.479   7.985   1.00 66.43 ? 75  GLU A CB  1 
ATOM   482  C CG  . GLU A 1 63  ? 15.628  4.531   7.436   1.00 71.27 ? 75  GLU A CG  1 
ATOM   483  C CD  . GLU A 1 63  ? 16.981  5.199   7.221   1.00 76.05 ? 75  GLU A CD  1 
ATOM   484  O OE1 . GLU A 1 63  ? 17.219  6.288   7.786   1.00 81.21 ? 75  GLU A OE1 1 
ATOM   485  O OE2 . GLU A 1 63  ? 17.817  4.630   6.480   1.00 79.76 ? 75  GLU A OE2 1 
ATOM   486  N N   . PRO A 1 64  ? 13.547  5.703   4.765   1.00 49.84 ? 76  PRO A N   1 
ATOM   487  C CA  . PRO A 1 64  ? 12.658  4.989   3.850   1.00 45.88 ? 76  PRO A CA  1 
ATOM   488  C C   . PRO A 1 64  ? 12.376  3.572   4.340   1.00 43.16 ? 76  PRO A C   1 
ATOM   489  O O   . PRO A 1 64  ? 13.289  2.887   4.796   1.00 44.12 ? 76  PRO A O   1 
ATOM   490  C CB  . PRO A 1 64  ? 13.449  4.938   2.532   1.00 46.23 ? 76  PRO A CB  1 
ATOM   491  C CG  . PRO A 1 64  ? 14.585  5.888   2.686   1.00 47.42 ? 76  PRO A CG  1 
ATOM   492  C CD  . PRO A 1 64  ? 14.856  6.001   4.150   1.00 48.76 ? 76  PRO A CD  1 
ATOM   493  N N   . PHE A 1 65  ? 11.121  3.148   4.258   1.00 39.42 ? 77  PHE A N   1 
ATOM   494  C CA  . PHE A 1 65  ? 10.766  1.746   4.477   1.00 36.67 ? 77  PHE A CA  1 
ATOM   495  C C   . PHE A 1 65  ? 11.251  0.914   3.279   1.00 35.74 ? 77  PHE A C   1 
ATOM   496  O O   . PHE A 1 65  ? 10.979  1.266   2.132   1.00 34.09 ? 77  PHE A O   1 
ATOM   497  C CB  . PHE A 1 65  ? 9.250   1.626   4.646   1.00 36.15 ? 77  PHE A CB  1 
ATOM   498  C CG  . PHE A 1 65  ? 8.778   0.238   4.949   1.00 36.58 ? 77  PHE A CG  1 
ATOM   499  C CD1 . PHE A 1 65  ? 8.880   -0.277  6.233   1.00 37.64 ? 77  PHE A CD1 1 
ATOM   500  C CD2 . PHE A 1 65  ? 8.221   -0.549  3.959   1.00 35.86 ? 77  PHE A CD2 1 
ATOM   501  C CE1 . PHE A 1 65  ? 8.441   -1.555  6.517   1.00 37.59 ? 77  PHE A CE1 1 
ATOM   502  C CE2 . PHE A 1 65  ? 7.778   -1.827  4.238   1.00 36.03 ? 77  PHE A CE2 1 
ATOM   503  C CZ  . PHE A 1 65  ? 7.884   -2.331  5.516   1.00 37.46 ? 77  PHE A CZ  1 
ATOM   504  N N   . VAL A 1 66  ? 11.981  -0.168  3.545   1.00 35.44 ? 78  VAL A N   1 
ATOM   505  C CA  . VAL A 1 66  ? 12.543  -1.017  2.487   1.00 34.51 ? 78  VAL A CA  1 
ATOM   506  C C   . VAL A 1 66  ? 12.031  -2.446  2.612   1.00 34.05 ? 78  VAL A C   1 
ATOM   507  O O   . VAL A 1 66  ? 11.910  -2.969  3.716   1.00 34.93 ? 78  VAL A O   1 
ATOM   508  C CB  . VAL A 1 66  ? 14.084  -1.061  2.542   1.00 36.25 ? 78  VAL A CB  1 
ATOM   509  C CG1 . VAL A 1 66  ? 14.645  -1.774  1.311   1.00 36.51 ? 78  VAL A CG1 1 
ATOM   510  C CG2 . VAL A 1 66  ? 14.660  0.349   2.641   1.00 37.48 ? 78  VAL A CG2 1 
ATOM   511  N N   . PHE A 1 67  ? 11.736  -3.074  1.475   1.00 32.53 ? 79  PHE A N   1 
ATOM   512  C CA  . PHE A 1 67  ? 11.348  -4.487  1.447   1.00 31.43 ? 79  PHE A CA  1 
ATOM   513  C C   . PHE A 1 67  ? 11.572  -5.102  0.065   1.00 30.79 ? 79  PHE A C   1 
ATOM   514  O O   . PHE A 1 67  ? 11.833  -4.388  -0.907  1.00 30.88 ? 79  PHE A O   1 
ATOM   515  C CB  . PHE A 1 67  ? 9.885   -4.681  1.925   1.00 31.39 ? 79  PHE A CB  1 
ATOM   516  C CG  . PHE A 1 67  ? 8.834   -4.215  0.944   1.00 30.82 ? 79  PHE A CG  1 
ATOM   517  C CD1 . PHE A 1 67  ? 8.135   -5.131  0.163   1.00 30.03 ? 79  PHE A CD1 1 
ATOM   518  C CD2 . PHE A 1 67  ? 8.524   -2.861  0.817   1.00 30.40 ? 79  PHE A CD2 1 
ATOM   519  C CE1 . PHE A 1 67  ? 7.166   -4.705  -0.738  1.00 29.43 ? 79  PHE A CE1 1 
ATOM   520  C CE2 . PHE A 1 67  ? 7.551   -2.433  -0.071  1.00 29.21 ? 79  PHE A CE2 1 
ATOM   521  C CZ  . PHE A 1 67  ? 6.877   -3.355  -0.856  1.00 29.03 ? 79  PHE A CZ  1 
ATOM   522  N N   . SER A 1 68  ? 11.495  -6.428  -0.003  1.00 30.37 ? 80  SER A N   1 
ATOM   523  C CA  . SER A 1 68  ? 11.610  -7.155  -1.262  1.00 31.42 ? 80  SER A CA  1 
ATOM   524  C C   . SER A 1 68  ? 10.221  -7.465  -1.803  1.00 30.55 ? 80  SER A C   1 
ATOM   525  O O   . SER A 1 68  ? 9.405   -8.104  -1.124  1.00 28.79 ? 80  SER A O   1 
ATOM   526  C CB  . SER A 1 68  ? 12.397  -8.453  -1.083  1.00 32.06 ? 80  SER A CB  1 
ATOM   527  O OG  . SER A 1 68  ? 13.776  -8.172  -0.938  1.00 35.73 ? 80  SER A OG  1 
ATOM   528  N N   . LEU A 1 69  ? 9.980   -7.031  -3.037  1.00 29.43 ? 81  LEU A N   1 
ATOM   529  C CA  . LEU A 1 69  ? 8.649   -7.051  -3.607  1.00 29.87 ? 81  LEU A CA  1 
ATOM   530  C C   . LEU A 1 69  ? 8.194   -8.456  -3.987  1.00 30.02 ? 81  LEU A C   1 
ATOM   531  O O   . LEU A 1 69  ? 8.981   -9.264  -4.479  1.00 28.69 ? 81  LEU A O   1 
ATOM   532  C CB  . LEU A 1 69  ? 8.584   -6.130  -4.826  1.00 30.62 ? 81  LEU A CB  1 
ATOM   533  C CG  . LEU A 1 69  ? 7.184   -5.965  -5.428  1.00 31.39 ? 81  LEU A CG  1 
ATOM   534  C CD1 . LEU A 1 69  ? 6.245   -5.254  -4.461  1.00 32.18 ? 81  LEU A CD1 1 
ATOM   535  C CD2 . LEU A 1 69  ? 7.242   -5.227  -6.745  1.00 31.93 ? 81  LEU A CD2 1 
ATOM   536  N N   . GLY A 1 70  ? 6.910   -8.725  -3.751  1.00 29.81 ? 82  GLY A N   1 
ATOM   537  C CA  . GLY A 1 70  ? 6.278   -9.968  -4.144  1.00 30.00 ? 82  GLY A CA  1 
ATOM   538  C C   . GLY A 1 70  ? 6.784   -11.218 -3.451  1.00 32.13 ? 82  GLY A C   1 
ATOM   539  O O   . GLY A 1 70  ? 6.707   -12.321 -4.022  1.00 31.08 ? 82  GLY A O   1 
ATOM   540  N N   . LYS A 1 71  ? 7.279   -11.065 -2.223  1.00 34.32 ? 83  LYS A N   1 
ATOM   541  C CA  . LYS A 1 71  ? 7.814   -12.199 -1.444  1.00 36.63 ? 83  LYS A CA  1 
ATOM   542  C C   . LYS A 1 71  ? 7.007   -12.496 -0.171  1.00 34.83 ? 83  LYS A C   1 
ATOM   543  O O   . LYS A 1 71  ? 7.363   -13.389 0.603   1.00 34.36 ? 83  LYS A O   1 
ATOM   544  C CB  . LYS A 1 71  ? 9.274   -11.933 -1.051  1.00 39.21 ? 83  LYS A CB  1 
ATOM   545  C CG  . LYS A 1 71  ? 10.227  -11.704 -2.213  1.00 42.20 ? 83  LYS A CG  1 
ATOM   546  C CD  . LYS A 1 71  ? 10.454  -12.968 -3.021  1.00 46.30 ? 83  LYS A CD  1 
ATOM   547  C CE  . LYS A 1 71  ? 11.725  -12.868 -3.855  1.00 50.26 ? 83  LYS A CE  1 
ATOM   548  N NZ  . LYS A 1 71  ? 11.885  -14.010 -4.804  1.00 51.86 ? 83  LYS A NZ  1 
ATOM   549  N N   . GLY A 1 72  ? 5.928   -11.754 0.055   1.00 33.98 ? 84  GLY A N   1 
ATOM   550  C CA  . GLY A 1 72  ? 5.130   -11.915 1.273   1.00 32.53 ? 84  GLY A CA  1 
ATOM   551  C C   . GLY A 1 72  ? 5.788   -11.316 2.513   1.00 31.33 ? 84  GLY A C   1 
ATOM   552  O O   . GLY A 1 72  ? 5.495   -11.734 3.636   1.00 31.31 ? 84  GLY A O   1 
ATOM   553  N N   . GLN A 1 73  ? 6.662   -10.328 2.318   1.00 29.82 ? 85  GLN A N   1 
ATOM   554  C CA  . GLN A 1 73  ? 7.287   -9.604  3.449   1.00 29.13 ? 85  GLN A CA  1 
ATOM   555  C C   . GLN A 1 73  ? 6.368   -8.553  4.058   1.00 28.98 ? 85  GLN A C   1 
ATOM   556  O O   . GLN A 1 73  ? 6.657   -8.043  5.142   1.00 28.54 ? 85  GLN A O   1 
ATOM   557  C CB  . GLN A 1 73  ? 8.576   -8.915  3.019   1.00 28.40 ? 85  GLN A CB  1 
ATOM   558  C CG  . GLN A 1 73  ? 9.642   -9.881  2.530   1.00 28.40 ? 85  GLN A CG  1 
ATOM   559  C CD  . GLN A 1 73  ? 10.987  -9.215  2.341   1.00 28.09 ? 85  GLN A CD  1 
ATOM   560  O OE1 . GLN A 1 73  ? 11.112  -7.991  2.416   1.00 28.52 ? 85  GLN A OE1 1 
ATOM   561  N NE2 . GLN A 1 73  ? 12.004  -10.019 2.104   1.00 28.75 ? 85  GLN A NE2 1 
ATOM   562  N N   . VAL A 1 74  ? 5.275   -8.248  3.355   1.00 27.20 ? 86  VAL A N   1 
ATOM   563  C CA  . VAL A 1 74  ? 4.307   -7.234  3.750   1.00 26.66 ? 86  VAL A CA  1 
ATOM   564  C C   . VAL A 1 74  ? 2.897   -7.766  3.480   1.00 26.87 ? 86  VAL A C   1 
ATOM   565  O O   . VAL A 1 74  ? 2.724   -8.802  2.832   1.00 27.47 ? 86  VAL A O   1 
ATOM   566  C CB  . VAL A 1 74  ? 4.517   -5.907  2.965   1.00 27.28 ? 86  VAL A CB  1 
ATOM   567  C CG1 . VAL A 1 74  ? 5.805   -5.213  3.393   1.00 27.08 ? 86  VAL A CG1 1 
ATOM   568  C CG2 . VAL A 1 74  ? 4.536   -6.141  1.454   1.00 27.10 ? 86  VAL A CG2 1 
ATOM   569  N N   . ILE A 1 75  ? 1.887   -7.061  3.976   1.00 27.60 ? 87  ILE A N   1 
ATOM   570  C CA  . ILE A 1 75  ? 0.500   -7.387  3.655   1.00 28.05 ? 87  ILE A CA  1 
ATOM   571  C C   . ILE A 1 75  ? 0.286   -7.530  2.144   1.00 28.47 ? 87  ILE A C   1 
ATOM   572  O O   . ILE A 1 75  ? 0.984   -6.920  1.327   1.00 27.36 ? 87  ILE A O   1 
ATOM   573  C CB  . ILE A 1 75  ? -0.509  -6.359  4.227   1.00 29.08 ? 87  ILE A CB  1 
ATOM   574  C CG1 . ILE A 1 75  ? -0.141  -4.922  3.834   1.00 28.84 ? 87  ILE A CG1 1 
ATOM   575  C CG2 . ILE A 1 75  ? -0.617  -6.489  5.741   1.00 29.89 ? 87  ILE A CG2 1 
ATOM   576  C CD1 . ILE A 1 75  ? -1.258  -3.938  4.100   1.00 29.08 ? 87  ILE A CD1 1 
ATOM   577  N N   . LYS A 1 76  ? -0.705  -8.334  1.787   1.00 29.59 ? 88  LYS A N   1 
ATOM   578  C CA  . LYS A 1 76  ? -0.959  -8.689  0.394   1.00 31.74 ? 88  LYS A CA  1 
ATOM   579  C C   . LYS A 1 76  ? -1.215  -7.458  -0.497  1.00 30.32 ? 88  LYS A C   1 
ATOM   580  O O   . LYS A 1 76  ? -0.761  -7.409  -1.646  1.00 30.10 ? 88  LYS A O   1 
ATOM   581  C CB  . LYS A 1 76  ? -2.131  -9.682  0.333   1.00 34.76 ? 88  LYS A CB  1 
ATOM   582  C CG  . LYS A 1 76  ? -2.403  -10.280 -1.040  1.00 38.25 ? 88  LYS A CG  1 
ATOM   583  C CD  . LYS A 1 76  ? -1.193  -11.017 -1.589  1.00 41.56 ? 88  LYS A CD  1 
ATOM   584  C CE  . LYS A 1 76  ? -1.566  -11.878 -2.784  1.00 44.36 ? 88  LYS A CE  1 
ATOM   585  N NZ  . LYS A 1 76  ? -0.360  -12.433 -3.448  1.00 46.32 ? 88  LYS A NZ  1 
ATOM   586  N N   . ALA A 1 77  ? -1.935  -6.477  0.051   1.00 28.88 ? 89  ALA A N   1 
ATOM   587  C CA  . ALA A 1 77  ? -2.226  -5.209  -0.633  1.00 27.97 ? 89  ALA A CA  1 
ATOM   588  C C   . ALA A 1 77  ? -0.975  -4.477  -1.097  1.00 27.70 ? 89  ALA A C   1 
ATOM   589  O O   . ALA A 1 77  ? -0.964  -3.857  -2.161  1.00 26.68 ? 89  ALA A O   1 
ATOM   590  C CB  . ALA A 1 77  ? -3.012  -4.296  0.290   1.00 27.46 ? 89  ALA A CB  1 
ATOM   591  N N   . TRP A 1 78  ? 0.069   -4.532  -0.273  1.00 27.83 ? 90  TRP A N   1 
ATOM   592  C CA  . TRP A 1 78  ? 1.322   -3.849  -0.578  1.00 26.73 ? 90  TRP A CA  1 
ATOM   593  C C   . TRP A 1 78  ? 2.064   -4.510  -1.725  1.00 26.73 ? 90  TRP A C   1 
ATOM   594  O O   . TRP A 1 78  ? 2.569   -3.816  -2.598  1.00 28.02 ? 90  TRP A O   1 
ATOM   595  C CB  . TRP A 1 78  ? 2.209   -3.733  0.661   1.00 25.35 ? 90  TRP A CB  1 
ATOM   596  C CG  . TRP A 1 78  ? 2.032   -2.427  1.343   1.00 25.02 ? 90  TRP A CG  1 
ATOM   597  C CD1 . TRP A 1 78  ? 0.861   -1.882  1.777   1.00 25.27 ? 90  TRP A CD1 1 
ATOM   598  C CD2 . TRP A 1 78  ? 3.062   -1.478  1.662   1.00 24.71 ? 90  TRP A CD2 1 
ATOM   599  N NE1 . TRP A 1 78  ? 1.096   -0.654  2.349   1.00 24.44 ? 90  TRP A NE1 1 
ATOM   600  C CE2 . TRP A 1 78  ? 2.438   -0.385  2.293   1.00 24.06 ? 90  TRP A CE2 1 
ATOM   601  C CE3 . TRP A 1 78  ? 4.452   -1.459  1.488   1.00 24.37 ? 90  TRP A CE3 1 
ATOM   602  C CZ2 . TRP A 1 78  ? 3.153   0.718   2.747   1.00 24.26 ? 90  TRP A CZ2 1 
ATOM   603  C CZ3 . TRP A 1 78  ? 5.156   -0.362  1.924   1.00 24.01 ? 90  TRP A CZ3 1 
ATOM   604  C CH2 . TRP A 1 78  ? 4.509   0.712   2.550   1.00 24.63 ? 90  TRP A CH2 1 
ATOM   605  N N   . ASP A 1 79  ? 2.116   -5.841  -1.730  1.00 27.07 ? 91  ASP A N   1 
ATOM   606  C CA  . ASP A 1 79  ? 2.735   -6.573  -2.832  1.00 27.56 ? 91  ASP A CA  1 
ATOM   607  C C   . ASP A 1 79  ? 1.975   -6.357  -4.138  1.00 26.83 ? 91  ASP A C   1 
ATOM   608  O O   . ASP A 1 79  ? 2.573   -6.192  -5.190  1.00 26.71 ? 91  ASP A O   1 
ATOM   609  C CB  . ASP A 1 79  ? 2.826   -8.069  -2.512  1.00 28.56 ? 91  ASP A CB  1 
ATOM   610  C CG  . ASP A 1 79  ? 4.084   -8.432  -1.746  1.00 28.93 ? 91  ASP A CG  1 
ATOM   611  O OD1 . ASP A 1 79  ? 5.033   -7.629  -1.763  1.00 28.07 ? 91  ASP A OD1 1 
ATOM   612  O OD2 . ASP A 1 79  ? 4.136   -9.535  -1.147  1.00 29.81 ? 91  ASP A OD2 1 
ATOM   613  N N   . ILE A 1 80  ? 0.652   -6.347  -4.059  1.00 27.74 ? 92  ILE A N   1 
ATOM   614  C CA  . ILE A 1 80  ? -0.177  -6.083  -5.229  1.00 28.26 ? 92  ILE A CA  1 
ATOM   615  C C   . ILE A 1 80  ? -0.033  -4.621  -5.664  1.00 27.64 ? 92  ILE A C   1 
ATOM   616  O O   . ILE A 1 80  ? 0.214   -4.329  -6.842  1.00 27.79 ? 92  ILE A O   1 
ATOM   617  C CB  . ILE A 1 80  ? -1.665  -6.393  -4.944  1.00 29.37 ? 92  ILE A CB  1 
ATOM   618  C CG1 . ILE A 1 80  ? -1.860  -7.891  -4.682  1.00 30.41 ? 92  ILE A CG1 1 
ATOM   619  C CG2 . ILE A 1 80  ? -2.544  -5.959  -6.113  1.00 30.09 ? 92  ILE A CG2 1 
ATOM   620  C CD1 . ILE A 1 80  ? -3.215  -8.237  -4.094  1.00 30.90 ? 92  ILE A CD1 1 
ATOM   621  N N   . GLY A 1 81  ? -0.191  -3.718  -4.704  1.00 25.64 ? 93  GLY A N   1 
ATOM   622  C CA  . GLY A 1 81  ? -0.211  -2.290  -4.968  1.00 25.26 ? 93  GLY A CA  1 
ATOM   623  C C   . GLY A 1 81  ? 1.099   -1.697  -5.452  1.00 24.95 ? 93  GLY A C   1 
ATOM   624  O O   . GLY A 1 81  ? 1.104   -0.986  -6.442  1.00 24.96 ? 93  GLY A O   1 
ATOM   625  N N   . VAL A 1 82  ? 2.205   -1.983  -4.762  1.00 25.09 ? 94  VAL A N   1 
ATOM   626  C CA  . VAL A 1 82  ? 3.508   -1.380  -5.108  1.00 25.34 ? 94  VAL A CA  1 
ATOM   627  C C   . VAL A 1 82  ? 4.047   -1.850  -6.474  1.00 25.04 ? 94  VAL A C   1 
ATOM   628  O O   . VAL A 1 82  ? 4.703   -1.091  -7.185  1.00 26.36 ? 94  VAL A O   1 
ATOM   629  C CB  . VAL A 1 82  ? 4.547   -1.603  -3.986  1.00 25.10 ? 94  VAL A CB  1 
ATOM   630  C CG1 . VAL A 1 82  ? 5.951   -1.183  -4.426  1.00 25.79 ? 94  VAL A CG1 1 
ATOM   631  C CG2 . VAL A 1 82  ? 4.137   -0.817  -2.756  1.00 24.72 ? 94  VAL A CG2 1 
ATOM   632  N N   . ALA A 1 83  ? 3.732   -3.083  -6.851  1.00 24.70 ? 95  ALA A N   1 
ATOM   633  C CA  . ALA A 1 83  ? 4.102   -3.609  -8.165  1.00 25.19 ? 95  ALA A CA  1 
ATOM   634  C C   . ALA A 1 83  ? 3.517   -2.804  -9.336  1.00 25.09 ? 95  ALA A C   1 
ATOM   635  O O   . ALA A 1 83  ? 4.034   -2.874  -10.448 1.00 25.16 ? 95  ALA A O   1 
ATOM   636  C CB  . ALA A 1 83  ? 3.680   -5.075  -8.271  1.00 25.69 ? 95  ALA A CB  1 
ATOM   637  N N   . THR A 1 84  ? 2.440   -2.052  -9.086  1.00 25.02 ? 96  THR A N   1 
ATOM   638  C CA  . THR A 1 84  ? 1.790   -1.234  -10.115 1.00 24.69 ? 96  THR A CA  1 
ATOM   639  C C   . THR A 1 84  ? 2.337   0.190   -10.213 1.00 24.44 ? 96  THR A C   1 
ATOM   640  O O   . THR A 1 84  ? 1.931   0.956   -11.084 1.00 25.38 ? 96  THR A O   1 
ATOM   641  C CB  . THR A 1 84  ? 0.275   -1.113  -9.849  1.00 24.54 ? 96  THR A CB  1 
ATOM   642  O OG1 . THR A 1 84  ? 0.055   -0.346  -8.662  1.00 23.85 ? 96  THR A OG1 1 
ATOM   643  C CG2 . THR A 1 84  ? -0.354  -2.491  -9.700  1.00 24.39 ? 96  THR A CG2 1 
ATOM   644  N N   . MET A 1 85  ? 3.245   0.550   -9.320  1.00 24.53 ? 97  MET A N   1 
ATOM   645  C CA  . MET A 1 85  ? 3.704   1.926   -9.209  1.00 24.79 ? 97  MET A CA  1 
ATOM   646  C C   . MET A 1 85  ? 4.938   2.192   -10.054 1.00 25.31 ? 97  MET A C   1 
ATOM   647  O O   . MET A 1 85  ? 5.769   1.310   -10.239 1.00 25.16 ? 97  MET A O   1 
ATOM   648  C CB  . MET A 1 85  ? 4.021   2.248   -7.753  1.00 24.01 ? 97  MET A CB  1 
ATOM   649  C CG  . MET A 1 85  ? 2.808   2.155   -6.848  1.00 23.56 ? 97  MET A CG  1 
ATOM   650  S SD  . MET A 1 85  ? 3.137   2.637   -5.146  1.00 23.63 ? 97  MET A SD  1 
ATOM   651  C CE  . MET A 1 85  ? 3.566   4.375   -5.315  1.00 25.24 ? 97  MET A CE  1 
ATOM   652  N N   . LYS A 1 86  ? 5.043   3.422   -10.548 1.00 26.62 ? 98  LYS A N   1 
ATOM   653  C CA  . LYS A 1 86  ? 6.249   3.899   -11.205 1.00 28.62 ? 98  LYS A CA  1 
ATOM   654  C C   . LYS A 1 86  ? 7.087   4.658   -10.185 1.00 29.08 ? 98  LYS A C   1 
ATOM   655  O O   . LYS A 1 86  ? 6.567   5.141   -9.176  1.00 28.56 ? 98  LYS A O   1 
ATOM   656  C CB  . LYS A 1 86  ? 5.889   4.802   -12.389 1.00 29.90 ? 98  LYS A CB  1 
ATOM   657  C CG  . LYS A 1 86  ? 5.031   4.114   -13.447 1.00 31.82 ? 98  LYS A CG  1 
ATOM   658  C CD  . LYS A 1 86  ? 4.856   5.008   -14.667 1.00 34.45 ? 98  LYS A CD  1 
ATOM   659  C CE  . LYS A 1 86  ? 3.880   4.421   -15.677 1.00 35.69 ? 98  LYS A CE  1 
ATOM   660  N NZ  . LYS A 1 86  ? 2.477   4.398   -15.173 1.00 36.48 ? 98  LYS A NZ  1 
ATOM   661  N N   . LYS A 1 87  ? 8.390   4.741   -10.433 1.00 30.29 ? 99  LYS A N   1 
ATOM   662  C CA  . LYS A 1 87  ? 9.289   5.497   -9.558  1.00 31.55 ? 99  LYS A CA  1 
ATOM   663  C C   . LYS A 1 87  ? 8.892   6.974   -9.480  1.00 30.73 ? 99  LYS A C   1 
ATOM   664  O O   . LYS A 1 87  ? 8.657   7.624   -10.501 1.00 30.95 ? 99  LYS A O   1 
ATOM   665  C CB  . LYS A 1 87  ? 10.735  5.375   -10.038 1.00 33.18 ? 99  LYS A CB  1 
ATOM   666  C CG  . LYS A 1 87  ? 11.727  6.099   -9.149  1.00 34.75 ? 99  LYS A CG  1 
ATOM   667  C CD  . LYS A 1 87  ? 13.152  5.875   -9.614  1.00 36.08 ? 99  LYS A CD  1 
ATOM   668  C CE  . LYS A 1 87  ? 14.089  6.896   -8.991  1.00 37.32 ? 99  LYS A CE  1 
ATOM   669  N NZ  . LYS A 1 87  ? 15.517  6.491   -9.131  1.00 39.25 ? 99  LYS A NZ  1 
ATOM   670  N N   . GLY A 1 88  ? 8.823   7.492   -8.257  1.00 29.93 ? 100 GLY A N   1 
ATOM   671  C CA  . GLY A 1 88  ? 8.354   8.849   -8.004  1.00 28.84 ? 100 GLY A CA  1 
ATOM   672  C C   . GLY A 1 88  ? 6.838   8.981   -7.924  1.00 28.71 ? 100 GLY A C   1 
ATOM   673  O O   . GLY A 1 88  ? 6.323   10.060  -7.620  1.00 27.57 ? 100 GLY A O   1 
ATOM   674  N N   . GLU A 1 89  ? 6.114   7.894   -8.206  1.00 27.63 ? 101 GLU A N   1 
ATOM   675  C CA  . GLU A 1 89  ? 4.662   7.916   -8.107  1.00 26.82 ? 101 GLU A CA  1 
ATOM   676  C C   . GLU A 1 89  ? 4.254   8.018   -6.637  1.00 27.16 ? 101 GLU A C   1 
ATOM   677  O O   . GLU A 1 89  ? 4.955   7.521   -5.748  1.00 29.51 ? 101 GLU A O   1 
ATOM   678  C CB  . GLU A 1 89  ? 4.051   6.655   -8.733  1.00 26.18 ? 101 GLU A CB  1 
ATOM   679  C CG  . GLU A 1 89  ? 2.533   6.595   -8.658  1.00 26.34 ? 101 GLU A CG  1 
ATOM   680  C CD  . GLU A 1 89  ? 1.962   5.358   -9.306  1.00 26.97 ? 101 GLU A CD  1 
ATOM   681  O OE1 . GLU A 1 89  ? 2.319   5.083   -10.475 1.00 27.89 ? 101 GLU A OE1 1 
ATOM   682  O OE2 . GLU A 1 89  ? 1.154   4.661   -8.647  1.00 26.86 ? 101 GLU A OE2 1 
ATOM   683  N N   . ILE A 1 90  ? 3.130   8.677   -6.395  1.00 26.00 ? 102 ILE A N   1 
ATOM   684  C CA  . ILE A 1 90  ? 2.460   8.621   -5.108  1.00 25.54 ? 102 ILE A CA  1 
ATOM   685  C C   . ILE A 1 90  ? 1.039   8.140   -5.376  1.00 26.02 ? 102 ILE A C   1 
ATOM   686  O O   . ILE A 1 90  ? 0.362   8.654   -6.274  1.00 25.96 ? 102 ILE A O   1 
ATOM   687  C CB  . ILE A 1 90  ? 2.446   9.991   -4.403  1.00 25.43 ? 102 ILE A CB  1 
ATOM   688  C CG1 . ILE A 1 90  ? 3.890   10.496  -4.242  1.00 24.46 ? 102 ILE A CG1 1 
ATOM   689  C CG2 . ILE A 1 90  ? 1.709   9.885   -3.064  1.00 25.23 ? 102 ILE A CG2 1 
ATOM   690  C CD1 . ILE A 1 90  ? 4.035   11.870  -3.634  1.00 24.06 ? 102 ILE A CD1 1 
ATOM   691  N N   . CYS A 1 91  ? 0.606   7.120   -4.641  1.00 26.08 ? 103 CYS A N   1 
ATOM   692  C CA  . CYS A 1 91  ? -0.750  6.604   -4.777  1.00 26.26 ? 103 CYS A CA  1 
ATOM   693  C C   . CYS A 1 91  ? -1.391  6.420   -3.413  1.00 26.25 ? 103 CYS A C   1 
ATOM   694  O O   . CYS A 1 91  ? -0.705  6.423   -2.384  1.00 24.11 ? 103 CYS A O   1 
ATOM   695  C CB  . CYS A 1 91  ? -0.734  5.278   -5.523  1.00 26.88 ? 103 CYS A CB  1 
ATOM   696  S SG  . CYS A 1 91  ? -0.200  3.874   -4.523  1.00 28.64 ? 103 CYS A SG  1 
ATOM   697  N N   . HIS A 1 92  ? -2.712  6.281   -3.421  1.00 26.86 ? 104 HIS A N   1 
ATOM   698  C CA  . HIS A 1 92  ? -3.480  5.976   -2.220  1.00 27.21 ? 104 HIS A CA  1 
ATOM   699  C C   . HIS A 1 92  ? -4.096  4.592   -2.399  1.00 28.64 ? 104 HIS A C   1 
ATOM   700  O O   . HIS A 1 92  ? -4.627  4.288   -3.464  1.00 27.77 ? 104 HIS A O   1 
ATOM   701  C CB  . HIS A 1 92  ? -4.575  7.022   -2.000  1.00 27.58 ? 104 HIS A CB  1 
ATOM   702  C CG  . HIS A 1 92  ? -4.079  8.328   -1.453  1.00 27.49 ? 104 HIS A CG  1 
ATOM   703  N ND1 . HIS A 1 92  ? -4.933  9.346   -1.080  1.00 27.46 ? 104 HIS A ND1 1 
ATOM   704  C CD2 . HIS A 1 92  ? -2.826  8.777   -1.197  1.00 27.11 ? 104 HIS A CD2 1 
ATOM   705  C CE1 . HIS A 1 92  ? -4.228  10.368  -0.628  1.00 27.14 ? 104 HIS A CE1 1 
ATOM   706  N NE2 . HIS A 1 92  ? -2.945  10.049  -0.690  1.00 26.95 ? 104 HIS A NE2 1 
ATOM   707  N N   . LEU A 1 93  ? -3.995  3.748   -1.370  1.00 30.49 ? 105 LEU A N   1 
ATOM   708  C CA  . LEU A 1 93  ? -4.521  2.381   -1.411  1.00 31.43 ? 105 LEU A CA  1 
ATOM   709  C C   . LEU A 1 93  ? -5.510  2.168   -0.280  1.00 31.53 ? 105 LEU A C   1 
ATOM   710  O O   . LEU A 1 93  ? -5.193  2.430   0.883   1.00 31.04 ? 105 LEU A O   1 
ATOM   711  C CB  . LEU A 1 93  ? -3.420  1.334   -1.230  1.00 32.13 ? 105 LEU A CB  1 
ATOM   712  C CG  . LEU A 1 93  ? -2.406  1.037   -2.322  1.00 34.01 ? 105 LEU A CG  1 
ATOM   713  C CD1 . LEU A 1 93  ? -1.570  2.273   -2.580  1.00 35.98 ? 105 LEU A CD1 1 
ATOM   714  C CD2 . LEU A 1 93  ? -1.509  -0.111  -1.884  1.00 34.14 ? 105 LEU A CD2 1 
ATOM   715  N N   . LEU A 1 94  ? -6.693  1.672   -0.621  1.00 31.17 ? 106 LEU A N   1 
ATOM   716  C CA  . LEU A 1 94  ? -7.627  1.203   0.376   1.00 30.53 ? 106 LEU A CA  1 
ATOM   717  C C   . LEU A 1 94  ? -7.601  -0.321  0.297   1.00 31.99 ? 106 LEU A C   1 
ATOM   718  O O   . LEU A 1 94  ? -7.813  -0.897  -0.776  1.00 30.97 ? 106 LEU A O   1 
ATOM   719  C CB  . LEU A 1 94  ? -9.020  1.763   0.119   1.00 30.73 ? 106 LEU A CB  1 
ATOM   720  C CG  . LEU A 1 94  ? -10.030 1.613   1.262   1.00 30.86 ? 106 LEU A CG  1 
ATOM   721  C CD1 . LEU A 1 94  ? -9.605  2.400   2.496   1.00 30.97 ? 106 LEU A CD1 1 
ATOM   722  C CD2 . LEU A 1 94  ? -11.406 2.061   0.795   1.00 30.86 ? 106 LEU A CD2 1 
ATOM   723  N N   . CYS A 1 95  ? -7.326  -0.953  1.440   1.00 32.29 ? 107 CYS A N   1 
ATOM   724  C CA  . CYS A 1 95  ? -7.065  -2.382  1.524   1.00 33.77 ? 107 CYS A CA  1 
ATOM   725  C C   . CYS A 1 95  ? -8.066  -3.051  2.448   1.00 35.52 ? 107 CYS A C   1 
ATOM   726  O O   . CYS A 1 95  ? -8.036  -2.834  3.655   1.00 36.27 ? 107 CYS A O   1 
ATOM   727  C CB  . CYS A 1 95  ? -5.659  -2.609  2.079   1.00 33.40 ? 107 CYS A CB  1 
ATOM   728  S SG  . CYS A 1 95  ? -4.436  -1.502  1.353   1.00 31.49 ? 107 CYS A SG  1 
ATOM   729  N N   . LYS A 1 96  ? -8.947  -3.866  1.884   1.00 37.85 ? 108 LYS A N   1 
ATOM   730  C CA  . LYS A 1 96  ? -9.861  -4.668  2.694   1.00 40.15 ? 108 LYS A CA  1 
ATOM   731  C C   . LYS A 1 96  ? -9.073  -5.649  3.581   1.00 39.74 ? 108 LYS A C   1 
ATOM   732  O O   . LYS A 1 96  ? -7.929  -5.992  3.251   1.00 39.82 ? 108 LYS A O   1 
ATOM   733  C CB  . LYS A 1 96  ? -10.824 -5.441  1.796   1.00 42.83 ? 108 LYS A CB  1 
ATOM   734  C CG  . LYS A 1 96  ? -11.917 -4.605  1.142   1.00 44.68 ? 108 LYS A CG  1 
ATOM   735  C CD  . LYS A 1 96  ? -13.089 -5.513  0.769   1.00 47.29 ? 108 LYS A CD  1 
ATOM   736  C CE  . LYS A 1 96  ? -13.907 -5.006  -0.409  1.00 48.97 ? 108 LYS A CE  1 
ATOM   737  N NZ  . LYS A 1 96  ? -14.671 -3.770  -0.097  1.00 49.42 ? 108 LYS A NZ  1 
ATOM   738  N N   . PRO A 1 97  ? -9.674  -6.096  4.710   1.00 38.94 ? 109 PRO A N   1 
ATOM   739  C CA  . PRO A 1 97  ? -9.001  -7.014  5.643   1.00 39.41 ? 109 PRO A CA  1 
ATOM   740  C C   . PRO A 1 97  ? -8.461  -8.293  5.004   1.00 39.89 ? 109 PRO A C   1 
ATOM   741  O O   . PRO A 1 97  ? -7.422  -8.805  5.433   1.00 39.77 ? 109 PRO A O   1 
ATOM   742  C CB  . PRO A 1 97  ? -10.085 -7.355  6.676   1.00 40.75 ? 109 PRO A CB  1 
ATOM   743  C CG  . PRO A 1 97  ? -11.360 -6.773  6.169   1.00 40.66 ? 109 PRO A CG  1 
ATOM   744  C CD  . PRO A 1 97  ? -10.992 -5.678  5.218   1.00 40.98 ? 109 PRO A CD  1 
ATOM   745  N N   . GLU A 1 98  ? -9.139  -8.779  3.966   1.00 39.79 ? 110 GLU A N   1 
ATOM   746  C CA  . GLU A 1 98  ? -8.694  -9.970  3.241   1.00 40.27 ? 110 GLU A CA  1 
ATOM   747  C C   . GLU A 1 98  ? -7.288  -9.789  2.662   1.00 38.21 ? 110 GLU A C   1 
ATOM   748  O O   . GLU A 1 98  ? -6.555  -10.768 2.515   1.00 36.16 ? 110 GLU A O   1 
ATOM   749  C CB  . GLU A 1 98  ? -9.675  -10.332 2.116   1.00 42.93 ? 110 GLU A CB  1 
ATOM   750  C CG  . GLU A 1 98  ? -11.012 -10.900 2.594   1.00 44.32 ? 110 GLU A CG  1 
ATOM   751  C CD  . GLU A 1 98  ? -11.838 -9.899  3.392   1.00 44.74 ? 110 GLU A CD  1 
ATOM   752  O OE1 . GLU A 1 98  ? -11.934 -8.724  2.961   1.00 45.93 ? 110 GLU A OE1 1 
ATOM   753  O OE2 . GLU A 1 98  ? -12.375 -10.284 4.459   1.00 43.96 ? 110 GLU A OE2 1 
ATOM   754  N N   . TYR A 1 99  ? -6.926  -8.543  2.344   1.00 36.19 ? 111 TYR A N   1 
ATOM   755  C CA  . TYR A 1 99  ? -5.604  -8.207  1.786   1.00 34.39 ? 111 TYR A CA  1 
ATOM   756  C C   . TYR A 1 99  ? -4.718  -7.464  2.790   1.00 34.85 ? 111 TYR A C   1 
ATOM   757  O O   . TYR A 1 99  ? -3.766  -6.778  2.409   1.00 34.65 ? 111 TYR A O   1 
ATOM   758  C CB  . TYR A 1 99  ? -5.785  -7.377  0.512   1.00 33.23 ? 111 TYR A CB  1 
ATOM   759  C CG  . TYR A 1 99  ? -6.482  -8.147  -0.592  1.00 31.80 ? 111 TYR A CG  1 
ATOM   760  C CD1 . TYR A 1 99  ? -5.753  -8.838  -1.544  1.00 30.52 ? 111 TYR A CD1 1 
ATOM   761  C CD2 . TYR A 1 99  ? -7.875  -8.194  -0.669  1.00 31.11 ? 111 TYR A CD2 1 
ATOM   762  C CE1 . TYR A 1 99  ? -6.385  -9.552  -2.544  1.00 30.68 ? 111 TYR A CE1 1 
ATOM   763  C CE2 . TYR A 1 99  ? -8.514  -8.914  -1.662  1.00 29.05 ? 111 TYR A CE2 1 
ATOM   764  C CZ  . TYR A 1 99  ? -7.768  -9.586  -2.597  1.00 29.50 ? 111 TYR A CZ  1 
ATOM   765  O OH  . TYR A 1 99  ? -8.388  -10.285 -3.611  1.00 28.80 ? 111 TYR A OH  1 
ATOM   766  N N   . ALA A 1 100 ? -5.035  -7.623  4.073   1.00 36.13 ? 112 ALA A N   1 
ATOM   767  C CA  . ALA A 1 100 ? -4.290  -7.006  5.162   1.00 36.11 ? 112 ALA A CA  1 
ATOM   768  C C   . ALA A 1 100 ? -4.159  -8.017  6.312   1.00 37.47 ? 112 ALA A C   1 
ATOM   769  O O   . ALA A 1 100 ? -3.423  -8.993  6.172   1.00 38.75 ? 112 ALA A O   1 
ATOM   770  C CB  . ALA A 1 100 ? -4.969  -5.711  5.604   1.00 35.69 ? 112 ALA A CB  1 
ATOM   771  N N   . TYR A 1 101 ? -4.877  -7.820  7.420   1.00 38.80 ? 113 TYR A N   1 
ATOM   772  C CA  . TYR A 1 101 ? -4.723  -8.676  8.604   1.00 39.37 ? 113 TYR A CA  1 
ATOM   773  C C   . TYR A 1 101 ? -5.908  -9.629  8.850   1.00 40.00 ? 113 TYR A C   1 
ATOM   774  O O   . TYR A 1 101 ? -5.944  -10.330 9.860   1.00 39.05 ? 113 TYR A O   1 
ATOM   775  C CB  . TYR A 1 101 ? -4.475  -7.813  9.842   1.00 39.34 ? 113 TYR A CB  1 
ATOM   776  C CG  . TYR A 1 101 ? -3.125  -7.123  9.867   1.00 38.08 ? 113 TYR A CG  1 
ATOM   777  C CD1 . TYR A 1 101 ? -2.017  -7.742  10.434  1.00 38.15 ? 113 TYR A CD1 1 
ATOM   778  C CD2 . TYR A 1 101 ? -2.961  -5.848  9.340   1.00 38.15 ? 113 TYR A CD2 1 
ATOM   779  C CE1 . TYR A 1 101 ? -0.780  -7.111  10.470  1.00 37.94 ? 113 TYR A CE1 1 
ATOM   780  C CE2 . TYR A 1 101 ? -1.729  -5.210  9.371   1.00 37.42 ? 113 TYR A CE2 1 
ATOM   781  C CZ  . TYR A 1 101 ? -0.644  -5.844  9.940   1.00 37.51 ? 113 TYR A CZ  1 
ATOM   782  O OH  . TYR A 1 101 ? 0.576   -5.218  9.977   1.00 37.41 ? 113 TYR A OH  1 
ATOM   783  N N   . GLY A 1 102 ? -6.860  -9.658  7.923   1.00 42.56 ? 114 GLY A N   1 
ATOM   784  C CA  . GLY A 1 102 ? -7.985  -10.589 7.980   1.00 43.93 ? 114 GLY A CA  1 
ATOM   785  C C   . GLY A 1 102 ? -8.805  -10.503 9.254   1.00 46.62 ? 114 GLY A C   1 
ATOM   786  O O   . GLY A 1 102 ? -8.871  -9.452  9.901   1.00 46.36 ? 114 GLY A O   1 
ATOM   787  N N   . SER A 1 103 ? -9.422  -11.628 9.609   1.00 49.63 ? 115 SER A N   1 
ATOM   788  C CA  . SER A 1 103 ? -10.250 -11.747 10.815  1.00 48.79 ? 115 SER A CA  1 
ATOM   789  C C   . SER A 1 103 ? -9.414  -11.748 12.087  1.00 48.93 ? 115 SER A C   1 
ATOM   790  O O   . SER A 1 103 ? -9.844  -11.247 13.117  1.00 49.63 ? 115 SER A O   1 
ATOM   791  C CB  . SER A 1 103 ? -11.070 -13.033 10.750  1.00 49.79 ? 115 SER A CB  1 
ATOM   792  O OG  . SER A 1 103 ? -10.245 -14.114 10.331  1.00 51.34 ? 115 SER A OG  1 
ATOM   793  N N   . ALA A 1 104 ? -8.214  -12.310 12.015  1.00 50.11 ? 116 ALA A N   1 
ATOM   794  C CA  . ALA A 1 104 ? -7.340  -12.376 13.181  1.00 49.52 ? 116 ALA A CA  1 
ATOM   795  C C   . ALA A 1 104 ? -6.971  -10.985 13.686  1.00 50.11 ? 116 ALA A C   1 
ATOM   796  O O   . ALA A 1 104 ? -6.885  -10.763 14.898  1.00 52.25 ? 116 ALA A O   1 
ATOM   797  C CB  . ALA A 1 104 ? -6.081  -13.169 12.857  1.00 49.02 ? 116 ALA A CB  1 
ATOM   798  N N   . GLY A 1 105 ? -6.761  -10.050 12.763  1.00 48.19 ? 117 GLY A N   1 
ATOM   799  C CA  . GLY A 1 105 ? -6.190  -8.761  13.113  1.00 46.32 ? 117 GLY A CA  1 
ATOM   800  C C   . GLY A 1 105 ? -4.759  -8.957  13.580  1.00 47.17 ? 117 GLY A C   1 
ATOM   801  O O   . GLY A 1 105 ? -4.111  -9.943  13.236  1.00 46.68 ? 117 GLY A O   1 
ATOM   802  N N   . SER A 1 106 ? -4.262  -8.012  14.363  1.00 49.38 ? 118 SER A N   1 
ATOM   803  C CA  . SER A 1 106 ? -2.929  -8.104  14.937  1.00 52.34 ? 118 SER A CA  1 
ATOM   804  C C   . SER A 1 106 ? -2.951  -7.282  16.207  1.00 55.79 ? 118 SER A C   1 
ATOM   805  O O   . SER A 1 106 ? -2.548  -6.114  16.222  1.00 59.30 ? 118 SER A O   1 
ATOM   806  C CB  . SER A 1 106 ? -1.868  -7.583  13.968  1.00 53.38 ? 118 SER A CB  1 
ATOM   807  O OG  . SER A 1 106 ? -0.595  -7.504  14.590  1.00 53.83 ? 118 SER A OG  1 
ATOM   808  N N   . LEU A 1 107 ? -3.445  -7.908  17.270  1.00 57.20 ? 119 LEU A N   1 
ATOM   809  C CA  . LEU A 1 107 ? -3.702  -7.218  18.523  1.00 56.26 ? 119 LEU A CA  1 
ATOM   810  C C   . LEU A 1 107 ? -2.406  -6.988  19.315  1.00 59.86 ? 119 LEU A C   1 
ATOM   811  O O   . LEU A 1 107 ? -1.438  -7.762  19.196  1.00 59.89 ? 119 LEU A O   1 
ATOM   812  C CB  . LEU A 1 107 ? -4.747  -7.988  19.333  1.00 54.93 ? 119 LEU A CB  1 
ATOM   813  C CG  . LEU A 1 107 ? -6.102  -8.111  18.614  1.00 53.93 ? 119 LEU A CG  1 
ATOM   814  C CD1 . LEU A 1 107 ? -6.957  -9.197  19.236  1.00 53.87 ? 119 LEU A CD1 1 
ATOM   815  C CD2 . LEU A 1 107 ? -6.853  -6.785  18.591  1.00 53.46 ? 119 LEU A CD2 1 
ATOM   816  N N   . PRO A 1 108 ? -2.372  -5.913  20.119  1.00 62.05 ? 120 PRO A N   1 
ATOM   817  C CA  . PRO A 1 108 ? -3.477  -4.963  20.354  1.00 64.47 ? 120 PRO A CA  1 
ATOM   818  C C   . PRO A 1 108 ? -3.734  -3.883  19.274  1.00 67.55 ? 120 PRO A C   1 
ATOM   819  O O   . PRO A 1 108 ? -4.813  -3.278  19.286  1.00 65.51 ? 120 PRO A O   1 
ATOM   820  C CB  . PRO A 1 108 ? -3.104  -4.311  21.692  1.00 64.68 ? 120 PRO A CB  1 
ATOM   821  C CG  . PRO A 1 108 ? -1.634  -4.498  21.836  1.00 64.09 ? 120 PRO A CG  1 
ATOM   822  C CD  . PRO A 1 108 ? -1.222  -5.681  21.013  1.00 63.55 ? 120 PRO A CD  1 
ATOM   823  N N   . LYS A 1 109 ? -2.790  -3.663  18.351  1.00 69.16 ? 121 LYS A N   1 
ATOM   824  C CA  . LYS A 1 109 ? -2.930  -2.597  17.322  1.00 70.18 ? 121 LYS A CA  1 
ATOM   825  C C   . LYS A 1 109 ? -4.120  -2.766  16.362  1.00 66.95 ? 121 LYS A C   1 
ATOM   826  O O   . LYS A 1 109 ? -5.063  -1.967  16.385  1.00 63.86 ? 121 LYS A O   1 
ATOM   827  C CB  . LYS A 1 109 ? -1.639  -2.441  16.489  1.00 73.73 ? 121 LYS A CB  1 
ATOM   828  C CG  . LYS A 1 109 ? -0.748  -1.276  16.904  1.00 75.42 ? 121 LYS A CG  1 
ATOM   829  C CD  . LYS A 1 109 ? 0.183   -0.835  15.779  1.00 76.37 ? 121 LYS A CD  1 
ATOM   830  C CE  . LYS A 1 109 ? 1.113   -1.950  15.309  1.00 77.00 ? 121 LYS A CE  1 
ATOM   831  N NZ  . LYS A 1 109 ? 1.839   -2.626  16.419  1.00 77.19 ? 121 LYS A NZ  1 
ATOM   832  N N   . ILE A 1 110 ? -4.064  -3.797  15.516  1.00 63.36 ? 122 ILE A N   1 
ATOM   833  C CA  . ILE A 1 110 ? -5.041  -3.962  14.437  1.00 59.26 ? 122 ILE A CA  1 
ATOM   834  C C   . ILE A 1 110 ? -6.177  -4.878  14.890  1.00 57.64 ? 122 ILE A C   1 
ATOM   835  O O   . ILE A 1 110 ? -5.940  -6.043  15.204  1.00 58.20 ? 122 ILE A O   1 
ATOM   836  C CB  . ILE A 1 110 ? -4.414  -4.552  13.146  1.00 57.92 ? 122 ILE A CB  1 
ATOM   837  C CG1 . ILE A 1 110 ? -3.027  -3.956  12.846  1.00 55.96 ? 122 ILE A CG1 1 
ATOM   838  C CG2 . ILE A 1 110 ? -5.356  -4.356  11.961  1.00 56.60 ? 122 ILE A CG2 1 
ATOM   839  C CD1 . ILE A 1 110 ? -3.034  -2.490  12.489  1.00 55.38 ? 122 ILE A CD1 1 
ATOM   840  N N   . PRO A 1 111 ? -7.418  -4.356  14.926  1.00 58.11 ? 123 PRO A N   1 
ATOM   841  C CA  . PRO A 1 111 ? -8.546  -5.219  15.257  1.00 57.51 ? 123 PRO A CA  1 
ATOM   842  C C   . PRO A 1 111 ? -8.907  -6.173  14.127  1.00 57.53 ? 123 PRO A C   1 
ATOM   843  O O   . PRO A 1 111 ? -8.343  -6.091  13.031  1.00 56.43 ? 123 PRO A O   1 
ATOM   844  C CB  . PRO A 1 111 ? -9.712  -4.237  15.488  1.00 57.27 ? 123 PRO A CB  1 
ATOM   845  C CG  . PRO A 1 111 ? -9.160  -2.865  15.329  1.00 58.17 ? 123 PRO A CG  1 
ATOM   846  C CD  . PRO A 1 111 ? -7.848  -2.978  14.626  1.00 58.09 ? 123 PRO A CD  1 
ATOM   847  N N   . SER A 1 112 ? -9.857  -7.060  14.415  1.00 57.43 ? 124 SER A N   1 
ATOM   848  C CA  . SER A 1 112 ? -10.430 -7.961  13.422  1.00 56.11 ? 124 SER A CA  1 
ATOM   849  C C   . SER A 1 112 ? -11.100 -7.172  12.306  1.00 53.35 ? 124 SER A C   1 
ATOM   850  O O   . SER A 1 112 ? -11.695 -6.129  12.554  1.00 53.56 ? 124 SER A O   1 
ATOM   851  C CB  . SER A 1 112 ? -11.467 -8.876  14.077  1.00 55.05 ? 124 SER A CB  1 
ATOM   852  O OG  . SER A 1 112 ? -12.137 -9.655  13.099  1.00 55.67 ? 124 SER A OG  1 
ATOM   853  N N   . ASN A 1 113 ? -10.992 -7.690  11.086  1.00 51.45 ? 125 ASN A N   1 
ATOM   854  C CA  . ASN A 1 113 ? -11.617 -7.103  9.902   1.00 51.67 ? 125 ASN A CA  1 
ATOM   855  C C   . ASN A 1 113 ? -11.457 -5.592  9.758   1.00 47.59 ? 125 ASN A C   1 
ATOM   856  O O   . ASN A 1 113 ? -12.420 -4.858  9.527   1.00 46.53 ? 125 ASN A O   1 
ATOM   857  C CB  . ASN A 1 113 ? -13.086 -7.526  9.817   1.00 56.57 ? 125 ASN A CB  1 
ATOM   858  C CG  . ASN A 1 113 ? -13.242 -9.001  9.487   1.00 61.71 ? 125 ASN A CG  1 
ATOM   859  O OD1 . ASN A 1 113 ? -12.288 -9.665  9.063   1.00 63.14 ? 125 ASN A OD1 1 
ATOM   860  N ND2 . ASN A 1 113 ? -14.447 -9.522  9.676   1.00 66.60 ? 125 ASN A ND2 1 
ATOM   861  N N   . ALA A 1 114 ? -10.213 -5.140  9.885   1.00 44.86 ? 126 ALA A N   1 
ATOM   862  C CA  . ALA A 1 114 ? -9.868  -3.747  9.677   1.00 42.70 ? 126 ALA A CA  1 
ATOM   863  C C   . ALA A 1 114 ? -9.572  -3.499  8.203   1.00 41.30 ? 126 ALA A C   1 
ATOM   864  O O   . ALA A 1 114 ? -8.879  -4.288  7.560   1.00 40.13 ? 126 ALA A O   1 
ATOM   865  C CB  . ALA A 1 114 ? -8.662  -3.375  10.522  1.00 42.87 ? 126 ALA A CB  1 
ATOM   866  N N   . THR A 1 115 ? -10.132 -2.412  7.674   1.00 40.65 ? 127 THR A N   1 
ATOM   867  C CA  . THR A 1 115 ? -9.739  -1.865  6.376   1.00 39.17 ? 127 THR A CA  1 
ATOM   868  C C   . THR A 1 115 ? -8.629  -0.847  6.604   1.00 37.02 ? 127 THR A C   1 
ATOM   869  O O   . THR A 1 115 ? -8.750  0.011   7.472   1.00 38.30 ? 127 THR A O   1 
ATOM   870  C CB  . THR A 1 115 ? -10.935 -1.196  5.675   1.00 39.17 ? 127 THR A CB  1 
ATOM   871  O OG1 . THR A 1 115 ? -11.908 -2.196  5.365   1.00 40.20 ? 127 THR A OG1 1 
ATOM   872  C CG2 . THR A 1 115 ? -10.519 -0.509  4.380   1.00 39.66 ? 127 THR A CG2 1 
ATOM   873  N N   . LEU A 1 116 ? -7.542  -0.954  5.842   1.00 35.87 ? 128 LEU A N   1 
ATOM   874  C CA  . LEU A 1 116 ? -6.394  -0.046  5.990   1.00 34.35 ? 128 LEU A CA  1 
ATOM   875  C C   . LEU A 1 116 ? -6.288  0.924   4.814   1.00 34.52 ? 128 LEU A C   1 
ATOM   876  O O   . LEU A 1 116 ? -6.560  0.561   3.666   1.00 33.71 ? 128 LEU A O   1 
ATOM   877  C CB  . LEU A 1 116 ? -5.084  -0.822  6.105   1.00 33.85 ? 128 LEU A CB  1 
ATOM   878  C CG  . LEU A 1 116 ? -4.925  -1.937  7.143   1.00 33.95 ? 128 LEU A CG  1 
ATOM   879  C CD1 . LEU A 1 116 ? -3.437  -2.184  7.391   1.00 34.41 ? 128 LEU A CD1 1 
ATOM   880  C CD2 . LEU A 1 116 ? -5.622  -1.619  8.449   1.00 33.78 ? 128 LEU A CD2 1 
ATOM   881  N N   . PHE A 1 117 ? -5.890  2.158   5.116   1.00 33.70 ? 129 PHE A N   1 
ATOM   882  C CA  . PHE A 1 117 ? -5.678  3.179   4.117   1.00 32.68 ? 129 PHE A CA  1 
ATOM   883  C C   . PHE A 1 117 ? -4.214  3.567   4.156   1.00 31.14 ? 129 PHE A C   1 
ATOM   884  O O   . PHE A 1 117 ? -3.674  3.807   5.236   1.00 29.49 ? 129 PHE A O   1 
ATOM   885  C CB  . PHE A 1 117 ? -6.541  4.410   4.399   1.00 35.37 ? 129 PHE A CB  1 
ATOM   886  C CG  . PHE A 1 117 ? -6.302  5.547   3.432   1.00 38.22 ? 129 PHE A CG  1 
ATOM   887  C CD1 . PHE A 1 117 ? -6.981  5.603   2.224   1.00 39.38 ? 129 PHE A CD1 1 
ATOM   888  C CD2 . PHE A 1 117 ? -5.376  6.543   3.717   1.00 40.77 ? 129 PHE A CD2 1 
ATOM   889  C CE1 . PHE A 1 117 ? -6.755  6.634   1.327   1.00 39.99 ? 129 PHE A CE1 1 
ATOM   890  C CE2 . PHE A 1 117 ? -5.144  7.576   2.821   1.00 41.29 ? 129 PHE A CE2 1 
ATOM   891  C CZ  . PHE A 1 117 ? -5.835  7.621   1.627   1.00 40.44 ? 129 PHE A CZ  1 
ATOM   892  N N   . PHE A 1 118 ? -3.590  3.635   2.979   1.00 29.22 ? 130 PHE A N   1 
ATOM   893  C CA  . PHE A 1 118 ? -2.185  4.036   2.847   1.00 29.03 ? 130 PHE A CA  1 
ATOM   894  C C   . PHE A 1 118 ? -2.022  5.104   1.771   1.00 29.48 ? 130 PHE A C   1 
ATOM   895  O O   . PHE A 1 118 ? -2.678  5.060   0.733   1.00 27.77 ? 130 PHE A O   1 
ATOM   896  C CB  . PHE A 1 118 ? -1.299  2.847   2.440   1.00 28.52 ? 130 PHE A CB  1 
ATOM   897  C CG  . PHE A 1 118 ? -1.167  1.793   3.491   1.00 28.46 ? 130 PHE A CG  1 
ATOM   898  C CD1 . PHE A 1 118 ? -0.165  1.874   4.447   1.00 29.47 ? 130 PHE A CD1 1 
ATOM   899  C CD2 . PHE A 1 118 ? -2.036  0.708   3.521   1.00 29.41 ? 130 PHE A CD2 1 
ATOM   900  C CE1 . PHE A 1 118 ? -0.035  0.896   5.426   1.00 29.66 ? 130 PHE A CE1 1 
ATOM   901  C CE2 . PHE A 1 118 ? -1.916  -0.270  4.499   1.00 29.27 ? 130 PHE A CE2 1 
ATOM   902  C CZ  . PHE A 1 118 ? -0.913  -0.176  5.451   1.00 29.71 ? 130 PHE A CZ  1 
ATOM   903  N N   . GLU A 1 119 ? -1.134  6.054   2.031   1.00 29.89 ? 131 GLU A N   1 
ATOM   904  C CA  . GLU A 1 119 ? -0.524  6.854   0.981   1.00 29.40 ? 131 GLU A CA  1 
ATOM   905  C C   . GLU A 1 119 ? 0.900   6.329   0.838   1.00 29.82 ? 131 GLU A C   1 
ATOM   906  O O   . GLU A 1 119 ? 1.626   6.289   1.832   1.00 31.05 ? 131 GLU A O   1 
ATOM   907  C CB  . GLU A 1 119 ? -0.503  8.326   1.375   1.00 29.08 ? 131 GLU A CB  1 
ATOM   908  C CG  . GLU A 1 119 ? 0.373   9.206   0.488   1.00 28.66 ? 131 GLU A CG  1 
ATOM   909  C CD  . GLU A 1 119 ? 0.215   10.671  0.837   1.00 28.55 ? 131 GLU A CD  1 
ATOM   910  O OE1 . GLU A 1 119 ? -0.859  11.238  0.532   1.00 27.85 ? 131 GLU A OE1 1 
ATOM   911  O OE2 . GLU A 1 119 ? 1.154   11.246  1.436   1.00 27.96 ? 131 GLU A OE2 1 
ATOM   912  N N   . ILE A 1 120 ? 1.292   5.922   -0.374  1.00 29.57 ? 132 ILE A N   1 
ATOM   913  C CA  . ILE A 1 120 ? 2.631   5.360   -0.627  1.00 28.63 ? 132 ILE A CA  1 
ATOM   914  C C   . ILE A 1 120 ? 3.356   6.152   -1.706  1.00 29.58 ? 132 ILE A C   1 
ATOM   915  O O   . ILE A 1 120 ? 2.791   6.409   -2.762  1.00 28.83 ? 132 ILE A O   1 
ATOM   916  C CB  . ILE A 1 120 ? 2.576   3.887   -1.098  1.00 27.37 ? 132 ILE A CB  1 
ATOM   917  C CG1 . ILE A 1 120 ? 1.842   3.019   -0.078  1.00 28.11 ? 132 ILE A CG1 1 
ATOM   918  C CG2 . ILE A 1 120 ? 3.981   3.335   -1.297  1.00 27.28 ? 132 ILE A CG2 1 
ATOM   919  C CD1 . ILE A 1 120 ? 1.457   1.654   -0.605  1.00 28.48 ? 132 ILE A CD1 1 
ATOM   920  N N   . GLU A 1 121 ? 4.610   6.518   -1.437  1.00 30.18 ? 133 GLU A N   1 
ATOM   921  C CA  . GLU A 1 121 ? 5.463   7.140   -2.443  1.00 31.08 ? 133 GLU A CA  1 
ATOM   922  C C   . GLU A 1 121 ? 6.580   6.184   -2.798  1.00 30.34 ? 133 GLU A C   1 
ATOM   923  O O   . GLU A 1 121 ? 7.337   5.791   -1.923  1.00 30.97 ? 133 GLU A O   1 
ATOM   924  C CB  . GLU A 1 121 ? 6.060   8.445   -1.916  1.00 32.50 ? 133 GLU A CB  1 
ATOM   925  C CG  . GLU A 1 121 ? 7.018   9.114   -2.900  1.00 33.80 ? 133 GLU A CG  1 
ATOM   926  C CD  . GLU A 1 121 ? 7.649   10.381  -2.365  1.00 35.27 ? 133 GLU A CD  1 
ATOM   927  O OE1 . GLU A 1 121 ? 7.324   10.798  -1.228  1.00 34.28 ? 133 GLU A OE1 1 
ATOM   928  O OE2 . GLU A 1 121 ? 8.487   10.950  -3.095  1.00 37.88 ? 133 GLU A OE2 1 
ATOM   929  N N   . LEU A 1 122 ? 6.700   5.824   -4.076  1.00 30.93 ? 134 LEU A N   1 
ATOM   930  C CA  . LEU A 1 122 ? 7.754   4.913   -4.506  1.00 30.75 ? 134 LEU A CA  1 
ATOM   931  C C   . LEU A 1 122 ? 8.983   5.727   -4.851  1.00 32.73 ? 134 LEU A C   1 
ATOM   932  O O   . LEU A 1 122 ? 8.997   6.445   -5.843  1.00 31.46 ? 134 LEU A O   1 
ATOM   933  C CB  . LEU A 1 122 ? 7.324   4.073   -5.709  1.00 30.77 ? 134 LEU A CB  1 
ATOM   934  C CG  . LEU A 1 122 ? 8.318   2.988   -6.147  1.00 30.26 ? 134 LEU A CG  1 
ATOM   935  C CD1 . LEU A 1 122 ? 8.510   1.954   -5.043  1.00 30.14 ? 134 LEU A CD1 1 
ATOM   936  C CD2 . LEU A 1 122 ? 7.851   2.320   -7.432  1.00 29.88 ? 134 LEU A CD2 1 
ATOM   937  N N   . LEU A 1 123 ? 10.011  5.604   -4.019  1.00 35.46 ? 135 LEU A N   1 
ATOM   938  C CA  . LEU A 1 123 ? 11.235  6.383   -4.170  1.00 36.56 ? 135 LEU A CA  1 
ATOM   939  C C   . LEU A 1 123 ? 12.172  5.715   -5.162  1.00 37.50 ? 135 LEU A C   1 
ATOM   940  O O   . LEU A 1 123 ? 12.794  6.384   -5.990  1.00 37.57 ? 135 LEU A O   1 
ATOM   941  C CB  . LEU A 1 123 ? 11.951  6.509   -2.820  1.00 37.10 ? 135 LEU A CB  1 
ATOM   942  C CG  . LEU A 1 123 ? 11.131  7.077   -1.663  1.00 39.02 ? 135 LEU A CG  1 
ATOM   943  C CD1 . LEU A 1 123 ? 11.932  7.024   -0.370  1.00 39.56 ? 135 LEU A CD1 1 
ATOM   944  C CD2 . LEU A 1 123 ? 10.702  8.504   -1.972  1.00 39.86 ? 135 LEU A CD2 1 
ATOM   945  N N   . ASP A 1 124 ? 12.294  4.395   -5.056  1.00 37.60 ? 136 ASP A N   1 
ATOM   946  C CA  . ASP A 1 124 ? 13.232  3.663   -5.884  1.00 38.84 ? 136 ASP A CA  1 
ATOM   947  C C   . ASP A 1 124 ? 13.006  2.159   -5.837  1.00 39.27 ? 136 ASP A C   1 
ATOM   948  O O   . ASP A 1 124 ? 12.408  1.629   -4.896  1.00 39.29 ? 136 ASP A O   1 
ATOM   949  C CB  . ASP A 1 124 ? 14.672  3.969   -5.434  1.00 41.68 ? 136 ASP A CB  1 
ATOM   950  C CG  . ASP A 1 124 ? 15.681  3.873   -6.568  1.00 42.65 ? 136 ASP A CG  1 
ATOM   951  O OD1 . ASP A 1 124 ? 15.274  3.907   -7.751  1.00 42.91 ? 136 ASP A OD1 1 
ATOM   952  O OD2 . ASP A 1 124 ? 16.890  3.779   -6.271  1.00 47.97 ? 136 ASP A OD2 1 
ATOM   953  N N   . PHE A 1 125 ? 13.495  1.477   -6.867  1.00 39.14 ? 137 PHE A N   1 
ATOM   954  C CA  . PHE A 1 125 ? 13.539  0.033   -6.866  1.00 40.07 ? 137 PHE A CA  1 
ATOM   955  C C   . PHE A 1 125 ? 14.707  -0.478  -7.698  1.00 43.23 ? 137 PHE A C   1 
ATOM   956  O O   . PHE A 1 125 ? 14.970  0.013   -8.794  1.00 42.84 ? 137 PHE A O   1 
ATOM   957  C CB  . PHE A 1 125 ? 12.199  -0.577  -7.323  1.00 38.88 ? 137 PHE A CB  1 
ATOM   958  C CG  . PHE A 1 125 ? 11.744  -0.145  -8.690  1.00 36.62 ? 137 PHE A CG  1 
ATOM   959  C CD1 . PHE A 1 125 ? 12.091  -0.878  -9.819  1.00 35.40 ? 137 PHE A CD1 1 
ATOM   960  C CD2 . PHE A 1 125 ? 10.921  0.958   -8.846  1.00 35.54 ? 137 PHE A CD2 1 
ATOM   961  C CE1 . PHE A 1 125 ? 11.651  -0.500  -11.078 1.00 34.23 ? 137 PHE A CE1 1 
ATOM   962  C CE2 . PHE A 1 125 ? 10.484  1.344   -10.107 1.00 34.94 ? 137 PHE A CE2 1 
ATOM   963  C CZ  . PHE A 1 125 ? 10.849  0.614   -11.221 1.00 34.47 ? 137 PHE A CZ  1 
ATOM   964  N N   . LYS A 1 126 ? 15.412  -1.459  -7.142  1.00 49.12 ? 138 LYS A N   1 
ATOM   965  C CA  . LYS A 1 126 ? 16.575  -2.069  -7.785  1.00 52.72 ? 138 LYS A CA  1 
ATOM   966  C C   . LYS A 1 126 ? 16.482  -3.595  -7.678  1.00 52.83 ? 138 LYS A C   1 
ATOM   967  O O   . LYS A 1 126 ? 15.800  -4.137  -6.795  1.00 47.03 ? 138 LYS A O   1 
ATOM   968  C CB  . LYS A 1 126 ? 17.878  -1.543  -7.163  1.00 55.85 ? 138 LYS A CB  1 
ATOM   969  C CG  . LYS A 1 126 ? 18.016  -1.800  -5.667  1.00 58.23 ? 138 LYS A CG  1 
ATOM   970  C CD  . LYS A 1 126 ? 19.222  -1.093  -5.065  1.00 60.93 ? 138 LYS A CD  1 
ATOM   971  C CE  . LYS A 1 126 ? 19.025  0.417   -5.042  1.00 62.50 ? 138 LYS A CE  1 
ATOM   972  N NZ  . LYS A 1 126 ? 19.973  1.085   -4.114  1.00 64.22 ? 138 LYS A NZ  1 
ATOM   973  N N   . GLY A 1 127 ? 17.180  -4.275  -8.583  1.00 54.53 ? 139 GLY A N   1 
ATOM   974  C CA  . GLY A 1 127 ? 17.023  -5.713  -8.770  1.00 57.92 ? 139 GLY A CA  1 
ATOM   975  C C   . GLY A 1 127 ? 17.491  -6.587  -7.628  1.00 59.81 ? 139 GLY A C   1 
ATOM   976  O O   . GLY A 1 127 ? 18.323  -6.173  -6.818  1.00 60.29 ? 139 GLY A O   1 
ATOM   977  N N   . GLU A 1 128 ? 16.943  -7.802  -7.574  1.00 64.17 ? 140 GLU A N   1 
ATOM   978  C CA  . GLU A 1 128 ? 17.371  -8.823  -6.613  1.00 67.32 ? 140 GLU A CA  1 
ATOM   979  C C   . GLU A 1 128 ? 18.785  -9.297  -6.954  1.00 69.14 ? 140 GLU A C   1 
ATOM   980  O O   . GLU A 1 128 ? 19.777  -8.961  -6.292  1.00 70.10 ? 140 GLU A O   1 
ATOM   981  C CB  . GLU A 1 128 ? 16.403  -10.025 -6.621  1.00 66.63 ? 140 GLU A CB  1 
ATOM   982  C CG  . GLU A 1 128 ? 16.703  -11.086 -5.561  1.00 66.54 ? 140 GLU A CG  1 
ATOM   983  C CD  . GLU A 1 128 ? 15.459  -11.810 -5.065  1.00 66.60 ? 140 GLU A CD  1 
ATOM   984  O OE1 . GLU A 1 128 ? 15.309  -11.966 -3.832  1.00 63.71 ? 140 GLU A OE1 1 
ATOM   985  O OE2 . GLU A 1 128 ? 14.625  -12.215 -5.905  1.00 66.82 ? 140 GLU A OE2 1 
ATOM   986  O OXT . GLU A 1 128 ? 18.959  -10.030 -7.922  1.00 68.06 ? 140 GLU A OXT 1 
HETATM 987  C CAW . 5B8 B 2 .   ? -0.736  -0.845  10.582  1.00 40.38 ? 201 5B8 A CAW 1 
HETATM 988  C CAO . 5B8 B 2 .   ? -1.617  0.330   11.017  1.00 40.00 ? 201 5B8 A CAO 1 
HETATM 989  C CAN . 5B8 B 2 .   ? -2.007  1.079   9.758   1.00 40.34 ? 201 5B8 A CAN 1 
HETATM 990  C CAP . 5B8 B 2 .   ? -0.776  1.738   9.156   1.00 39.44 ? 201 5B8 A CAP 1 
HETATM 991  C CAX . 5B8 B 2 .   ? 0.342   0.719   8.915   1.00 39.24 ? 201 5B8 A CAX 1 
HETATM 992  C CBS . 5B8 B 2 .   ? 0.603   -0.145  10.158  1.00 39.66 ? 201 5B8 A CBS 1 
HETATM 993  C CBU . 5B8 B 2 .   ? 1.792   -1.127  9.898   1.00 38.58 ? 201 5B8 A CBU 1 
HETATM 994  C CBQ . 5B8 B 2 .   ? 2.054   -2.014  11.141  1.00 41.06 ? 201 5B8 A CBQ 1 
HETATM 995  C CAC . 5B8 B 2 .   ? 3.396   -2.730  11.027  1.00 41.38 ? 201 5B8 A CAC 1 
HETATM 996  O OAF . 5B8 B 2 .   ? 2.096   -1.208  12.323  1.00 44.60 ? 201 5B8 A OAF 1 
HETATM 997  C CBK . 5B8 B 2 .   ? 1.572   -2.025  8.640   1.00 36.47 ? 201 5B8 A CBK 1 
HETATM 998  O OAE . 5B8 B 2 .   ? 0.550   -2.723  8.575   1.00 33.95 ? 201 5B8 A OAE 1 
HETATM 999  N N   . 5B8 B 2 .   ? 2.511   -2.017  7.638   1.00 34.72 ? 201 5B8 A N   1 
HETATM 1000 C CBA . 5B8 B 2 .   ? 3.809   -1.234  7.664   1.00 33.04 ? 201 5B8 A CBA 1 
HETATM 1001 C CAR . 5B8 B 2 .   ? 4.232   -0.668  6.361   1.00 32.59 ? 201 5B8 A CAR 1 
HETATM 1002 C CAQ . 5B8 B 2 .   ? 4.181   -1.802  5.360   1.00 33.22 ? 201 5B8 A CAQ 1 
HETATM 1003 C CB  . 5B8 B 2 .   ? 2.761   -2.302  5.175   1.00 33.42 ? 201 5B8 A CB  1 
HETATM 1004 C CA  . 5B8 B 2 .   ? 2.254   -2.925  6.472   1.00 35.31 ? 201 5B8 A CA  1 
HETATM 1005 C C   . 5B8 B 2 .   ? 2.836   -4.205  6.695   1.00 37.97 ? 201 5B8 A C   1 
HETATM 1006 O O   . 5B8 B 2 .   ? 2.444   -5.204  6.081   1.00 38.72 ? 201 5B8 A O   1 
HETATM 1007 O OBI . 5B8 B 2 .   ? 3.842   -4.233  7.626   1.00 37.88 ? 201 5B8 A OBI 1 
HETATM 1008 C CBR . 5B8 B 2 .   ? 4.441   -5.516  7.918   1.00 38.94 ? 201 5B8 A CBR 1 
HETATM 1009 C CAZ . 5B8 B 2 .   ? 3.575   -6.190  8.974   1.00 37.63 ? 201 5B8 A CAZ 1 
HETATM 1010 C CAV . 5B8 B 2 .   ? 3.899   -7.654  9.125   1.00 37.18 ? 201 5B8 A CAV 1 
HETATM 1011 C CBL . 5B8 B 2 .   ? 3.351   -8.498  8.115   1.00 36.42 ? 201 5B8 A CBL 1 
HETATM 1012 C CAM . 5B8 B 2 .   ? 1.988   -8.849  8.036   1.00 35.44 ? 201 5B8 A CAM 1 
HETATM 1013 C CAJ . 5B8 B 2 .   ? 4.242   -9.053  7.201   1.00 35.49 ? 201 5B8 A CAJ 1 
HETATM 1014 C CAK . 5B8 B 2 .   ? 3.799   -9.902  6.205   1.00 36.77 ? 201 5B8 A CAK 1 
HETATM 1015 C CBO . 5B8 B 2 .   ? 2.453   -10.237 6.105   1.00 37.93 ? 201 5B8 A CBO 1 
HETATM 1016 O OBE . 5B8 B 2 .   ? 2.072   -11.104 5.107   1.00 41.27 ? 201 5B8 A OBE 1 
HETATM 1017 C CAA . 5B8 B 2 .   ? 0.766   -11.110 4.506   1.00 42.79 ? 201 5B8 A CAA 1 
HETATM 1018 C CBP . 5B8 B 2 .   ? 1.536   -9.721  7.031   1.00 36.17 ? 201 5B8 A CBP 1 
HETATM 1019 O OBF . 5B8 B 2 .   ? 0.235   -10.097 6.859   1.00 36.99 ? 201 5B8 A OBF 1 
HETATM 1020 C CAB . 5B8 B 2 .   ? -0.579  -10.247 8.035   1.00 36.87 ? 201 5B8 A CAB 1 
HETATM 1021 C CBN . 5B8 B 2 .   ? 5.758   -5.193  8.295   1.00 39.14 ? 201 5B8 A CBN 1 
HETATM 1022 C CAL . 5B8 B 2 .   ? 6.795   -5.626  7.490   1.00 40.86 ? 201 5B8 A CAL 1 
HETATM 1023 C CAI . 5B8 B 2 .   ? 6.067   -4.383  9.386   1.00 39.19 ? 201 5B8 A CAI 1 
HETATM 1024 C CAG . 5B8 B 2 .   ? 7.392   -4.064  9.689   1.00 40.66 ? 201 5B8 A CAG 1 
HETATM 1025 C CAH . 5B8 B 2 .   ? 8.429   -4.534  8.880   1.00 42.07 ? 201 5B8 A CAH 1 
HETATM 1026 C CBM . 5B8 B 2 .   ? 8.112   -5.314  7.770   1.00 42.38 ? 201 5B8 A CBM 1 
HETATM 1027 O OBH . 5B8 B 2 .   ? 9.032   -5.846  6.925   1.00 52.25 ? 201 5B8 A OBH 1 
HETATM 1028 C CAU . 5B8 B 2 .   ? 10.213  -5.128  6.682   1.00 56.07 ? 201 5B8 A CAU 1 
HETATM 1029 C CBD . 5B8 B 2 .   ? 10.727  -5.674  5.357   1.00 58.40 ? 201 5B8 A CBD 1 
HETATM 1030 N NBV . 5B8 B 2 .   ? 11.738  -6.758  5.518   1.00 60.28 ? 201 5B8 A NBV 1 
HETATM 1031 C CBB . 5B8 B 2 .   ? 11.296  -7.884  6.366   1.00 60.76 ? 201 5B8 A CBB 1 
HETATM 1032 C CAS . 5B8 B 2 .   ? 12.419  -8.902  6.567   1.00 62.68 ? 201 5B8 A CAS 1 
HETATM 1033 O OBG . 5B8 B 2 .   ? 13.617  -8.215  7.025   1.00 63.24 ? 201 5B8 A OBG 1 
HETATM 1034 C CAT . 5B8 B 2 .   ? 14.109  -7.369  6.013   1.00 63.12 ? 201 5B8 A CAT 1 
HETATM 1035 C CBC . 5B8 B 2 .   ? 13.063  -6.249  5.931   1.00 61.93 ? 201 5B8 A CBC 1 
HETATM 1036 O O   . HOH C 3 .   ? -13.197 -3.654  7.017   1.00 38.90 ? 301 HOH A O   1 
HETATM 1037 O O   . HOH C 3 .   ? 9.177   4.113   -13.120 1.00 27.73 ? 302 HOH A O   1 
HETATM 1038 O O   . HOH C 3 .   ? 7.127   -8.796  -0.126  1.00 21.75 ? 303 HOH A O   1 
HETATM 1039 O O   . HOH C 3 .   ? 15.466  -7.595  -2.806  1.00 41.45 ? 304 HOH A O   1 
HETATM 1040 O O   . HOH C 3 .   ? 1.327   13.664  2.433   1.00 29.34 ? 305 HOH A O   1 
HETATM 1041 O O   . HOH C 3 .   ? 4.985   8.098   -16.067 1.00 42.58 ? 306 HOH A O   1 
HETATM 1042 O O   . HOH C 3 .   ? 2.151   -10.217 0.688   1.00 30.04 ? 307 HOH A O   1 
HETATM 1043 O O   . HOH C 3 .   ? 4.324   7.068   12.862  1.00 46.45 ? 308 HOH A O   1 
HETATM 1044 O O   . HOH C 3 .   ? 13.885  -8.596  -9.110  1.00 39.75 ? 309 HOH A O   1 
HETATM 1045 O O   . HOH C 3 .   ? -13.825 2.750   -6.914  1.00 33.51 ? 310 HOH A O   1 
HETATM 1046 O O   . HOH C 3 .   ? 13.649  -4.016  -11.896 1.00 43.72 ? 311 HOH A O   1 
HETATM 1047 O O   . HOH C 3 .   ? -7.038  -13.692 10.040  1.00 45.58 ? 312 HOH A O   1 
HETATM 1048 O O   . HOH C 3 .   ? -6.724  -5.779  8.206   1.00 29.10 ? 313 HOH A O   1 
HETATM 1049 O O   . HOH C 3 .   ? -0.425  -5.881  -8.959  1.00 25.91 ? 314 HOH A O   1 
HETATM 1050 O O   . HOH C 3 .   ? 10.596  3.712   -17.553 1.00 51.98 ? 315 HOH A O   1 
HETATM 1051 O O   . HOH C 3 .   ? -4.350  -9.446  -7.270  1.00 38.36 ? 316 HOH A O   1 
HETATM 1052 O O   . HOH C 3 .   ? -14.489 11.463  -4.279  1.00 44.51 ? 317 HOH A O   1 
HETATM 1053 O O   . HOH C 3 .   ? 2.661   7.158   -12.213 1.00 26.82 ? 318 HOH A O   1 
HETATM 1054 O O   . HOH C 3 .   ? -14.208 -4.376  -9.055  1.00 40.16 ? 319 HOH A O   1 
HETATM 1055 O O   . HOH C 3 .   ? 1.586   3.330   -12.425 1.00 27.33 ? 320 HOH A O   1 
HETATM 1056 O O   . HOH C 3 .   ? 4.877   17.626  -2.405  1.00 31.05 ? 321 HOH A O   1 
HETATM 1057 O O   . HOH C 3 .   ? -16.602 -2.405  -2.548  1.00 53.87 ? 322 HOH A O   1 
HETATM 1058 O O   . HOH C 3 .   ? -7.759  -6.985  10.497  1.00 34.51 ? 323 HOH A O   1 
HETATM 1059 O O   . HOH C 3 .   ? -3.588  -11.731 9.543   1.00 48.32 ? 324 HOH A O   1 
HETATM 1060 O O   . HOH C 3 .   ? -8.795  6.239   -10.649 1.00 38.99 ? 325 HOH A O   1 
HETATM 1061 O O   . HOH C 3 .   ? -14.246 -1.528  -9.258  1.00 43.50 ? 326 HOH A O   1 
HETATM 1062 O O   . HOH C 3 .   ? 2.915   -11.521 -2.701  1.00 35.87 ? 327 HOH A O   1 
HETATM 1063 O O   . HOH C 3 .   ? -19.203 11.634  -3.090  1.00 38.63 ? 328 HOH A O   1 
HETATM 1064 O O   . HOH C 3 .   ? 6.936   11.864  -5.541  1.00 33.55 ? 329 HOH A O   1 
HETATM 1065 O O   . HOH C 3 .   ? -10.160 8.816   7.745   1.00 50.59 ? 330 HOH A O   1 
HETATM 1066 O O   . HOH C 3 .   ? 11.305  -2.929  -13.732 1.00 35.49 ? 331 HOH A O   1 
HETATM 1067 O O   . HOH C 3 .   ? -9.173  -13.575 7.525   1.00 51.87 ? 332 HOH A O   1 
HETATM 1068 O O   . HOH C 3 .   ? -7.684  9.826   -1.742  1.00 35.33 ? 333 HOH A O   1 
HETATM 1069 O O   . HOH C 3 .   ? 3.472   11.609  12.238  1.00 48.98 ? 334 HOH A O   1 
HETATM 1070 O O   . HOH C 3 .   ? -14.257 -7.172  3.652   1.00 48.02 ? 335 HOH A O   1 
HETATM 1071 O O   . HOH C 3 .   ? -4.489  7.820   14.465  1.00 50.74 ? 336 HOH A O   1 
HETATM 1072 O O   . HOH C 3 .   ? -2.197  -9.972  3.732   1.00 27.67 ? 337 HOH A O   1 
HETATM 1073 O O   . HOH C 3 .   ? -11.560 -0.174  9.879   1.00 39.33 ? 338 HOH A O   1 
HETATM 1074 O O   . HOH C 3 .   ? -11.862 -8.621  -0.054  1.00 49.71 ? 339 HOH A O   1 
HETATM 1075 O O   . HOH C 3 .   ? -16.206 -6.307  -6.978  1.00 49.86 ? 340 HOH A O   1 
HETATM 1076 O O   . HOH C 3 .   ? 3.613   9.653   2.290   1.00 40.01 ? 341 HOH A O   1 
HETATM 1077 O O   . HOH C 3 .   ? -2.049  13.370  -10.478 1.00 46.82 ? 342 HOH A O   1 
HETATM 1078 O O   . HOH C 3 .   ? 12.640  -2.550  6.693   1.00 43.90 ? 343 HOH A O   1 
HETATM 1079 O O   . HOH C 3 .   ? 7.595   12.287  -14.551 1.00 38.45 ? 344 HOH A O   1 
HETATM 1080 O O   . HOH C 3 .   ? 0.725   14.176  -11.257 1.00 42.38 ? 345 HOH A O   1 
HETATM 1081 O O   . HOH C 3 .   ? 13.988  -15.047 -2.704  1.00 45.14 ? 346 HOH A O   1 
HETATM 1082 O O   . HOH C 3 .   ? 22.748  0.051   -5.225  1.00 42.13 ? 347 HOH A O   1 
HETATM 1083 O O   . HOH C 3 .   ? 18.711  -1.893  -10.180 1.00 50.86 ? 348 HOH A O   1 
HETATM 1084 O O   . HOH C 3 .   ? -5.893  -12.409 6.153   1.00 51.74 ? 349 HOH A O   1 
HETATM 1085 O O   . HOH C 3 .   ? 14.483  9.450   4.852   1.00 45.11 ? 350 HOH A O   1 
HETATM 1086 O O   . HOH C 3 .   ? 6.979   7.265   -20.483 1.00 53.80 ? 351 HOH A O   1 
HETATM 1087 O O   . HOH C 3 .   ? 23.325  -9.669  -6.289  1.00 47.24 ? 352 HOH A O   1 
HETATM 1088 O O   . HOH C 3 .   ? -7.160  -12.712 -0.950  1.00 52.88 ? 353 HOH A O   1 
HETATM 1089 O O   . HOH C 3 .   ? 0.993   -3.650  -13.086 1.00 39.30 ? 354 HOH A O   1 
HETATM 1090 O O   . HOH C 3 .   ? -4.543  -8.920  -12.545 1.00 50.55 ? 355 HOH A O   1 
# 
